data_2RJH
#
_entry.id   2RJH
#
_cell.length_a   147.713
_cell.length_b   147.713
_cell.length_c   163.724
_cell.angle_alpha   90.000
_cell.angle_beta   90.000
_cell.angle_gamma   120.000
#
_symmetry.space_group_name_H-M   'P 6'
#
loop_
_entity.id
_entity.type
_entity.pdbx_description
1 polymer 'Alanine racemase'
2 non-polymer 'SULFATE ION'
3 non-polymer D-[3-HYDROXY-2-METHYL-5-PHOSPHONOOXYMETHYL-PYRIDIN-4-YLMETHYL]-N,O-CYCLOSERYLAMIDE
4 water water
#
_entity_poly.entity_id   1
_entity_poly.type   'polypeptide(L)'
_entity_poly.pdbx_seq_one_letter_code
;MGSSHHHHHHSSGLVPRGSHMQAATVVINRRALRHNLQRLRELAPASKMVAVVKANAYGHGLLETARTLPDADAFGVARL
EEALRLRAGGITKPVLLLEGFFDARDLPTISAQHFHTAVHNEEQLAALEEASLDEPVTVWM(KCX)LDTGMHRLGVRPEQ
AEAFYHRLTQCKNVRQPVNIVSHFARADEPKCGATEKQLAIFNTFCEGKPGQRSIAASGGILLWPQSHFDWVRPGIILYG
VSPLEDRSTGADFGCQPVMSLTSSLIAVREHKAGEPVGYGGTWVSERDTRLGVVAMGYGDGYPRAAPSGTPVLVNGREVP
IVGRVAMDMICVDLGPQAQDKAGDPVILWGEGLPVERIAEMTKVSAYELITRLTSRVAMKYVD
;
_entity_poly.pdbx_strand_id   A,B,C,D
#
# COMPACT_ATOMS: atom_id res chain seq x y z
N MET A 21 54.04 -7.23 -2.76
CA MET A 21 53.24 -8.40 -2.49
C MET A 21 51.81 -8.22 -3.01
N GLN A 22 50.82 -8.17 -2.14
CA GLN A 22 49.48 -7.80 -2.58
C GLN A 22 49.22 -6.38 -2.03
N ALA A 23 48.76 -5.45 -2.87
CA ALA A 23 48.49 -4.10 -2.39
C ALA A 23 47.00 -3.85 -2.32
N ALA A 24 46.63 -2.57 -2.26
CA ALA A 24 45.24 -2.11 -2.16
C ALA A 24 44.28 -2.99 -2.95
N THR A 25 43.50 -3.78 -2.21
CA THR A 25 42.53 -4.69 -2.79
C THR A 25 41.19 -4.61 -2.07
N VAL A 26 40.11 -4.47 -2.84
CA VAL A 26 38.77 -4.44 -2.28
C VAL A 26 38.20 -5.85 -2.50
N VAL A 27 37.89 -6.55 -1.42
CA VAL A 27 37.33 -7.89 -1.53
C VAL A 27 35.83 -7.84 -1.33
N ILE A 28 35.07 -8.34 -2.31
CA ILE A 28 33.61 -8.28 -2.26
C ILE A 28 33.04 -9.68 -2.03
N ASN A 29 32.27 -9.79 -0.96
CA ASN A 29 31.66 -11.04 -0.58
C ASN A 29 30.31 -11.16 -1.25
N ARG A 30 30.23 -12.04 -2.25
CA ARG A 30 28.99 -12.24 -3.01
C ARG A 30 27.90 -12.92 -2.19
N ARG A 31 28.29 -13.74 -1.21
CA ARG A 31 27.33 -14.44 -0.38
C ARG A 31 26.62 -13.46 0.56
N ALA A 32 27.39 -12.52 1.10
CA ALA A 32 26.84 -11.52 2.01
C ALA A 32 25.83 -10.67 1.25
N LEU A 33 26.18 -10.31 0.03
CA LEU A 33 25.33 -9.50 -0.84
C LEU A 33 23.97 -10.17 -1.07
N ARG A 34 23.98 -11.45 -1.44
CA ARG A 34 22.72 -12.18 -1.66
C ARG A 34 21.93 -12.31 -0.37
N HIS A 35 22.64 -12.52 0.73
CA HIS A 35 22.00 -12.66 2.01
C HIS A 35 21.24 -11.39 2.40
N ASN A 36 21.87 -10.23 2.16
CA ASN A 36 21.26 -8.95 2.48
C ASN A 36 20.00 -8.62 1.68
N LEU A 37 19.99 -8.98 0.42
CA LEU A 37 18.85 -8.85 -0.41
C LEU A 37 17.64 -9.65 0.04
N GLN A 38 17.90 -10.85 0.49
CA GLN A 38 16.87 -11.74 1.03
C GLN A 38 16.45 -11.27 2.42
N ARG A 39 17.43 -10.84 3.21
CA ARG A 39 17.17 -10.32 4.56
C ARG A 39 16.26 -9.10 4.51
N LEU A 40 16.49 -8.21 3.55
CA LEU A 40 15.67 -7.05 3.29
C LEU A 40 14.28 -7.36 2.78
N ARG A 41 14.11 -8.47 2.08
CA ARG A 41 12.78 -8.88 1.65
C ARG A 41 11.98 -9.31 2.88
N GLU A 42 12.68 -9.83 3.88
CA GLU A 42 12.03 -10.26 5.12
C GLU A 42 11.56 -9.06 5.94
N LEU A 43 12.28 -7.95 5.83
CA LEU A 43 11.91 -6.74 6.55
C LEU A 43 10.79 -5.96 5.82
N ALA A 44 10.77 -6.05 4.50
CA ALA A 44 9.73 -5.40 3.67
C ALA A 44 9.18 -6.52 2.76
N PRO A 45 8.47 -7.49 3.37
CA PRO A 45 7.88 -8.65 2.67
C PRO A 45 6.82 -8.38 1.59
N ALA A 46 6.28 -7.17 1.54
CA ALA A 46 5.26 -6.86 0.54
C ALA A 46 5.74 -5.81 -0.45
N SER A 47 7.05 -5.62 -0.54
CA SER A 47 7.60 -4.60 -1.43
C SER A 47 8.63 -5.16 -2.40
N LYS A 48 8.64 -4.65 -3.62
CA LYS A 48 9.63 -5.11 -4.59
C LYS A 48 10.93 -4.36 -4.31
N MET A 49 12.03 -4.90 -4.82
CA MET A 49 13.34 -4.33 -4.57
C MET A 49 14.04 -3.65 -5.74
N VAL A 50 14.48 -2.43 -5.51
CA VAL A 50 15.27 -1.69 -6.47
C VAL A 50 16.66 -1.71 -5.83
N ALA A 51 17.53 -2.59 -6.32
CA ALA A 51 18.88 -2.66 -5.78
C ALA A 51 19.62 -1.44 -6.32
N VAL A 52 19.94 -0.51 -5.43
CA VAL A 52 20.64 0.72 -5.82
C VAL A 52 22.13 0.44 -5.97
N VAL A 53 22.59 0.46 -7.23
CA VAL A 53 23.96 0.15 -7.56
C VAL A 53 24.76 1.32 -8.18
N LYS A 54 24.30 2.54 -7.97
CA LYS A 54 24.97 3.73 -8.50
C LYS A 54 26.32 3.97 -7.83
N ALA A 55 27.16 4.79 -8.47
CA ALA A 55 28.50 5.12 -7.96
C ALA A 55 29.34 3.86 -7.81
N ASN A 56 29.38 3.06 -8.88
CA ASN A 56 30.12 1.81 -8.93
C ASN A 56 29.65 0.89 -7.80
N ALA A 57 28.33 0.86 -7.62
CA ALA A 57 27.71 0.04 -6.58
C ALA A 57 28.27 0.37 -5.20
N TYR A 58 28.35 1.67 -4.91
CA TYR A 58 28.87 2.16 -3.63
C TYR A 58 30.29 1.65 -3.38
N GLY A 59 31.05 1.49 -4.46
CA GLY A 59 32.43 1.03 -4.36
C GLY A 59 32.64 -0.46 -4.48
N HIS A 60 31.55 -1.21 -4.62
CA HIS A 60 31.65 -2.66 -4.70
C HIS A 60 31.67 -3.19 -6.13
N GLY A 61 31.48 -2.30 -7.12
CA GLY A 61 31.49 -2.73 -8.51
C GLY A 61 30.12 -2.79 -9.12
N LEU A 62 29.81 -1.84 -9.99
CA LEU A 62 28.52 -1.73 -10.66
C LEU A 62 28.00 -3.02 -11.31
N LEU A 63 28.73 -3.54 -12.29
CA LEU A 63 28.31 -4.75 -13.00
C LEU A 63 28.36 -6.04 -12.15
N GLU A 64 29.42 -6.21 -11.37
CA GLU A 64 29.49 -7.41 -10.54
C GLU A 64 28.42 -7.45 -9.46
N THR A 65 28.08 -6.31 -8.87
CA THR A 65 27.03 -6.28 -7.85
C THR A 65 25.70 -6.68 -8.48
N ALA A 66 25.49 -6.26 -9.73
CA ALA A 66 24.25 -6.57 -10.45
C ALA A 66 24.22 -8.04 -10.85
N ARG A 67 25.37 -8.58 -11.27
CA ARG A 67 25.45 -9.98 -11.66
C ARG A 67 25.16 -10.91 -10.47
N THR A 68 25.50 -10.43 -9.29
CA THR A 68 25.36 -11.09 -8.03
C THR A 68 23.93 -11.20 -7.55
N LEU A 69 23.14 -10.30 -8.03
CA LEU A 69 21.77 -10.11 -7.54
C LEU A 69 20.68 -10.19 -8.63
N PRO A 70 20.59 -11.32 -9.33
CA PRO A 70 19.57 -11.47 -10.38
C PRO A 70 18.14 -11.53 -9.84
N ASP A 71 18.02 -11.63 -8.52
CA ASP A 71 16.72 -11.69 -7.88
C ASP A 71 16.11 -10.31 -7.67
N ALA A 72 16.90 -9.27 -7.85
CA ALA A 72 16.42 -7.90 -7.67
C ALA A 72 15.29 -7.65 -8.68
N ASP A 73 14.30 -6.88 -8.27
CA ASP A 73 13.20 -6.56 -9.16
C ASP A 73 13.62 -5.51 -10.17
N ALA A 74 14.63 -4.71 -9.82
CA ALA A 74 15.16 -3.65 -10.69
C ALA A 74 16.47 -3.17 -10.09
N PHE A 75 17.22 -2.41 -10.88
CA PHE A 75 18.49 -1.83 -10.42
C PHE A 75 18.38 -0.32 -10.55
N GLY A 76 18.85 0.40 -9.54
CA GLY A 76 18.78 1.86 -9.59
C GLY A 76 20.14 2.52 -9.80
N VAL A 77 20.19 3.50 -10.70
CA VAL A 77 21.43 4.23 -10.97
C VAL A 77 21.16 5.73 -10.92
N ALA A 78 22.22 6.51 -10.83
CA ALA A 78 22.14 7.96 -10.78
C ALA A 78 22.07 8.56 -12.18
N ARG A 79 22.73 7.95 -13.12
CA ARG A 79 23.04 8.58 -14.36
C ARG A 79 22.75 7.55 -15.45
N LEU A 80 22.50 7.99 -16.66
CA LEU A 80 22.19 7.16 -17.79
C LEU A 80 23.28 6.28 -18.24
N GLU A 81 24.48 6.85 -18.22
CA GLU A 81 25.71 6.16 -18.37
C GLU A 81 25.85 4.83 -17.63
N GLU A 82 25.49 4.80 -16.38
CA GLU A 82 25.57 3.66 -15.46
C GLU A 82 24.60 2.60 -15.93
N ALA A 83 23.42 3.03 -16.38
CA ALA A 83 22.39 2.13 -16.85
C ALA A 83 22.85 1.41 -18.13
N LEU A 84 23.55 2.15 -18.99
CA LEU A 84 24.05 1.60 -20.23
C LEU A 84 25.20 0.63 -20.01
N ARG A 85 26.00 0.85 -18.96
CA ARG A 85 27.09 -0.08 -18.66
C ARG A 85 26.48 -1.41 -18.21
N LEU A 86 25.35 -1.33 -17.50
CA LEU A 86 24.66 -2.52 -17.06
C LEU A 86 24.21 -3.32 -18.27
N ARG A 87 23.56 -2.65 -19.22
CA ARG A 87 23.10 -3.31 -20.44
C ARG A 87 24.29 -3.87 -21.23
N ALA A 88 25.35 -3.08 -21.30
CA ALA A 88 26.54 -3.48 -22.01
C ALA A 88 27.17 -4.73 -21.39
N GLY A 89 27.02 -4.88 -20.08
CA GLY A 89 27.56 -6.03 -19.38
C GLY A 89 26.64 -7.25 -19.39
N GLY A 90 25.45 -7.11 -19.97
CA GLY A 90 24.55 -8.24 -20.01
C GLY A 90 23.38 -8.23 -19.05
N ILE A 91 23.26 -7.23 -18.21
CA ILE A 91 22.10 -7.08 -17.33
C ILE A 91 20.85 -6.84 -18.14
N THR A 92 19.79 -7.55 -17.87
CA THR A 92 18.59 -7.42 -18.67
C THR A 92 17.45 -6.89 -17.86
N LYS A 93 17.61 -6.98 -16.56
CA LYS A 93 16.62 -6.57 -15.59
C LYS A 93 16.33 -5.06 -15.72
N PRO A 94 15.11 -4.62 -15.34
CA PRO A 94 14.78 -3.20 -15.44
C PRO A 94 15.76 -2.30 -14.68
N VAL A 95 16.12 -1.18 -15.28
CA VAL A 95 17.01 -0.23 -14.63
C VAL A 95 16.25 1.09 -14.43
N LEU A 96 16.24 1.58 -13.19
CA LEU A 96 15.58 2.83 -12.85
C LEU A 96 16.54 4.01 -12.78
N LEU A 97 16.27 5.02 -13.59
CA LEU A 97 17.08 6.23 -13.63
C LEU A 97 16.55 7.16 -12.54
N LEU A 98 17.12 7.07 -11.35
CA LEU A 98 16.69 7.87 -10.19
C LEU A 98 16.66 9.39 -10.43
N GLU A 99 17.50 9.89 -11.33
CA GLU A 99 17.56 11.33 -11.61
C GLU A 99 16.93 11.66 -12.96
N GLY A 100 16.39 10.66 -13.63
CA GLY A 100 15.79 10.87 -14.93
C GLY A 100 16.86 11.07 -15.99
N PHE A 101 16.48 11.64 -17.12
CA PHE A 101 17.40 11.86 -18.22
C PHE A 101 17.76 13.35 -18.33
N PHE A 102 18.98 13.62 -18.76
CA PHE A 102 19.48 14.98 -18.86
C PHE A 102 19.36 15.58 -20.27
N ASP A 103 19.08 14.74 -21.27
CA ASP A 103 18.97 15.20 -22.65
C ASP A 103 17.77 14.57 -23.34
N ALA A 104 16.91 15.39 -23.94
CA ALA A 104 15.71 14.89 -24.63
C ALA A 104 16.05 13.89 -25.75
N ARG A 105 17.26 14.00 -26.30
CA ARG A 105 17.71 13.11 -27.36
C ARG A 105 18.05 11.71 -26.87
N ASP A 106 17.98 11.49 -25.56
CA ASP A 106 18.29 10.20 -24.99
C ASP A 106 17.04 9.32 -24.81
N LEU A 107 15.87 9.88 -25.06
CA LEU A 107 14.62 9.14 -24.92
C LEU A 107 14.50 7.92 -25.84
N PRO A 108 15.00 8.02 -27.08
CA PRO A 108 14.88 6.85 -27.97
C PRO A 108 15.68 5.66 -27.41
N THR A 109 16.81 5.98 -26.83
CA THR A 109 17.64 5.01 -26.17
C THR A 109 16.98 4.39 -24.94
N ILE A 110 16.47 5.27 -24.14
CA ILE A 110 15.83 4.84 -22.90
C ILE A 110 14.64 3.94 -23.19
N SER A 111 13.90 4.27 -24.26
CA SER A 111 12.75 3.49 -24.68
C SER A 111 13.16 2.09 -25.16
N ALA A 112 14.18 2.05 -26.02
CA ALA A 112 14.69 0.80 -26.58
C ALA A 112 15.43 -0.09 -25.56
N GLN A 113 16.05 0.53 -24.55
CA GLN A 113 16.77 -0.20 -23.51
C GLN A 113 15.85 -0.63 -22.37
N HIS A 114 14.61 -0.16 -22.43
CA HIS A 114 13.61 -0.46 -21.42
C HIS A 114 14.06 0.01 -20.04
N PHE A 115 14.52 1.26 -19.99
CA PHE A 115 14.95 1.88 -18.74
C PHE A 115 13.74 2.61 -18.17
N HIS A 116 13.55 2.52 -16.85
CA HIS A 116 12.44 3.23 -16.22
C HIS A 116 13.06 4.55 -15.83
N THR A 117 12.31 5.64 -15.93
CA THR A 117 12.90 6.91 -15.60
C THR A 117 12.05 7.77 -14.66
N ALA A 118 12.75 8.56 -13.86
CA ALA A 118 12.10 9.49 -12.96
C ALA A 118 11.85 10.69 -13.87
N VAL A 119 10.90 11.54 -13.49
CA VAL A 119 10.60 12.73 -14.26
C VAL A 119 10.37 13.80 -13.19
N HIS A 120 11.27 14.77 -13.11
CA HIS A 120 11.17 15.81 -12.09
C HIS A 120 11.05 17.25 -12.61
N ASN A 121 11.31 17.49 -13.89
CA ASN A 121 11.22 18.85 -14.39
C ASN A 121 10.48 19.01 -15.71
N GLU A 122 10.19 20.26 -16.07
CA GLU A 122 9.47 20.62 -17.29
C GLU A 122 10.17 20.10 -18.55
N GLU A 123 11.50 20.17 -18.56
CA GLU A 123 12.28 19.71 -19.70
C GLU A 123 11.99 18.27 -20.05
N GLN A 124 12.00 17.40 -19.05
CA GLN A 124 11.74 15.98 -19.25
C GLN A 124 10.31 15.72 -19.69
N LEU A 125 9.36 16.37 -19.03
CA LEU A 125 7.95 16.19 -19.36
C LEU A 125 7.64 16.65 -20.81
N ALA A 126 8.03 17.84 -21.15
CA ALA A 126 7.89 18.33 -22.48
C ALA A 126 8.60 17.50 -23.55
N ALA A 127 9.79 17.07 -23.23
CA ALA A 127 10.43 16.07 -23.99
C ALA A 127 9.62 14.80 -24.33
N LEU A 128 8.97 14.22 -23.33
CA LEU A 128 8.14 13.06 -23.46
C LEU A 128 6.87 13.25 -24.25
N GLU A 129 6.30 14.42 -24.12
CA GLU A 129 5.16 14.91 -24.84
C GLU A 129 5.37 15.10 -26.32
N GLU A 130 6.54 15.56 -26.74
CA GLU A 130 6.75 15.73 -28.17
C GLU A 130 7.68 14.77 -28.89
N ALA A 131 8.28 13.85 -28.15
CA ALA A 131 9.16 12.88 -28.76
C ALA A 131 8.29 11.87 -29.53
N SER A 132 8.92 11.11 -30.41
CA SER A 132 8.21 10.08 -31.16
C SER A 132 9.03 8.80 -30.91
N LEU A 133 8.47 7.91 -30.10
CA LEU A 133 9.15 6.68 -29.74
C LEU A 133 8.45 5.42 -30.25
N ASP A 134 9.23 4.39 -30.55
CA ASP A 134 8.66 3.15 -31.05
C ASP A 134 8.00 2.38 -29.91
N GLU A 135 8.28 2.81 -28.68
CA GLU A 135 7.71 2.18 -27.50
C GLU A 135 7.56 3.18 -26.36
N PRO A 136 6.46 3.10 -25.60
CA PRO A 136 6.30 4.02 -24.48
C PRO A 136 7.25 3.63 -23.35
N VAL A 137 7.53 4.53 -22.44
CA VAL A 137 8.54 4.38 -21.43
C VAL A 137 7.87 4.42 -20.02
N THR A 138 8.13 3.43 -19.19
CA THR A 138 7.67 3.50 -17.84
C THR A 138 8.27 4.67 -17.06
N VAL A 139 7.41 5.43 -16.42
CA VAL A 139 7.89 6.59 -15.69
C VAL A 139 7.56 6.60 -14.19
N TRP A 140 8.44 7.22 -13.41
CA TRP A 140 8.24 7.39 -11.98
C TRP A 140 8.31 8.91 -11.74
N MET A 141 7.16 9.55 -11.55
CA MET A 141 7.12 10.97 -11.30
C MET A 141 7.74 11.24 -9.93
N LEU A 143 8.27 13.38 -6.79
CA LEU A 143 7.61 14.37 -5.99
C LEU A 143 8.58 14.92 -4.93
N ASP A 144 8.61 16.23 -4.78
CA ASP A 144 9.43 16.83 -3.73
C ASP A 144 8.52 16.89 -2.50
N THR A 145 8.79 16.03 -1.52
CA THR A 145 7.99 15.98 -0.30
C THR A 145 8.68 16.63 0.92
N GLY A 146 9.76 17.36 0.71
CA GLY A 146 10.43 18.00 1.83
C GLY A 146 11.94 18.06 1.82
N MET A 147 12.60 17.25 1.01
CA MET A 147 14.05 17.27 0.95
C MET A 147 14.53 18.45 0.10
N HIS A 148 13.69 18.88 -0.83
CA HIS A 148 13.98 19.99 -1.74
C HIS A 148 15.27 19.87 -2.53
N ARG A 149 15.47 18.70 -3.13
CA ARG A 149 16.63 18.47 -3.97
C ARG A 149 16.06 18.36 -5.39
N LEU A 150 15.47 17.22 -5.74
CA LEU A 150 14.83 17.02 -7.04
C LEU A 150 13.34 16.74 -6.83
N GLY A 151 12.55 16.94 -7.87
CA GLY A 151 11.13 16.66 -7.78
C GLY A 151 10.22 17.85 -7.95
N VAL A 152 8.98 17.56 -8.35
CA VAL A 152 7.95 18.58 -8.56
C VAL A 152 7.38 18.95 -7.19
N ARG A 153 7.25 20.25 -6.93
CA ARG A 153 6.71 20.71 -5.65
C ARG A 153 5.19 20.46 -5.62
N PRO A 154 4.63 20.28 -4.42
CA PRO A 154 3.19 20.01 -4.23
C PRO A 154 2.21 20.83 -5.06
N GLU A 155 2.37 22.14 -5.08
CA GLU A 155 1.47 23.00 -5.84
C GLU A 155 1.50 22.83 -7.36
N GLN A 156 2.58 22.25 -7.89
CA GLN A 156 2.71 22.03 -9.33
C GLN A 156 2.55 20.54 -9.71
N ALA A 157 2.55 19.69 -8.71
CA ALA A 157 2.46 18.25 -8.92
C ALA A 157 1.22 17.71 -9.63
N GLU A 158 0.06 18.25 -9.31
CA GLU A 158 -1.17 17.74 -9.88
C GLU A 158 -1.27 17.98 -11.39
N ALA A 159 -0.93 19.19 -11.82
CA ALA A 159 -0.99 19.54 -13.25
C ALA A 159 0.08 18.75 -14.01
N PHE A 160 1.27 18.68 -13.42
CA PHE A 160 2.41 17.96 -13.98
C PHE A 160 2.05 16.48 -14.14
N TYR A 161 1.49 15.90 -13.08
CA TYR A 161 1.08 14.50 -13.09
C TYR A 161 0.07 14.22 -14.17
N HIS A 162 -0.91 15.10 -14.33
CA HIS A 162 -1.93 14.90 -15.35
C HIS A 162 -1.37 14.89 -16.77
N ARG A 163 -0.36 15.72 -17.04
CA ARG A 163 0.24 15.72 -18.36
C ARG A 163 0.90 14.37 -18.68
N LEU A 164 1.60 13.78 -17.71
CA LEU A 164 2.26 12.48 -17.90
C LEU A 164 1.21 11.41 -18.20
N THR A 165 0.04 11.49 -17.55
CA THR A 165 -1.10 10.63 -17.83
C THR A 165 -1.70 10.73 -19.22
N GLN A 166 -1.46 11.85 -19.84
CA GLN A 166 -1.96 12.04 -21.20
C GLN A 166 -0.92 11.78 -22.30
N CYS A 167 0.27 11.35 -21.91
CA CYS A 167 1.36 11.07 -22.84
C CYS A 167 1.23 9.73 -23.52
N LYS A 168 1.32 9.72 -24.85
CA LYS A 168 1.25 8.46 -25.59
C LYS A 168 2.58 7.71 -25.34
N ASN A 169 3.64 8.50 -25.11
CA ASN A 169 4.98 7.96 -24.88
C ASN A 169 5.23 7.48 -23.45
N VAL A 170 4.27 7.72 -22.56
CA VAL A 170 4.43 7.27 -21.19
C VAL A 170 3.52 6.08 -20.99
N ARG A 171 4.13 5.00 -20.51
CA ARG A 171 3.39 3.81 -20.17
C ARG A 171 2.51 4.06 -18.98
N GLN A 172 1.28 3.70 -19.09
CA GLN A 172 0.38 3.89 -17.95
C GLN A 172 0.26 2.64 -17.07
N PRO A 173 0.03 2.83 -15.76
CA PRO A 173 -0.12 4.13 -15.08
C PRO A 173 1.24 4.75 -14.77
N VAL A 174 1.27 6.03 -14.42
CA VAL A 174 2.55 6.63 -14.08
C VAL A 174 2.77 6.32 -12.59
N ASN A 175 4.00 5.97 -12.23
CA ASN A 175 4.33 5.65 -10.86
C ASN A 175 4.78 6.91 -10.11
N ILE A 176 4.85 6.82 -8.78
CA ILE A 176 5.21 7.95 -7.95
C ILE A 176 6.38 7.64 -7.02
N VAL A 177 7.42 8.46 -7.09
CA VAL A 177 8.62 8.27 -6.26
C VAL A 177 9.07 9.55 -5.51
N SER A 178 9.62 9.35 -4.32
CA SER A 178 10.13 10.46 -3.52
C SER A 178 11.27 9.90 -2.66
N HIS A 179 11.91 10.76 -1.88
CA HIS A 179 13.06 10.32 -1.08
C HIS A 179 13.12 11.11 0.24
N PHE A 180 13.52 10.42 1.31
CA PHE A 180 13.62 11.04 2.65
C PHE A 180 14.92 11.82 2.85
N ALA A 181 14.83 12.91 3.60
CA ALA A 181 15.98 13.74 3.87
C ALA A 181 16.56 13.48 5.26
N ARG A 182 15.73 12.94 6.15
CA ARG A 182 16.13 12.69 7.54
C ARG A 182 15.50 11.43 8.16
N ALA A 183 15.42 10.35 7.39
CA ALA A 183 14.84 9.09 7.89
C ALA A 183 15.69 8.48 9.02
N ASP A 184 16.94 8.93 9.14
CA ASP A 184 17.82 8.43 10.18
C ASP A 184 17.66 9.21 11.48
N GLU A 185 16.76 10.20 11.49
CA GLU A 185 16.50 11.01 12.67
C GLU A 185 15.04 10.82 13.06
N PRO A 186 14.74 9.70 13.74
CA PRO A 186 13.38 9.39 14.17
C PRO A 186 12.76 10.38 15.15
N LYS A 187 13.59 11.14 15.86
CA LYS A 187 13.09 12.10 16.83
C LYS A 187 12.47 13.35 16.25
N CYS A 188 12.90 13.78 15.07
CA CYS A 188 12.26 14.97 14.50
C CYS A 188 11.11 14.47 13.61
N GLY A 189 10.12 15.31 13.36
CA GLY A 189 9.01 14.85 12.56
C GLY A 189 9.14 15.06 11.08
N ALA A 190 10.37 15.10 10.57
CA ALA A 190 10.61 15.32 9.16
C ALA A 190 10.03 14.22 8.28
N THR A 191 10.39 12.98 8.60
CA THR A 191 9.92 11.83 7.85
C THR A 191 8.39 11.69 7.84
N GLU A 192 7.74 11.93 8.97
CA GLU A 192 6.28 11.85 9.04
C GLU A 192 5.64 12.91 8.14
N LYS A 193 6.27 14.09 8.06
CA LYS A 193 5.76 15.17 7.21
C LYS A 193 5.87 14.84 5.73
N GLN A 194 6.98 14.20 5.35
CA GLN A 194 7.18 13.79 3.96
C GLN A 194 6.17 12.72 3.61
N LEU A 195 5.87 11.84 4.56
CA LEU A 195 4.89 10.79 4.34
C LEU A 195 3.50 11.41 4.17
N ALA A 196 3.21 12.40 4.99
CA ALA A 196 1.92 13.08 4.92
C ALA A 196 1.73 13.68 3.54
N ILE A 197 2.75 14.37 3.07
CA ILE A 197 2.70 14.98 1.75
C ILE A 197 2.63 13.92 0.65
N PHE A 198 3.41 12.85 0.81
CA PHE A 198 3.44 11.74 -0.14
C PHE A 198 2.06 11.09 -0.24
N ASN A 199 1.49 10.72 0.91
CA ASN A 199 0.19 10.08 0.96
C ASN A 199 -0.95 10.91 0.36
N THR A 200 -0.93 12.21 0.63
CA THR A 200 -1.96 13.11 0.13
C THR A 200 -1.96 13.13 -1.40
N PHE A 201 -0.78 13.18 -2.00
CA PHE A 201 -0.70 13.22 -3.45
C PHE A 201 -1.07 11.89 -4.11
N CYS A 202 -0.73 10.79 -3.46
CA CYS A 202 -1.03 9.48 -4.03
C CYS A 202 -2.48 9.03 -3.89
N GLU A 203 -3.25 9.68 -3.02
CA GLU A 203 -4.66 9.31 -2.83
C GLU A 203 -5.40 9.24 -4.17
N GLY A 204 -6.12 8.15 -4.39
CA GLY A 204 -6.89 8.01 -5.60
C GLY A 204 -6.10 7.75 -6.86
N LYS A 205 -4.78 7.64 -6.75
CA LYS A 205 -3.98 7.39 -7.92
C LYS A 205 -3.52 5.94 -8.03
N PRO A 206 -3.47 5.40 -9.25
CA PRO A 206 -3.03 4.03 -9.47
C PRO A 206 -1.51 4.14 -9.64
N GLY A 207 -0.84 3.08 -10.06
CA GLY A 207 0.60 3.23 -10.22
C GLY A 207 1.36 3.03 -8.93
N GLN A 208 2.49 2.34 -9.05
CA GLN A 208 3.35 2.01 -7.92
C GLN A 208 3.82 3.23 -7.11
N ARG A 209 4.04 3.02 -5.81
CA ARG A 209 4.51 4.08 -4.91
C ARG A 209 5.85 3.67 -4.28
N SER A 210 6.79 4.61 -4.23
CA SER A 210 8.09 4.32 -3.63
C SER A 210 8.73 5.57 -3.03
N ILE A 211 9.11 5.50 -1.76
CA ILE A 211 9.75 6.64 -1.09
C ILE A 211 10.90 6.22 -0.18
N ALA A 212 10.91 4.94 0.23
CA ALA A 212 11.93 4.45 1.15
C ALA A 212 13.17 3.77 0.57
N ALA A 213 14.31 4.14 1.16
CA ALA A 213 15.63 3.59 0.84
C ALA A 213 16.06 2.91 2.12
N SER A 214 17.36 2.72 2.34
CA SER A 214 17.83 2.05 3.56
C SER A 214 17.14 2.46 4.87
N GLY A 215 17.24 3.74 5.21
CA GLY A 215 16.63 4.24 6.44
C GLY A 215 15.12 4.02 6.53
N GLY A 216 14.40 4.29 5.44
CA GLY A 216 12.97 4.08 5.44
C GLY A 216 12.61 2.62 5.64
N ILE A 217 13.37 1.75 4.98
CA ILE A 217 13.16 0.31 5.09
C ILE A 217 13.31 -0.17 6.54
N LEU A 218 14.45 0.15 7.14
CA LEU A 218 14.77 -0.24 8.51
C LEU A 218 13.95 0.37 9.63
N LEU A 219 13.74 1.68 9.58
CA LEU A 219 13.03 2.34 10.66
C LEU A 219 11.58 2.76 10.42
N TRP A 220 11.13 2.76 9.17
CA TRP A 220 9.76 3.20 8.89
C TRP A 220 8.92 2.22 8.06
N PRO A 221 8.33 1.21 8.73
CA PRO A 221 7.51 0.22 8.01
C PRO A 221 6.29 0.79 7.33
N GLN A 222 5.93 2.03 7.65
CA GLN A 222 4.75 2.69 7.05
C GLN A 222 5.15 3.34 5.72
N SER A 223 6.44 3.27 5.38
CA SER A 223 6.94 3.87 4.15
C SER A 223 7.38 2.86 3.11
N HIS A 224 7.13 1.58 3.35
CA HIS A 224 7.53 0.52 2.42
C HIS A 224 6.77 0.55 1.09
N PHE A 225 5.46 0.70 1.17
CA PHE A 225 4.60 0.74 -0.01
C PHE A 225 4.86 -0.36 -1.03
N ASP A 226 4.89 -0.02 -2.31
CA ASP A 226 5.08 -1.02 -3.36
C ASP A 226 6.52 -1.42 -3.67
N TRP A 227 7.42 -0.44 -3.66
CA TRP A 227 8.83 -0.67 -3.96
C TRP A 227 9.73 0.08 -2.98
N VAL A 228 10.77 -0.58 -2.50
CA VAL A 228 11.73 0.04 -1.60
C VAL A 228 13.05 0.02 -2.36
N ARG A 229 13.94 0.97 -2.06
CA ARG A 229 15.21 1.11 -2.77
C ARG A 229 16.43 0.99 -1.88
N PRO A 230 16.76 -0.23 -1.45
CA PRO A 230 17.94 -0.38 -0.59
C PRO A 230 19.26 -0.03 -1.27
N GLY A 231 20.03 0.81 -0.59
CA GLY A 231 21.34 1.19 -1.09
C GLY A 231 22.40 0.78 -0.07
N ILE A 232 22.76 1.69 0.82
CA ILE A 232 23.78 1.43 1.82
C ILE A 232 23.61 0.09 2.56
N ILE A 233 22.41 -0.15 3.08
CA ILE A 233 22.16 -1.38 3.84
C ILE A 233 22.31 -2.67 3.00
N LEU A 234 22.15 -2.55 1.68
CA LEU A 234 22.28 -3.70 0.78
C LEU A 234 23.72 -4.23 0.87
N TYR A 235 24.65 -3.33 1.15
CA TYR A 235 26.06 -3.69 1.27
C TYR A 235 26.49 -4.04 2.69
N GLY A 236 25.50 -4.19 3.58
CA GLY A 236 25.80 -4.55 4.94
C GLY A 236 26.34 -3.43 5.80
N VAL A 237 26.07 -2.20 5.39
CA VAL A 237 26.54 -1.03 6.13
C VAL A 237 25.32 -0.21 6.59
N SER A 238 25.39 0.29 7.82
CA SER A 238 24.28 1.05 8.40
C SER A 238 24.14 2.46 7.84
N PRO A 239 22.89 2.93 7.65
CA PRO A 239 22.65 4.27 7.13
C PRO A 239 22.61 5.31 8.25
N LEU A 240 22.72 4.83 9.49
CA LEU A 240 22.68 5.69 10.68
C LEU A 240 24.06 6.02 11.23
N GLU A 241 24.18 7.19 11.88
CA GLU A 241 25.45 7.61 12.50
C GLU A 241 25.35 7.48 14.02
N ASP A 242 24.78 6.38 14.48
CA ASP A 242 24.59 6.12 15.91
C ASP A 242 25.42 4.91 16.30
N ARG A 243 26.49 4.70 15.55
CA ARG A 243 27.45 3.59 15.71
C ARG A 243 26.89 2.16 15.57
N SER A 244 25.71 2.06 14.95
CA SER A 244 25.05 0.79 14.64
C SER A 244 25.77 0.30 13.39
N THR A 245 25.76 -1.00 13.15
CA THR A 245 26.41 -1.54 11.98
C THR A 245 25.40 -2.32 11.14
N GLY A 246 25.84 -2.84 10.00
CA GLY A 246 24.93 -3.61 9.18
C GLY A 246 24.40 -4.82 9.93
N ALA A 247 25.23 -5.39 10.80
CA ALA A 247 24.87 -6.57 11.59
C ALA A 247 23.76 -6.30 12.62
N ASP A 248 23.54 -5.03 12.95
CA ASP A 248 22.48 -4.66 13.89
C ASP A 248 21.14 -4.97 13.25
N PHE A 249 21.12 -5.06 11.93
CA PHE A 249 19.88 -5.33 11.21
C PHE A 249 19.88 -6.67 10.48
N GLY A 250 20.87 -7.51 10.80
CA GLY A 250 20.96 -8.82 10.21
C GLY A 250 21.59 -8.82 8.85
N CYS A 251 22.24 -7.71 8.48
CA CYS A 251 22.89 -7.62 7.18
C CYS A 251 24.39 -7.78 7.35
N GLN A 252 24.99 -8.58 6.47
CA GLN A 252 26.41 -8.86 6.51
C GLN A 252 27.25 -7.91 5.65
N PRO A 253 28.39 -7.44 6.20
CA PRO A 253 29.28 -6.53 5.45
C PRO A 253 29.86 -7.20 4.22
N VAL A 254 29.67 -6.54 3.08
CA VAL A 254 30.11 -7.06 1.80
C VAL A 254 31.56 -6.76 1.45
N MET A 255 32.00 -5.55 1.77
CA MET A 255 33.34 -5.10 1.43
C MET A 255 34.41 -5.21 2.52
N SER A 256 35.63 -5.46 2.06
CA SER A 256 36.82 -5.51 2.90
C SER A 256 37.88 -4.72 2.13
N LEU A 257 38.44 -3.69 2.75
CA LEU A 257 39.51 -2.93 2.10
C LEU A 257 40.77 -3.52 2.73
N THR A 258 41.61 -4.16 1.92
CA THR A 258 42.81 -4.81 2.44
C THR A 258 44.10 -4.39 1.72
N SER A 259 45.22 -4.72 2.33
CA SER A 259 46.52 -4.39 1.75
C SER A 259 47.62 -5.20 2.47
N SER A 260 48.87 -4.71 2.43
CA SER A 260 49.98 -5.41 3.04
C SER A 260 50.99 -4.42 3.59
N LEU A 261 51.86 -4.90 4.48
CA LEU A 261 52.91 -4.06 5.03
C LEU A 261 54.02 -4.10 4.00
N ILE A 262 54.69 -2.97 3.78
CA ILE A 262 55.80 -2.95 2.84
C ILE A 262 57.10 -2.68 3.60
N ALA A 263 56.98 -2.49 4.91
CA ALA A 263 58.15 -2.25 5.77
C ALA A 263 57.81 -2.28 7.26
N VAL A 264 58.75 -2.80 8.05
CA VAL A 264 58.63 -2.83 9.51
C VAL A 264 59.98 -2.28 9.90
N ARG A 265 59.97 -1.13 10.57
CA ARG A 265 61.19 -0.41 10.93
C ARG A 265 61.33 -0.11 12.42
N GLU A 266 62.56 0.11 12.86
CA GLU A 266 62.83 0.49 14.26
C GLU A 266 62.53 1.98 14.36
N HIS A 267 62.16 2.44 15.55
CA HIS A 267 61.84 3.83 15.75
C HIS A 267 62.18 4.18 17.20
N LYS A 268 62.64 5.40 17.44
CA LYS A 268 63.04 5.83 18.78
C LYS A 268 62.07 6.76 19.49
N ALA A 269 62.16 6.84 20.80
CA ALA A 269 61.31 7.71 21.59
C ALA A 269 61.66 9.16 21.25
N GLY A 270 60.63 10.00 21.19
CA GLY A 270 60.82 11.40 20.88
C GLY A 270 60.84 11.70 19.38
N GLU A 271 60.94 10.66 18.56
CA GLU A 271 60.99 10.83 17.12
C GLU A 271 59.61 10.93 16.49
N PRO A 272 59.42 11.92 15.60
CA PRO A 272 58.14 12.13 14.90
C PRO A 272 57.96 11.18 13.71
N VAL A 273 56.73 11.08 13.24
CA VAL A 273 56.43 10.23 12.11
C VAL A 273 55.51 10.97 11.11
N GLY A 274 55.86 10.88 9.84
CA GLY A 274 55.06 11.48 8.78
C GLY A 274 55.16 12.96 8.55
N TYR A 275 54.36 13.46 7.62
CA TYR A 275 54.33 14.88 7.28
C TYR A 275 53.88 15.74 8.45
N GLY A 276 54.59 16.84 8.65
CA GLY A 276 54.28 17.75 9.74
C GLY A 276 54.72 17.25 11.09
N GLY A 277 55.38 16.08 11.14
CA GLY A 277 55.81 15.52 12.41
C GLY A 277 54.65 15.45 13.40
N THR A 278 53.45 15.28 12.85
CA THR A 278 52.19 15.22 13.58
C THR A 278 52.10 14.29 14.80
N TRP A 279 52.87 13.21 14.80
CA TRP A 279 52.85 12.25 15.88
C TRP A 279 54.27 11.99 16.37
N VAL A 280 54.47 12.03 17.68
CA VAL A 280 55.78 11.76 18.27
C VAL A 280 55.70 10.54 19.20
N SER A 281 56.65 9.63 19.05
CA SER A 281 56.66 8.42 19.88
C SER A 281 57.22 8.68 21.28
N GLU A 282 56.56 8.13 22.30
CA GLU A 282 57.02 8.31 23.67
C GLU A 282 57.83 7.08 24.11
N ARG A 283 58.06 6.18 23.16
CA ARG A 283 58.83 4.97 23.42
C ARG A 283 59.49 4.40 22.18
N ASP A 284 60.55 3.62 22.39
CA ASP A 284 61.22 2.96 21.28
C ASP A 284 60.15 1.94 20.84
N THR A 285 59.94 1.83 19.55
CA THR A 285 58.93 0.91 19.06
C THR A 285 59.28 0.49 17.65
N ARG A 286 58.39 -0.28 17.03
CA ARG A 286 58.57 -0.69 15.64
C ARG A 286 57.35 -0.16 14.92
N LEU A 287 57.59 0.41 13.75
CA LEU A 287 56.51 0.96 12.93
C LEU A 287 56.28 0.08 11.71
N GLY A 288 55.02 0.02 11.26
CA GLY A 288 54.68 -0.74 10.08
C GLY A 288 54.23 0.22 8.99
N VAL A 289 54.61 -0.03 7.74
CA VAL A 289 54.20 0.84 6.64
C VAL A 289 53.25 0.05 5.73
N VAL A 290 52.04 0.57 5.59
CA VAL A 290 51.01 -0.08 4.79
C VAL A 290 50.92 0.48 3.38
N ALA A 291 50.75 -0.40 2.40
CA ALA A 291 50.62 0.01 1.01
C ALA A 291 49.16 0.46 0.83
N MET A 292 48.83 1.60 1.44
CA MET A 292 47.48 2.17 1.40
C MET A 292 47.58 3.66 1.69
N GLY A 293 46.78 4.46 0.97
CA GLY A 293 46.78 5.90 1.16
C GLY A 293 45.52 6.49 0.56
N TYR A 294 45.41 7.82 0.53
CA TYR A 294 44.22 8.42 -0.04
C TYR A 294 44.23 8.33 -1.56
N GLY A 295 45.36 7.93 -2.13
CA GLY A 295 45.46 7.76 -3.56
C GLY A 295 44.73 6.49 -3.95
N ASP A 296 44.28 5.75 -2.94
CA ASP A 296 43.53 4.50 -3.10
C ASP A 296 42.08 4.74 -2.67
N GLY A 297 41.86 5.79 -1.88
CA GLY A 297 40.53 6.06 -1.41
C GLY A 297 40.42 6.13 0.11
N TYR A 298 41.49 5.76 0.82
CA TYR A 298 41.50 5.81 2.27
C TYR A 298 41.54 7.28 2.71
N PRO A 299 40.64 7.68 3.62
CA PRO A 299 40.56 9.05 4.13
C PRO A 299 41.81 9.68 4.72
N ARG A 300 42.23 10.80 4.14
CA ARG A 300 43.38 11.51 4.65
C ARG A 300 43.05 12.10 6.03
N ALA A 301 41.77 12.28 6.29
CA ALA A 301 41.27 12.82 7.56
C ALA A 301 41.44 11.86 8.76
N ALA A 302 41.79 10.60 8.50
CA ALA A 302 41.98 9.62 9.56
C ALA A 302 43.03 10.09 10.55
N PRO A 303 42.65 10.27 11.82
CA PRO A 303 43.61 10.74 12.84
C PRO A 303 44.50 9.63 13.40
N SER A 304 45.60 10.03 14.04
CA SER A 304 46.48 9.06 14.66
C SER A 304 45.58 8.36 15.67
N GLY A 305 45.71 7.05 15.80
CA GLY A 305 44.87 6.32 16.74
C GLY A 305 43.81 5.52 16.01
N THR A 306 43.51 5.90 14.77
CA THR A 306 42.50 5.17 13.99
C THR A 306 42.98 3.72 13.90
N PRO A 307 42.07 2.76 14.13
CA PRO A 307 42.43 1.35 14.06
C PRO A 307 42.56 0.70 12.68
N VAL A 308 43.53 -0.21 12.57
CA VAL A 308 43.77 -0.99 11.36
C VAL A 308 44.22 -2.34 11.91
N LEU A 309 43.90 -3.42 11.20
CA LEU A 309 44.30 -4.74 11.65
C LEU A 309 45.49 -5.24 10.87
N VAL A 310 46.55 -5.57 11.60
CA VAL A 310 47.78 -6.12 11.02
C VAL A 310 47.89 -7.53 11.61
N ASN A 311 47.90 -8.55 10.74
CA ASN A 311 47.92 -9.94 11.16
C ASN A 311 46.78 -10.20 12.15
N GLY A 312 45.62 -9.63 11.85
CA GLY A 312 44.45 -9.81 12.69
C GLY A 312 44.35 -9.05 14.00
N ARG A 313 45.38 -8.31 14.39
CA ARG A 313 45.28 -7.56 15.62
C ARG A 313 45.27 -6.08 15.32
N GLU A 314 44.51 -5.35 16.11
CA GLU A 314 44.36 -3.91 15.98
C GLU A 314 45.61 -3.10 16.39
N VAL A 315 46.02 -2.19 15.52
CA VAL A 315 47.16 -1.31 15.75
C VAL A 315 46.72 0.09 15.30
N PRO A 316 47.27 1.13 15.93
CA PRO A 316 46.88 2.50 15.55
C PRO A 316 47.69 3.16 14.44
N ILE A 317 47.01 4.00 13.67
CA ILE A 317 47.65 4.77 12.60
C ILE A 317 48.42 5.85 13.37
N VAL A 318 49.64 6.15 12.92
CA VAL A 318 50.42 7.19 13.58
C VAL A 318 50.95 8.16 12.53
N GLY A 319 50.65 9.43 12.71
CA GLY A 319 51.09 10.43 11.76
C GLY A 319 50.06 10.57 10.66
N ARG A 320 50.22 11.55 9.78
CA ARG A 320 49.31 11.78 8.67
C ARG A 320 49.23 10.60 7.70
N VAL A 321 48.04 10.38 7.15
CA VAL A 321 47.84 9.35 6.13
C VAL A 321 48.38 10.02 4.86
N ALA A 322 49.23 9.33 4.11
CA ALA A 322 49.79 9.92 2.90
C ALA A 322 49.07 9.37 1.67
N MET A 323 49.52 9.81 0.49
CA MET A 323 48.90 9.39 -0.77
C MET A 323 48.97 7.89 -1.03
N ASP A 324 50.13 7.28 -0.75
CA ASP A 324 50.31 5.85 -1.02
C ASP A 324 50.64 5.00 0.20
N MET A 325 50.98 5.65 1.31
CA MET A 325 51.36 4.93 2.52
C MET A 325 50.70 5.41 3.81
N ILE A 326 50.63 4.47 4.75
CA ILE A 326 50.09 4.71 6.07
C ILE A 326 51.01 4.01 7.08
N CYS A 327 51.36 4.71 8.14
CA CYS A 327 52.21 4.16 9.18
C CYS A 327 51.36 3.78 10.40
N VAL A 328 51.72 2.66 11.01
CA VAL A 328 51.04 2.17 12.20
C VAL A 328 52.11 1.82 13.24
N ASP A 329 51.73 1.82 14.50
CA ASP A 329 52.64 1.49 15.59
C ASP A 329 52.43 0.02 15.94
N LEU A 330 53.47 -0.78 15.80
CA LEU A 330 53.38 -2.21 16.05
C LEU A 330 53.83 -2.64 17.45
N GLY A 331 54.75 -1.89 18.03
CA GLY A 331 55.27 -2.24 19.34
C GLY A 331 56.75 -2.53 19.19
N PRO A 332 57.53 -2.43 20.25
CA PRO A 332 58.98 -2.51 20.19
C PRO A 332 59.60 -3.80 19.73
N GLN A 333 58.93 -4.88 20.00
CA GLN A 333 59.37 -6.17 19.60
C GLN A 333 58.34 -6.97 18.83
N ALA A 334 57.46 -6.30 18.08
CA ALA A 334 56.35 -6.79 17.27
C ALA A 334 56.35 -8.11 16.48
N GLN A 335 57.41 -8.41 15.73
CA GLN A 335 57.49 -9.63 14.91
C GLN A 335 56.72 -9.60 13.58
N ASP A 336 55.94 -8.54 13.35
CA ASP A 336 55.21 -8.40 12.09
C ASP A 336 56.31 -8.15 11.06
N LYS A 337 56.11 -8.61 9.82
CA LYS A 337 57.12 -8.44 8.80
C LYS A 337 56.51 -7.83 7.53
N ALA A 338 57.35 -7.22 6.70
CA ALA A 338 56.86 -6.65 5.46
C ALA A 338 56.23 -7.84 4.72
N GLY A 339 55.11 -7.60 4.05
CA GLY A 339 54.44 -8.67 3.32
C GLY A 339 53.24 -9.19 4.07
N ASP A 340 53.13 -8.90 5.36
CA ASP A 340 52.00 -9.39 6.15
C ASP A 340 50.69 -8.67 5.82
N PRO A 341 49.56 -9.39 5.97
CA PRO A 341 48.20 -8.88 5.70
C PRO A 341 47.70 -7.77 6.60
N VAL A 342 47.09 -6.77 5.98
CA VAL A 342 46.54 -5.62 6.69
C VAL A 342 45.07 -5.43 6.30
N ILE A 343 44.23 -5.13 7.30
CA ILE A 343 42.82 -4.89 7.04
C ILE A 343 42.43 -3.47 7.44
N LEU A 344 42.07 -2.65 6.45
CA LEU A 344 41.67 -1.26 6.69
C LEU A 344 40.23 -1.27 7.24
N TRP A 345 39.44 -2.22 6.74
CA TRP A 345 38.10 -2.46 7.23
C TRP A 345 37.56 -3.72 6.57
N GLY A 346 36.87 -4.54 7.34
CA GLY A 346 36.52 -5.83 6.91
C GLY A 346 36.11 -6.63 8.09
N GLU A 347 36.44 -7.93 8.08
CA GLU A 347 36.24 -8.87 9.17
C GLU A 347 36.95 -8.48 10.43
N GLY A 348 36.17 -8.13 11.40
CA GLY A 348 36.75 -7.75 12.66
C GLY A 348 36.92 -6.25 12.78
N LEU A 349 36.56 -5.52 11.73
CA LEU A 349 36.67 -4.07 11.74
C LEU A 349 35.67 -3.44 10.77
N PRO A 350 34.42 -3.20 11.24
CA PRO A 350 33.34 -2.60 10.46
C PRO A 350 33.70 -1.21 9.92
N VAL A 351 33.28 -0.89 8.70
CA VAL A 351 33.58 0.42 8.15
C VAL A 351 32.91 1.51 9.02
N GLU A 352 31.81 1.18 9.68
CA GLU A 352 31.11 2.14 10.54
C GLU A 352 32.04 2.55 11.70
N ARG A 353 32.88 1.62 12.14
CA ARG A 353 33.83 1.89 13.22
C ARG A 353 34.84 2.90 12.71
N ILE A 354 35.26 2.74 11.46
CA ILE A 354 36.19 3.67 10.83
C ILE A 354 35.50 5.03 10.67
N ALA A 355 34.25 4.99 10.22
CA ALA A 355 33.48 6.21 10.04
C ALA A 355 33.48 7.00 11.33
N GLU A 356 33.22 6.32 12.43
CA GLU A 356 33.18 6.96 13.74
C GLU A 356 34.51 7.56 14.15
N MET A 357 35.57 6.76 14.06
CA MET A 357 36.90 7.22 14.42
C MET A 357 37.41 8.37 13.57
N THR A 358 37.14 8.35 12.28
CA THR A 358 37.60 9.42 11.40
C THR A 358 36.60 10.55 11.18
N LYS A 359 35.35 10.32 11.60
CA LYS A 359 34.27 11.30 11.46
C LYS A 359 33.92 11.50 9.99
N VAL A 360 34.17 10.47 9.19
CA VAL A 360 33.88 10.47 7.76
C VAL A 360 32.67 9.55 7.61
N SER A 361 31.67 9.97 6.84
CA SER A 361 30.48 9.14 6.65
C SER A 361 30.82 7.82 5.98
N ALA A 362 30.22 6.73 6.47
CA ALA A 362 30.44 5.40 5.90
C ALA A 362 30.11 5.37 4.40
N TYR A 363 29.12 6.18 3.99
CA TYR A 363 28.72 6.28 2.59
C TYR A 363 29.91 6.67 1.73
N GLU A 364 30.61 7.71 2.18
CA GLU A 364 31.76 8.23 1.46
C GLU A 364 32.95 7.27 1.54
N LEU A 365 33.17 6.67 2.71
CA LEU A 365 34.27 5.73 2.89
C LEU A 365 34.27 4.59 1.88
N ILE A 366 33.15 3.90 1.76
CA ILE A 366 33.07 2.78 0.83
C ILE A 366 32.95 3.20 -0.64
N THR A 367 32.43 4.41 -0.86
CA THR A 367 32.20 4.92 -2.22
C THR A 367 33.34 5.73 -2.87
N ARG A 368 33.98 6.63 -2.12
CA ARG A 368 35.02 7.45 -2.71
C ARG A 368 36.41 6.82 -2.76
N LEU A 369 36.47 5.67 -3.42
CA LEU A 369 37.70 4.92 -3.60
C LEU A 369 38.12 5.16 -5.05
N THR A 370 39.42 5.07 -5.32
CA THR A 370 39.94 5.30 -6.65
C THR A 370 40.07 4.00 -7.45
N SER A 371 40.48 4.14 -8.71
CA SER A 371 40.63 3.00 -9.60
C SER A 371 41.91 2.19 -9.34
N ARG A 372 42.73 2.68 -8.45
CA ARG A 372 43.88 1.94 -8.07
C ARG A 372 43.75 0.64 -7.23
N VAL A 373 42.69 0.44 -6.50
CA VAL A 373 42.49 -0.84 -5.84
C VAL A 373 42.11 -1.92 -6.79
N ALA A 374 42.66 -3.09 -6.58
CA ALA A 374 42.15 -4.23 -7.25
C ALA A 374 40.80 -4.63 -6.70
N MET A 375 40.01 -5.14 -7.61
CA MET A 375 38.73 -5.71 -7.19
C MET A 375 38.78 -7.24 -7.17
N LYS A 376 38.33 -7.84 -6.08
CA LYS A 376 38.31 -9.28 -5.95
C LYS A 376 36.95 -9.72 -5.40
N TYR A 377 36.38 -10.78 -5.98
CA TYR A 377 35.08 -11.30 -5.57
C TYR A 377 35.20 -12.71 -5.04
N VAL A 378 34.60 -12.95 -3.89
CA VAL A 378 34.65 -14.27 -3.27
C VAL A 378 33.28 -14.89 -3.02
N ASP A 379 33.19 -16.19 -3.19
CA ASP A 379 32.04 -16.99 -2.82
C ASP A 379 30.64 -16.44 -3.05
N MET B 21 27.58 11.96 -20.26
CA MET B 21 28.65 12.60 -21.09
C MET B 21 29.14 13.87 -20.41
N GLN B 22 28.41 14.96 -20.65
CA GLN B 22 28.73 16.28 -20.11
C GLN B 22 28.44 16.38 -18.61
N ALA B 23 28.65 15.28 -17.89
CA ALA B 23 28.46 15.25 -16.46
C ALA B 23 29.87 15.23 -15.88
N ALA B 24 30.06 14.62 -14.71
CA ALA B 24 31.38 14.59 -14.08
C ALA B 24 32.49 14.30 -15.09
N THR B 25 33.24 15.36 -15.41
CA THR B 25 34.34 15.29 -16.36
C THR B 25 35.57 16.01 -15.84
N VAL B 26 36.72 15.34 -15.90
CA VAL B 26 37.98 15.94 -15.50
C VAL B 26 38.68 16.35 -16.80
N VAL B 27 38.90 17.65 -16.98
CA VAL B 27 39.57 18.14 -18.19
C VAL B 27 41.03 18.41 -17.87
N ILE B 28 41.92 17.80 -18.65
CA ILE B 28 43.35 17.94 -18.41
C ILE B 28 44.00 18.75 -19.53
N ASN B 29 44.64 19.82 -19.11
CA ASN B 29 45.31 20.73 -20.03
C ASN B 29 46.74 20.28 -20.26
N ARG B 30 46.98 19.73 -21.45
CA ARG B 30 48.30 19.21 -21.78
C ARG B 30 49.35 20.31 -21.96
N ARG B 31 48.90 21.50 -22.34
CA ARG B 31 49.80 22.63 -22.55
C ARG B 31 50.31 23.18 -21.23
N ALA B 32 49.44 23.18 -20.21
CA ALA B 32 49.82 23.64 -18.88
C ALA B 32 50.84 22.68 -18.31
N LEU B 33 50.60 21.38 -18.49
CA LEU B 33 51.50 20.33 -18.01
C LEU B 33 52.92 20.50 -18.58
N ARG B 34 53.06 20.69 -19.90
CA ARG B 34 54.38 20.87 -20.51
C ARG B 34 55.02 22.16 -20.02
N HIS B 35 54.20 23.18 -19.84
CA HIS B 35 54.69 24.46 -19.38
C HIS B 35 55.31 24.33 -17.98
N ASN B 36 54.64 23.59 -17.10
CA ASN B 36 55.12 23.41 -15.74
C ASN B 36 56.43 22.64 -15.61
N LEU B 37 56.65 21.67 -16.50
CA LEU B 37 57.88 20.89 -16.47
C LEU B 37 59.05 21.81 -16.85
N GLN B 38 58.82 22.62 -17.89
CA GLN B 38 59.84 23.56 -18.37
C GLN B 38 60.05 24.66 -17.33
N ARG B 39 58.96 25.13 -16.74
CA ARG B 39 59.03 26.16 -15.70
C ARG B 39 59.86 25.67 -14.51
N LEU B 40 59.69 24.40 -14.14
CA LEU B 40 60.43 23.81 -13.05
C LEU B 40 61.91 23.63 -13.38
N ARG B 41 62.20 23.37 -14.67
CA ARG B 41 63.61 23.25 -15.06
C ARG B 41 64.29 24.60 -14.87
N GLU B 42 63.52 25.67 -15.01
CA GLU B 42 64.05 27.01 -14.84
C GLU B 42 64.35 27.30 -13.37
N LEU B 43 63.57 26.70 -12.49
CA LEU B 43 63.76 26.87 -11.05
C LEU B 43 64.90 25.98 -10.52
N ALA B 44 65.06 24.80 -11.13
CA ALA B 44 66.13 23.87 -10.76
C ALA B 44 66.88 23.56 -12.08
N PRO B 45 67.60 24.56 -12.62
CA PRO B 45 68.35 24.46 -13.88
C PRO B 45 69.50 23.45 -13.97
N ALA B 46 69.95 22.92 -12.84
CA ALA B 46 71.05 21.96 -12.86
C ALA B 46 70.61 20.59 -12.34
N SER B 47 69.31 20.32 -12.34
CA SER B 47 68.80 19.05 -11.83
C SER B 47 67.93 18.35 -12.84
N LYS B 48 68.01 17.02 -12.89
CA LYS B 48 67.16 16.25 -13.79
C LYS B 48 65.79 16.08 -13.16
N MET B 49 64.80 15.81 -13.99
CA MET B 49 63.43 15.68 -13.52
C MET B 49 62.83 14.30 -13.45
N VAL B 50 62.26 13.98 -12.30
CA VAL B 50 61.55 12.73 -12.10
C VAL B 50 60.10 13.22 -12.02
N ALA B 51 59.36 13.08 -13.11
CA ALA B 51 57.96 13.49 -13.11
C ALA B 51 57.18 12.44 -12.31
N VAL B 52 56.72 12.83 -11.11
CA VAL B 52 55.98 11.93 -10.23
C VAL B 52 54.53 11.79 -10.70
N VAL B 53 54.22 10.61 -11.25
CA VAL B 53 52.90 10.34 -11.81
C VAL B 53 52.12 9.23 -11.11
N LYS B 54 52.47 8.96 -9.85
CA LYS B 54 51.78 7.93 -9.06
C LYS B 54 50.35 8.35 -8.72
N ALA B 55 49.52 7.38 -8.32
CA ALA B 55 48.12 7.61 -7.96
C ALA B 55 47.35 8.22 -9.15
N ASN B 56 47.48 7.57 -10.29
CA ASN B 56 46.85 7.98 -11.55
C ASN B 56 47.25 9.40 -11.88
N ALA B 57 48.54 9.68 -11.70
CA ALA B 57 49.11 11.01 -11.96
C ALA B 57 48.36 12.07 -11.16
N TYR B 58 48.16 11.80 -9.87
CA TYR B 58 47.46 12.71 -8.96
C TYR B 58 46.06 13.03 -9.49
N GLY B 59 45.44 12.07 -10.14
CA GLY B 59 44.09 12.25 -10.68
C GLY B 59 44.01 12.76 -12.11
N HIS B 60 45.16 13.00 -12.72
CA HIS B 60 45.18 13.53 -14.09
C HIS B 60 45.34 12.43 -15.14
N GLY B 61 45.61 11.20 -14.71
CA GLY B 61 45.78 10.11 -15.65
C GLY B 61 47.22 9.69 -15.80
N LEU B 62 47.54 8.52 -15.27
CA LEU B 62 48.88 7.98 -15.29
C LEU B 62 49.57 7.94 -16.67
N LEU B 63 48.98 7.24 -17.62
CA LEU B 63 49.56 7.11 -18.96
C LEU B 63 49.52 8.39 -19.80
N GLU B 64 48.41 9.11 -19.74
CA GLU B 64 48.33 10.34 -20.52
C GLU B 64 49.26 11.43 -19.99
N THR B 65 49.47 11.50 -18.68
CA THR B 65 50.37 12.51 -18.13
C THR B 65 51.79 12.19 -18.59
N ALA B 66 52.12 10.90 -18.68
CA ALA B 66 53.45 10.46 -19.12
C ALA B 66 53.62 10.71 -20.63
N ARG B 67 52.57 10.48 -21.41
CA ARG B 67 52.64 10.69 -22.85
C ARG B 67 52.85 12.17 -23.19
N THR B 68 52.32 13.07 -22.37
CA THR B 68 52.46 14.48 -22.68
C THR B 68 53.79 15.06 -22.18
N LEU B 69 54.54 14.28 -21.41
CA LEU B 69 55.82 14.73 -20.89
C LEU B 69 57.04 13.88 -21.28
N PRO B 70 57.28 13.72 -22.59
CA PRO B 70 58.42 12.90 -23.04
C PRO B 70 59.77 13.52 -22.70
N ASP B 71 59.75 14.77 -22.26
CA ASP B 71 60.97 15.48 -21.90
C ASP B 71 61.46 15.15 -20.49
N ALA B 72 60.61 14.50 -19.70
CA ALA B 72 60.97 14.13 -18.34
C ALA B 72 62.18 13.20 -18.38
N ASP B 73 63.07 13.31 -17.39
CA ASP B 73 64.24 12.45 -17.34
C ASP B 73 63.86 11.05 -16.85
N ALA B 74 62.78 10.97 -16.09
CA ALA B 74 62.27 9.72 -15.55
C ALA B 74 60.86 9.95 -15.02
N PHE B 75 60.15 8.86 -14.73
CA PHE B 75 58.81 8.96 -14.16
C PHE B 75 58.84 8.22 -12.84
N GLY B 76 58.20 8.81 -11.82
CA GLY B 76 58.17 8.18 -10.51
C GLY B 76 56.81 7.61 -10.15
N VAL B 77 56.79 6.39 -9.62
CA VAL B 77 55.54 5.75 -9.22
C VAL B 77 55.69 5.20 -7.80
N ALA B 78 54.56 4.88 -7.17
CA ALA B 78 54.54 4.34 -5.81
C ALA B 78 54.71 2.82 -5.83
N ARG B 79 54.17 2.21 -6.84
CA ARG B 79 53.98 0.80 -6.85
C ARG B 79 54.50 0.28 -8.17
N LEU B 80 54.86 -0.99 -8.20
CA LEU B 80 55.32 -1.69 -9.38
C LEU B 80 54.31 -1.85 -10.50
N GLU B 81 53.07 -2.11 -10.12
CA GLU B 81 51.95 -2.10 -10.99
C GLU B 81 51.79 -0.88 -11.89
N GLU B 82 52.06 0.31 -11.34
CA GLU B 82 51.95 1.59 -12.01
C GLU B 82 53.06 1.68 -13.07
N ALA B 83 54.24 1.19 -12.70
CA ALA B 83 55.39 1.20 -13.60
C ALA B 83 55.13 0.30 -14.81
N LEU B 84 54.49 -0.84 -14.57
CA LEU B 84 54.16 -1.79 -15.62
C LEU B 84 53.06 -1.26 -16.54
N ARG B 85 52.16 -0.45 -16.00
CA ARG B 85 51.12 0.12 -16.86
C ARG B 85 51.76 1.13 -17.81
N LEU B 86 52.79 1.82 -17.33
CA LEU B 86 53.49 2.77 -18.15
C LEU B 86 54.15 2.03 -19.31
N ARG B 87 54.84 0.94 -19.01
CA ARG B 87 55.48 0.13 -20.06
C ARG B 87 54.43 -0.44 -21.01
N ALA B 88 53.32 -0.90 -20.45
CA ALA B 88 52.24 -1.48 -21.23
C ALA B 88 51.64 -0.45 -22.19
N GLY B 89 51.65 0.82 -21.79
CA GLY B 89 51.12 1.88 -22.62
C GLY B 89 52.12 2.43 -23.62
N GLY B 90 53.36 1.94 -23.58
CA GLY B 90 54.34 2.43 -24.52
C GLY B 90 55.39 3.38 -23.99
N ILE B 91 55.33 3.77 -22.74
CA ILE B 91 56.34 4.64 -22.14
C ILE B 91 57.67 3.92 -22.01
N THR B 92 58.75 4.45 -22.53
CA THR B 92 59.99 3.73 -22.50
C THR B 92 61.02 4.35 -21.60
N LYS B 93 60.73 5.58 -21.22
CA LYS B 93 61.58 6.35 -20.34
C LYS B 93 61.78 5.64 -18.99
N PRO B 94 62.91 5.88 -18.30
CA PRO B 94 63.15 5.22 -17.02
C PRO B 94 62.02 5.50 -16.01
N VAL B 95 61.65 4.47 -15.26
CA VAL B 95 60.63 4.59 -14.24
C VAL B 95 61.27 4.30 -12.89
N LEU B 96 61.11 5.21 -11.94
CA LEU B 96 61.64 5.05 -10.60
C LEU B 96 60.59 4.55 -9.60
N LEU B 97 60.88 3.42 -8.97
CA LEU B 97 59.99 2.82 -7.98
C LEU B 97 60.33 3.48 -6.63
N LEU B 98 59.63 4.54 -6.30
CA LEU B 98 59.85 5.30 -5.06
C LEU B 98 59.80 4.46 -3.77
N GLU B 99 59.05 3.37 -3.77
CA GLU B 99 58.94 2.52 -2.58
C GLU B 99 59.68 1.20 -2.74
N GLY B 100 60.34 1.04 -3.89
CA GLY B 100 61.07 -0.18 -4.15
C GLY B 100 60.14 -1.30 -4.53
N PHE B 101 60.61 -2.54 -4.41
CA PHE B 101 59.79 -3.69 -4.75
C PHE B 101 59.33 -4.42 -3.49
N PHE B 102 58.14 -5.01 -3.57
CA PHE B 102 57.57 -5.71 -2.43
C PHE B 102 57.79 -7.23 -2.44
N ASP B 103 58.25 -7.76 -3.57
CA ASP B 103 58.49 -9.20 -3.68
C ASP B 103 59.80 -9.48 -4.41
N ALA B 104 60.67 -10.29 -3.81
CA ALA B 104 61.96 -10.63 -4.40
C ALA B 104 61.82 -11.26 -5.79
N ARG B 105 60.68 -11.88 -6.05
CA ARG B 105 60.41 -12.51 -7.33
C ARG B 105 60.12 -11.53 -8.46
N ASP B 106 60.05 -10.24 -8.11
CA ASP B 106 59.80 -9.21 -9.09
C ASP B 106 61.07 -8.59 -9.68
N LEU B 107 62.22 -8.97 -9.14
CA LEU B 107 63.50 -8.45 -9.62
C LEU B 107 63.81 -8.75 -11.08
N PRO B 108 63.45 -9.97 -11.55
CA PRO B 108 63.75 -10.28 -12.95
C PRO B 108 62.98 -9.35 -13.88
N THR B 109 61.74 -9.02 -13.56
CA THR B 109 60.92 -8.06 -14.32
C THR B 109 61.49 -6.66 -14.22
N ILE B 110 61.85 -6.25 -13.04
CA ILE B 110 62.38 -4.91 -12.84
C ILE B 110 63.67 -4.72 -13.63
N SER B 111 64.46 -5.78 -13.71
CA SER B 111 65.72 -5.76 -14.44
C SER B 111 65.47 -5.64 -15.95
N ALA B 112 64.55 -6.47 -16.44
CA ALA B 112 64.20 -6.51 -17.86
C ALA B 112 63.43 -5.28 -18.35
N GLN B 113 62.65 -4.67 -17.45
CA GLN B 113 61.87 -3.47 -17.77
C GLN B 113 62.69 -2.20 -17.60
N HIS B 114 63.90 -2.35 -17.07
CA HIS B 114 64.80 -1.23 -16.81
C HIS B 114 64.17 -0.19 -15.87
N PHE B 115 63.61 -0.69 -14.78
CA PHE B 115 63.00 0.15 -13.76
C PHE B 115 64.08 0.47 -12.74
N HIS B 116 64.13 1.70 -12.26
CA HIS B 116 65.10 2.06 -11.23
C HIS B 116 64.34 1.82 -9.93
N THR B 117 65.02 1.33 -8.92
CA THR B 117 64.31 1.06 -7.69
C THR B 117 64.98 1.62 -6.44
N ALA B 118 64.14 1.98 -5.47
CA ALA B 118 64.62 2.46 -4.18
C ALA B 118 64.89 1.16 -3.44
N VAL B 119 65.73 1.22 -2.41
CA VAL B 119 66.02 0.05 -1.60
C VAL B 119 66.06 0.60 -0.19
N HIS B 120 65.09 0.20 0.63
CA HIS B 120 65.00 0.70 2.00
C HIS B 120 65.06 -0.32 3.11
N ASN B 121 64.94 -1.61 2.79
CA ASN B 121 64.98 -2.62 3.84
C ASN B 121 65.85 -3.83 3.54
N GLU B 122 66.08 -4.65 4.56
CA GLU B 122 66.91 -5.85 4.46
C GLU B 122 66.40 -6.83 3.39
N GLU B 123 65.08 -6.98 3.31
CA GLU B 123 64.47 -7.89 2.36
C GLU B 123 64.89 -7.60 0.93
N GLN B 124 64.83 -6.33 0.54
CA GLN B 124 65.21 -5.90 -0.80
C GLN B 124 66.70 -6.08 -1.07
N LEU B 125 67.53 -5.70 -0.10
CA LEU B 125 68.99 -5.82 -0.24
C LEU B 125 69.42 -7.29 -0.37
N ALA B 126 68.89 -8.15 0.52
CA ALA B 126 69.20 -9.57 0.49
C ALA B 126 68.69 -10.16 -0.81
N ALA B 127 67.54 -9.71 -1.28
CA ALA B 127 67.05 -10.15 -2.57
C ALA B 127 67.94 -9.85 -3.77
N LEU B 128 68.47 -8.66 -3.82
CA LEU B 128 69.49 -8.27 -4.74
C LEU B 128 70.80 -9.00 -4.59
N GLU B 129 71.16 -9.37 -3.39
CA GLU B 129 72.39 -10.02 -3.21
C GLU B 129 72.36 -11.45 -3.74
N GLU B 130 71.26 -12.14 -3.62
CA GLU B 130 71.19 -13.53 -4.06
C GLU B 130 70.41 -13.84 -5.32
N ALA B 131 69.82 -12.84 -5.94
CA ALA B 131 69.08 -13.07 -7.17
C ALA B 131 70.09 -13.31 -8.27
N SER B 132 69.63 -13.82 -9.40
CA SER B 132 70.49 -14.02 -10.56
C SER B 132 69.74 -13.35 -11.70
N LEU B 133 70.26 -12.20 -12.13
CA LEU B 133 69.64 -11.40 -13.18
C LEU B 133 70.49 -11.30 -14.45
N ASP B 134 69.81 -11.20 -15.60
CA ASP B 134 70.52 -11.09 -16.87
C ASP B 134 71.11 -9.69 -17.03
N GLU B 135 70.66 -8.76 -16.23
CA GLU B 135 71.31 -7.49 -16.16
C GLU B 135 71.12 -6.77 -14.86
N PRO B 136 72.09 -5.97 -14.49
CA PRO B 136 72.07 -5.32 -13.17
C PRO B 136 71.02 -4.21 -13.20
N VAL B 137 70.64 -3.74 -12.03
CA VAL B 137 69.54 -2.84 -11.84
C VAL B 137 70.09 -1.54 -11.26
N THR B 138 69.67 -0.39 -11.75
CA THR B 138 70.14 0.83 -11.12
C THR B 138 69.28 1.05 -9.85
N VAL B 139 69.96 1.35 -8.74
CA VAL B 139 69.32 1.50 -7.45
C VAL B 139 69.48 2.88 -6.81
N TRP B 140 68.47 3.25 -6.03
CA TRP B 140 68.49 4.49 -5.27
C TRP B 140 68.28 4.08 -3.82
N MET B 141 69.37 4.08 -3.04
CA MET B 141 69.27 3.72 -1.62
C MET B 141 68.46 4.81 -0.91
N LEU B 143 67.44 6.75 2.25
CA LEU B 143 67.95 7.10 3.56
C LEU B 143 66.88 7.82 4.37
N ASP B 144 66.67 7.39 5.61
CA ASP B 144 65.70 8.03 6.49
C ASP B 144 66.45 9.18 7.16
N THR B 145 66.14 10.40 6.72
CA THR B 145 66.79 11.59 7.27
C THR B 145 65.92 12.38 8.25
N GLY B 146 64.83 11.79 8.74
CA GLY B 146 63.99 12.50 9.69
C GLY B 146 62.49 12.36 9.56
N MET B 147 62.01 11.89 8.41
CA MET B 147 60.57 11.73 8.25
C MET B 147 60.09 10.45 8.91
N HIS B 148 61.00 9.49 9.03
CA HIS B 148 60.75 8.18 9.65
C HIS B 148 59.57 7.41 9.07
N ARG B 149 59.53 7.34 7.75
CA ARG B 149 58.48 6.60 7.08
C ARG B 149 59.21 5.38 6.46
N LEU B 150 59.92 5.60 5.36
CA LEU B 150 60.71 4.53 4.74
C LEU B 150 62.18 4.95 4.72
N GLY B 151 63.07 3.98 4.58
CA GLY B 151 64.48 4.28 4.52
C GLY B 151 65.33 3.69 5.62
N VAL B 152 66.62 3.55 5.34
CA VAL B 152 67.58 3.01 6.30
C VAL B 152 67.97 4.15 7.26
N ARG B 153 68.00 3.86 8.55
CA ARG B 153 68.33 4.87 9.54
C ARG B 153 69.84 5.11 9.48
N PRO B 154 70.29 6.31 9.86
CA PRO B 154 71.71 6.70 9.87
C PRO B 154 72.72 5.69 10.39
N GLU B 155 72.45 5.12 11.55
CA GLU B 155 73.38 4.14 12.12
C GLU B 155 73.55 2.84 11.35
N GLN B 156 72.58 2.50 10.49
CA GLN B 156 72.62 1.27 9.69
C GLN B 156 72.94 1.56 8.22
N ALA B 157 72.88 2.82 7.85
CA ALA B 157 73.10 3.24 6.47
C ALA B 157 74.43 2.91 5.82
N GLU B 158 75.51 3.04 6.57
CA GLU B 158 76.84 2.82 6.02
C GLU B 158 77.09 1.38 5.63
N ALA B 159 76.72 0.46 6.51
CA ALA B 159 76.91 -0.97 6.27
C ALA B 159 76.00 -1.43 5.12
N PHE B 160 74.76 -0.95 5.16
CA PHE B 160 73.73 -1.25 4.17
C PHE B 160 74.21 -0.74 2.80
N TYR B 161 74.70 0.49 2.77
CA TYR B 161 75.20 1.09 1.55
C TYR B 161 76.36 0.30 0.95
N HIS B 162 77.26 -0.14 1.81
CA HIS B 162 78.40 -0.90 1.33
C HIS B 162 78.00 -2.22 0.67
N ARG B 163 76.97 -2.88 1.20
CA ARG B 163 76.53 -4.13 0.59
C ARG B 163 76.01 -3.92 -0.85
N LEU B 164 75.24 -2.84 -1.05
CA LEU B 164 74.70 -2.53 -2.39
C LEU B 164 75.86 -2.25 -3.34
N THR B 165 76.94 -1.71 -2.80
CA THR B 165 78.14 -1.39 -3.54
C THR B 165 78.87 -2.66 -4.02
N GLN B 166 78.68 -3.75 -3.31
CA GLN B 166 79.31 -5.04 -3.64
C GLN B 166 78.41 -6.01 -4.43
N CYS B 167 77.21 -5.57 -4.79
CA CYS B 167 76.25 -6.38 -5.55
C CYS B 167 76.55 -6.43 -7.02
N LYS B 168 76.62 -7.64 -7.58
CA LYS B 168 76.87 -7.78 -9.01
C LYS B 168 75.58 -7.36 -9.73
N ASN B 169 74.44 -7.55 -9.06
CA ASN B 169 73.13 -7.22 -9.59
C ASN B 169 72.76 -5.74 -9.48
N VAL B 170 73.58 -4.96 -8.79
CA VAL B 170 73.31 -3.54 -8.67
C VAL B 170 74.25 -2.80 -9.59
N ARG B 171 73.68 -1.95 -10.42
CA ARG B 171 74.43 -1.15 -11.38
C ARG B 171 75.12 -0.02 -10.59
N GLN B 172 76.44 0.09 -10.73
CA GLN B 172 77.21 1.10 -9.99
C GLN B 172 77.32 2.43 -10.75
N PRO B 173 77.38 3.55 -10.02
CA PRO B 173 77.35 3.65 -8.56
C PRO B 173 75.92 3.58 -8.02
N VAL B 174 75.77 3.36 -6.71
CA VAL B 174 74.41 3.33 -6.17
C VAL B 174 74.05 4.79 -5.89
N ASN B 175 72.81 5.17 -6.20
CA ASN B 175 72.36 6.53 -5.97
C ASN B 175 71.75 6.66 -4.59
N ILE B 176 71.53 7.88 -4.13
CA ILE B 176 70.98 8.15 -2.81
C ILE B 176 69.74 9.03 -2.83
N VAL B 177 68.66 8.55 -2.24
CA VAL B 177 67.40 9.30 -2.21
C VAL B 177 66.79 9.42 -0.81
N SER B 178 66.12 10.55 -0.56
CA SER B 178 65.45 10.78 0.72
C SER B 178 64.26 11.70 0.42
N HIS B 179 63.47 12.01 1.43
CA HIS B 179 62.28 12.84 1.24
C HIS B 179 62.01 13.72 2.48
N PHE B 180 61.54 14.94 2.25
CA PHE B 180 61.23 15.88 3.34
C PHE B 180 59.86 15.64 3.97
N ALA B 181 59.79 15.88 5.28
CA ALA B 181 58.56 15.70 6.03
C ALA B 181 57.85 17.04 6.28
N ARG B 182 58.62 18.14 6.24
CA ARG B 182 58.09 19.46 6.52
C ARG B 182 58.73 20.59 5.69
N ALA B 183 58.98 20.34 4.41
CA ALA B 183 59.58 21.36 3.55
C ALA B 183 58.66 22.56 3.36
N ASP B 184 57.38 22.39 3.69
CA ASP B 184 56.41 23.47 3.55
C ASP B 184 56.36 24.36 4.81
N GLU B 185 57.18 24.03 5.80
CA GLU B 185 57.26 24.79 7.04
C GLU B 185 58.67 25.33 7.18
N PRO B 186 58.98 26.43 6.47
CA PRO B 186 60.31 27.05 6.51
C PRO B 186 60.74 27.57 7.88
N LYS B 187 59.76 27.88 8.71
CA LYS B 187 60.01 28.33 10.07
C LYS B 187 60.86 27.31 10.81
N CYS B 188 60.36 26.09 10.91
CA CYS B 188 60.97 25.12 11.82
C CYS B 188 62.24 24.61 11.13
N GLY B 189 63.20 24.13 11.91
CA GLY B 189 64.43 23.66 11.31
C GLY B 189 64.45 22.21 10.90
N ALA B 190 63.29 21.65 10.59
CA ALA B 190 63.21 20.24 10.20
C ALA B 190 63.93 19.95 8.91
N THR B 191 63.64 20.73 7.86
CA THR B 191 64.27 20.56 6.56
C THR B 191 65.79 20.71 6.60
N GLU B 192 66.29 21.68 7.35
CA GLU B 192 67.74 21.88 7.46
C GLU B 192 68.40 20.69 8.14
N LYS B 193 67.69 20.07 9.09
CA LYS B 193 68.22 18.89 9.80
C LYS B 193 68.30 17.68 8.88
N GLN B 194 67.29 17.52 8.02
CA GLN B 194 67.29 16.40 7.09
C GLN B 194 68.40 16.61 6.09
N LEU B 195 68.67 17.84 5.74
CA LEU B 195 69.73 18.16 4.85
C LEU B 195 71.07 17.85 5.44
N ALA B 196 71.18 18.22 6.68
CA ALA B 196 72.42 17.99 7.41
C ALA B 196 72.73 16.50 7.40
N ILE B 197 71.72 15.69 7.75
CA ILE B 197 71.87 14.25 7.77
C ILE B 197 72.14 13.71 6.37
N PHE B 198 71.43 14.24 5.38
CA PHE B 198 71.60 13.81 3.99
C PHE B 198 73.01 14.09 3.53
N ASN B 199 73.47 15.32 3.73
CA ASN B 199 74.81 15.73 3.29
C ASN B 199 75.95 14.93 3.94
N THR B 200 75.82 14.65 5.22
CA THR B 200 76.83 13.89 5.95
C THR B 200 77.00 12.49 5.35
N PHE B 201 75.89 11.82 5.02
CA PHE B 201 75.98 10.48 4.46
C PHE B 201 76.51 10.47 3.04
N CYS B 202 76.18 11.48 2.26
CA CYS B 202 76.62 11.54 0.87
C CYS B 202 78.07 11.97 0.67
N GLU B 203 78.70 12.55 1.70
CA GLU B 203 80.10 12.98 1.58
C GLU B 203 80.98 11.85 1.07
N GLY B 204 81.78 12.15 0.04
CA GLY B 204 82.70 11.17 -0.49
C GLY B 204 82.08 10.06 -1.30
N LYS B 205 80.77 10.11 -1.50
CA LYS B 205 80.13 9.07 -2.29
C LYS B 205 79.77 9.54 -3.69
N PRO B 206 79.92 8.65 -4.68
CA PRO B 206 79.60 8.99 -6.06
C PRO B 206 78.10 8.69 -6.20
N GLY B 207 77.57 8.70 -7.41
CA GLY B 207 76.16 8.39 -7.51
C GLY B 207 75.27 9.59 -7.26
N GLN B 208 74.21 9.67 -8.04
CA GLN B 208 73.24 10.76 -7.98
C GLN B 208 72.60 10.95 -6.60
N ARG B 209 72.26 12.20 -6.28
CA ARG B 209 71.62 12.55 -5.02
C ARG B 209 70.25 13.19 -5.28
N SER B 210 69.25 12.80 -4.51
CA SER B 210 67.91 13.37 -4.67
C SER B 210 67.11 13.34 -3.38
N ILE B 211 66.61 14.49 -2.96
CA ILE B 211 65.83 14.57 -1.74
C ILE B 211 64.60 15.50 -1.89
N ALA B 212 64.64 16.39 -2.88
CA ALA B 212 63.56 17.35 -3.07
C ALA B 212 62.44 17.01 -4.05
N ALA B 213 61.22 17.30 -3.61
CA ALA B 213 59.99 17.13 -4.37
C ALA B 213 59.46 18.58 -4.54
N SER B 214 58.16 18.75 -4.76
CA SER B 214 57.60 20.11 -4.95
C SER B 214 58.12 21.18 -3.95
N GLY B 215 57.87 20.97 -2.66
CA GLY B 215 58.31 21.93 -1.65
C GLY B 215 59.81 22.20 -1.65
N GLY B 216 60.62 21.16 -1.77
CA GLY B 216 62.06 21.33 -1.79
C GLY B 216 62.49 22.14 -2.99
N ILE B 217 61.89 21.86 -4.14
CA ILE B 217 62.20 22.56 -5.38
C ILE B 217 61.93 24.06 -5.23
N LEU B 218 60.70 24.40 -4.83
CA LEU B 218 60.26 25.77 -4.69
C LEU B 218 60.90 26.60 -3.58
N LEU B 219 61.01 26.03 -2.39
CA LEU B 219 61.55 26.79 -1.28
C LEU B 219 62.99 26.51 -0.85
N TRP B 220 63.57 25.39 -1.26
CA TRP B 220 64.93 25.06 -0.84
C TRP B 220 65.93 24.78 -1.98
N PRO B 221 66.51 25.84 -2.56
CA PRO B 221 67.47 25.66 -3.65
C PRO B 221 68.74 24.87 -3.27
N GLN B 222 68.97 24.69 -1.97
CA GLN B 222 70.15 23.96 -1.50
C GLN B 222 69.85 22.47 -1.48
N SER B 223 68.63 22.10 -1.83
CA SER B 223 68.21 20.69 -1.83
C SER B 223 67.97 20.13 -3.23
N HIS B 224 68.28 20.90 -4.26
CA HIS B 224 68.04 20.46 -5.63
C HIS B 224 68.95 19.31 -6.05
N PHE B 225 70.24 19.41 -5.73
CA PHE B 225 71.22 18.39 -6.07
C PHE B 225 71.16 17.89 -7.53
N ASP B 226 71.23 16.58 -7.73
CA ASP B 226 71.24 16.04 -9.09
C ASP B 226 69.88 15.80 -9.73
N TRP B 227 68.92 15.36 -8.93
CA TRP B 227 67.56 15.08 -9.41
C TRP B 227 66.51 15.60 -8.43
N VAL B 228 65.46 16.20 -8.97
CA VAL B 228 64.38 16.70 -8.15
C VAL B 228 63.15 15.92 -8.61
N ARG B 229 62.18 15.72 -7.72
CA ARG B 229 61.00 14.93 -8.05
C ARG B 229 59.69 15.70 -7.94
N PRO B 230 59.40 16.57 -8.91
CA PRO B 230 58.15 17.33 -8.84
C PRO B 230 56.89 16.48 -8.92
N GLY B 231 55.98 16.70 -7.99
CA GLY B 231 54.72 16.00 -7.98
C GLY B 231 53.58 17.01 -8.05
N ILE B 232 53.07 17.42 -6.90
CA ILE B 232 51.95 18.36 -6.85
C ILE B 232 52.14 19.58 -7.74
N ILE B 233 53.28 20.27 -7.63
CA ILE B 233 53.53 21.46 -8.43
C ILE B 233 53.57 21.21 -9.94
N LEU B 234 53.86 19.98 -10.36
CA LEU B 234 53.92 19.64 -11.78
C LEU B 234 52.53 19.83 -12.38
N TYR B 235 51.51 19.66 -11.55
CA TYR B 235 50.12 19.80 -11.99
C TYR B 235 49.57 21.21 -11.78
N GLY B 236 50.45 22.15 -11.46
CA GLY B 236 50.06 23.52 -11.26
C GLY B 236 49.34 23.79 -9.95
N VAL B 237 49.55 22.92 -8.96
CA VAL B 237 48.92 23.07 -7.67
C VAL B 237 50.01 23.24 -6.60
N SER B 238 49.79 24.15 -5.66
CA SER B 238 50.74 24.45 -4.60
C SER B 238 50.85 23.37 -3.53
N PRO B 239 52.08 23.09 -3.05
CA PRO B 239 52.29 22.08 -2.01
C PRO B 239 52.12 22.67 -0.61
N LEU B 240 51.91 23.98 -0.55
CA LEU B 240 51.76 24.72 0.71
C LEU B 240 50.30 24.97 1.08
N GLU B 241 50.02 25.08 2.39
CA GLU B 241 48.66 25.37 2.87
C GLU B 241 48.59 26.80 3.37
N ASP B 242 49.19 27.72 2.61
CA ASP B 242 49.24 29.13 2.98
C ASP B 242 48.45 29.94 1.96
N ARG B 243 47.46 29.33 1.35
CA ARG B 243 46.65 30.04 0.37
C ARG B 243 47.31 30.34 -0.98
N SER B 244 48.51 29.84 -1.20
CA SER B 244 49.29 30.14 -2.40
C SER B 244 48.73 29.15 -3.45
N THR B 245 48.88 29.47 -4.72
CA THR B 245 48.41 28.60 -5.76
C THR B 245 49.56 28.24 -6.70
N GLY B 246 49.30 27.37 -7.67
CA GLY B 246 50.36 27.02 -8.59
C GLY B 246 50.89 28.24 -9.33
N ALA B 247 49.99 29.20 -9.60
CA ALA B 247 50.35 30.43 -10.32
C ALA B 247 51.32 31.32 -9.53
N ASP B 248 51.40 31.14 -8.22
CA ASP B 248 52.33 31.90 -7.38
C ASP B 248 53.75 31.54 -7.75
N PHE B 249 53.92 30.40 -8.40
CA PHE B 249 55.24 29.93 -8.79
C PHE B 249 55.41 29.82 -10.31
N GLY B 250 54.46 30.40 -11.03
CA GLY B 250 54.53 30.39 -12.47
C GLY B 250 54.06 29.11 -13.10
N CYS B 251 53.39 28.27 -12.31
CA CYS B 251 52.87 27.00 -12.81
C CYS B 251 51.37 27.12 -13.06
N GLN B 252 50.93 26.61 -14.21
CA GLN B 252 49.54 26.66 -14.62
C GLN B 252 48.74 25.43 -14.20
N PRO B 253 47.53 25.64 -13.66
CA PRO B 253 46.67 24.52 -13.24
C PRO B 253 46.28 23.62 -14.41
N VAL B 254 46.53 22.33 -14.25
CA VAL B 254 46.29 21.36 -15.29
C VAL B 254 44.88 20.78 -15.32
N MET B 255 44.31 20.56 -14.15
CA MET B 255 42.98 19.97 -14.01
C MET B 255 41.82 20.92 -13.78
N SER B 256 40.67 20.53 -14.34
CA SER B 256 39.40 21.23 -14.17
C SER B 256 38.37 20.14 -13.88
N LEU B 257 37.68 20.24 -12.75
CA LEU B 257 36.64 19.27 -12.45
C LEU B 257 35.36 19.98 -12.89
N THR B 258 34.67 19.43 -13.89
CA THR B 258 33.46 20.07 -14.40
C THR B 258 32.25 19.16 -14.44
N SER B 259 31.08 19.76 -14.61
CA SER B 259 29.83 19.00 -14.70
C SER B 259 28.72 19.91 -15.27
N SER B 260 27.47 19.57 -14.99
CA SER B 260 26.33 20.34 -15.50
C SER B 260 25.20 20.36 -14.49
N LEU B 261 24.27 21.30 -14.67
CA LEU B 261 23.11 21.38 -13.79
C LEU B 261 22.13 20.39 -14.38
N ILE B 262 21.42 19.66 -13.50
CA ILE B 262 20.42 18.73 -14.00
C ILE B 262 19.03 19.22 -13.58
N ALA B 263 18.99 20.34 -12.87
CA ALA B 263 17.73 20.92 -12.43
C ALA B 263 17.88 22.33 -11.81
N VAL B 264 16.91 23.19 -12.08
CA VAL B 264 16.85 24.54 -11.53
C VAL B 264 15.40 24.56 -11.00
N ARG B 265 15.27 24.70 -9.70
CA ARG B 265 13.97 24.64 -9.03
C ARG B 265 13.67 25.85 -8.17
N GLU B 266 12.38 26.09 -7.92
CA GLU B 266 11.93 27.18 -7.05
C GLU B 266 12.10 26.67 -5.62
N HIS B 267 12.29 27.57 -4.68
CA HIS B 267 12.49 27.22 -3.30
C HIS B 267 11.96 28.36 -2.43
N LYS B 268 11.39 28.05 -1.28
CA LYS B 268 10.83 29.10 -0.42
C LYS B 268 11.63 29.37 0.84
N ALA B 269 11.38 30.53 1.43
CA ALA B 269 12.06 30.94 2.64
C ALA B 269 11.68 30.01 3.78
N GLY B 270 12.65 29.70 4.63
CA GLY B 270 12.43 28.82 5.76
C GLY B 270 12.52 27.34 5.42
N GLU B 271 12.60 27.02 4.13
CA GLU B 271 12.68 25.63 3.69
C GLU B 271 14.10 25.13 3.68
N PRO B 272 14.33 23.93 4.25
CA PRO B 272 15.67 23.30 4.32
C PRO B 272 16.04 22.62 3.00
N VAL B 273 17.33 22.33 2.84
CA VAL B 273 17.82 21.65 1.65
C VAL B 273 18.78 20.51 2.00
N GLY B 274 18.58 19.36 1.37
CA GLY B 274 19.46 18.23 1.58
C GLY B 274 19.27 17.40 2.84
N TYR B 275 20.14 16.41 3.00
CA TYR B 275 20.10 15.51 4.16
C TYR B 275 20.36 16.25 5.46
N GLY B 276 19.53 15.94 6.45
CA GLY B 276 19.66 16.57 7.75
C GLY B 276 19.12 17.98 7.80
N GLY B 277 18.53 18.44 6.70
CA GLY B 277 18.01 19.81 6.65
C GLY B 277 19.04 20.81 7.12
N THR B 278 20.29 20.61 6.80
CA THR B 278 21.32 21.35 7.43
C THR B 278 21.42 22.82 6.94
N TRP B 279 20.80 23.12 5.83
CA TRP B 279 20.77 24.51 5.40
C TRP B 279 19.34 24.96 5.19
N VAL B 280 18.99 26.13 5.73
CA VAL B 280 17.64 26.68 5.59
C VAL B 280 17.72 28.02 4.87
N SER B 281 16.85 28.22 3.88
CA SER B 281 16.83 29.47 3.11
C SER B 281 16.10 30.58 3.85
N GLU B 282 16.68 31.77 3.84
CA GLU B 282 16.06 32.92 4.49
C GLU B 282 15.31 33.76 3.46
N ARG B 283 15.25 33.26 2.24
CA ARG B 283 14.54 33.93 1.17
C ARG B 283 14.05 32.99 0.07
N ASP B 284 13.04 33.43 -0.68
CA ASP B 284 12.55 32.65 -1.80
C ASP B 284 13.71 32.74 -2.79
N THR B 285 14.09 31.61 -3.37
CA THR B 285 15.21 31.62 -4.29
C THR B 285 15.06 30.48 -5.29
N ARG B 286 16.06 30.30 -6.13
CA ARG B 286 16.07 29.20 -7.09
C ARG B 286 17.33 28.42 -6.78
N LEU B 287 17.17 27.10 -6.74
CA LEU B 287 18.29 26.21 -6.47
C LEU B 287 18.71 25.46 -7.73
N GLY B 288 20.01 25.20 -7.82
CA GLY B 288 20.53 24.44 -8.94
C GLY B 288 21.02 23.10 -8.43
N VAL B 289 20.83 22.05 -9.22
CA VAL B 289 21.30 20.71 -8.82
C VAL B 289 22.40 20.30 -9.82
N VAL B 290 23.58 20.04 -9.28
CA VAL B 290 24.74 19.67 -10.09
C VAL B 290 24.93 18.15 -10.12
N ALA B 291 25.29 17.65 -11.29
CA ALA B 291 25.56 16.23 -11.47
C ALA B 291 26.99 16.01 -10.97
N MET B 292 27.16 16.10 -9.65
CA MET B 292 28.46 15.92 -9.00
C MET B 292 28.24 15.58 -7.52
N GLY B 293 29.05 14.65 -7.01
CA GLY B 293 28.95 14.24 -5.62
C GLY B 293 30.21 13.52 -5.20
N TYR B 294 30.24 12.99 -3.97
CA TYR B 294 31.43 12.29 -3.53
C TYR B 294 31.61 10.93 -4.24
N GLY B 295 30.55 10.48 -4.93
CA GLY B 295 30.62 9.25 -5.69
C GLY B 295 31.49 9.48 -6.93
N ASP B 296 31.85 10.74 -7.14
CA ASP B 296 32.71 11.16 -8.25
C ASP B 296 34.09 11.57 -7.71
N GLY B 297 34.14 11.86 -6.42
CA GLY B 297 35.38 12.29 -5.83
C GLY B 297 35.30 13.63 -5.13
N TYR B 298 34.19 14.36 -5.32
CA TYR B 298 34.03 15.65 -4.67
C TYR B 298 33.82 15.45 -3.17
N PRO B 299 34.59 16.16 -2.34
CA PRO B 299 34.52 16.05 -0.88
C PRO B 299 33.18 16.24 -0.20
N ARG B 300 32.74 15.22 0.53
CA ARG B 300 31.48 15.30 1.26
C ARG B 300 31.62 16.36 2.36
N ALA B 301 32.86 16.60 2.80
CA ALA B 301 33.16 17.58 3.84
C ALA B 301 32.93 19.04 3.43
N ALA B 302 32.68 19.30 2.15
CA ALA B 302 32.45 20.66 1.67
C ALA B 302 31.25 21.29 2.39
N PRO B 303 31.49 22.40 3.11
CA PRO B 303 30.40 23.06 3.83
C PRO B 303 29.53 23.94 2.95
N SER B 304 28.36 24.31 3.47
CA SER B 304 27.46 25.20 2.73
C SER B 304 28.30 26.47 2.58
N GLY B 305 28.23 27.12 1.43
CA GLY B 305 29.00 28.33 1.25
C GLY B 305 30.21 28.07 0.36
N THR B 306 30.62 26.80 0.22
CA THR B 306 31.76 26.47 -0.63
C THR B 306 31.40 26.94 -2.04
N PRO B 307 32.35 27.61 -2.72
CA PRO B 307 32.11 28.12 -4.07
C PRO B 307 32.18 27.11 -5.23
N VAL B 308 31.31 27.32 -6.20
CA VAL B 308 31.25 26.54 -7.43
C VAL B 308 30.86 27.56 -8.50
N LEU B 309 31.30 27.36 -9.74
CA LEU B 309 30.96 28.29 -10.80
C LEU B 309 29.90 27.72 -11.70
N VAL B 310 28.78 28.44 -11.81
CA VAL B 310 27.68 28.05 -12.68
C VAL B 310 27.62 29.16 -13.74
N ASN B 311 27.79 28.78 -15.00
CA ASN B 311 27.79 29.74 -16.11
C ASN B 311 28.82 30.82 -15.82
N GLY B 312 29.96 30.39 -15.27
CA GLY B 312 31.05 31.31 -14.97
C GLY B 312 30.95 32.20 -13.74
N ARG B 313 29.82 32.18 -13.03
CA ARG B 313 29.73 33.01 -11.85
C ARG B 313 29.66 32.13 -10.63
N GLU B 314 30.28 32.58 -9.57
CA GLU B 314 30.34 31.88 -8.30
C GLU B 314 29.01 31.84 -7.53
N VAL B 315 28.62 30.64 -7.11
CA VAL B 315 27.42 30.41 -6.33
C VAL B 315 27.81 29.46 -5.20
N PRO B 316 27.13 29.55 -4.05
CA PRO B 316 27.45 28.68 -2.92
C PRO B 316 26.72 27.34 -2.86
N ILE B 317 27.43 26.35 -2.34
CA ILE B 317 26.85 25.02 -2.14
C ILE B 317 25.92 25.22 -0.93
N VAL B 318 24.74 24.60 -0.96
CA VAL B 318 23.82 24.69 0.16
C VAL B 318 23.35 23.29 0.52
N GLY B 319 23.55 22.94 1.79
CA GLY B 319 23.14 21.65 2.26
C GLY B 319 24.27 20.67 2.06
N ARG B 320 24.13 19.45 2.59
CA ARG B 320 25.15 18.42 2.46
C ARG B 320 25.40 18.03 1.01
N VAL B 321 26.66 17.71 0.71
CA VAL B 321 27.06 17.22 -0.60
C VAL B 321 26.61 15.75 -0.57
N ALA B 322 25.91 15.30 -1.59
CA ALA B 322 25.45 13.92 -1.61
C ALA B 322 26.33 13.08 -2.54
N MET B 323 26.01 11.79 -2.65
CA MET B 323 26.79 10.87 -3.47
C MET B 323 26.86 11.25 -4.93
N ASP B 324 25.72 11.68 -5.50
CA ASP B 324 25.67 12.01 -6.93
C ASP B 324 25.26 13.44 -7.26
N MET B 325 24.75 14.15 -6.26
CA MET B 325 24.29 15.52 -6.47
C MET B 325 24.77 16.54 -5.45
N ILE B 326 24.79 17.78 -5.91
CA ILE B 326 25.17 18.92 -5.10
C ILE B 326 24.19 20.05 -5.43
N CYS B 327 23.67 20.70 -4.39
CA CYS B 327 22.75 21.82 -4.57
C CYS B 327 23.47 23.14 -4.33
N VAL B 328 23.14 24.13 -5.16
CA VAL B 328 23.72 25.47 -5.04
C VAL B 328 22.56 26.47 -5.06
N ASP B 329 22.80 27.65 -4.51
CA ASP B 329 21.79 28.71 -4.46
C ASP B 329 22.09 29.64 -5.64
N LEU B 330 21.12 29.78 -6.54
CA LEU B 330 21.29 30.61 -7.73
C LEU B 330 20.71 32.02 -7.60
N GLY B 331 19.68 32.17 -6.78
CA GLY B 331 19.03 33.45 -6.64
C GLY B 331 17.60 33.34 -7.13
N PRO B 332 16.66 34.11 -6.59
CA PRO B 332 15.25 34.08 -6.97
C PRO B 332 14.82 34.23 -8.43
N GLN B 333 15.64 34.91 -9.24
CA GLN B 333 15.29 35.14 -10.65
C GLN B 333 16.48 34.76 -11.55
N ALA B 334 17.23 33.82 -11.05
CA ALA B 334 18.44 33.47 -11.68
C ALA B 334 18.07 32.90 -13.01
N GLN B 335 18.72 33.27 -14.07
CA GLN B 335 18.38 32.68 -15.35
C GLN B 335 18.96 31.34 -15.78
N ASP B 336 19.51 30.57 -14.86
CA ASP B 336 20.36 29.42 -15.15
C ASP B 336 19.37 28.29 -15.45
N LYS B 337 19.74 27.39 -16.35
CA LYS B 337 18.83 26.30 -16.72
C LYS B 337 19.54 24.95 -16.60
N ALA B 338 18.75 23.87 -16.50
CA ALA B 338 19.33 22.55 -16.43
C ALA B 338 20.13 22.41 -17.73
N GLY B 339 21.31 21.79 -17.64
CA GLY B 339 22.14 21.61 -18.82
C GLY B 339 23.28 22.59 -18.88
N ASP B 340 23.22 23.66 -18.08
CA ASP B 340 24.27 24.67 -18.08
C ASP B 340 25.56 24.17 -17.42
N PRO B 341 26.71 24.69 -17.89
CA PRO B 341 28.05 24.33 -17.39
C PRO B 341 28.36 24.70 -15.95
N VAL B 342 28.98 23.77 -15.24
CA VAL B 342 29.36 23.97 -13.85
C VAL B 342 30.84 23.65 -13.66
N ILE B 343 31.55 24.50 -12.91
CA ILE B 343 32.95 24.29 -12.62
C ILE B 343 33.19 24.10 -11.13
N LEU B 344 33.60 22.89 -10.73
CA LEU B 344 33.87 22.56 -9.33
C LEU B 344 35.22 23.17 -8.96
N TRP B 345 36.14 23.15 -9.92
CA TRP B 345 37.43 23.80 -9.79
C TRP B 345 38.13 23.76 -11.15
N GLY B 346 38.82 24.85 -11.46
CA GLY B 346 39.53 24.96 -12.72
C GLY B 346 39.72 26.43 -13.02
N GLU B 347 39.39 26.85 -14.24
CA GLU B 347 39.56 28.24 -14.62
C GLU B 347 38.66 29.19 -13.84
N GLY B 348 39.28 30.07 -13.06
CA GLY B 348 38.52 31.02 -12.27
C GLY B 348 38.22 30.49 -10.88
N LEU B 349 38.66 29.27 -10.60
CA LEU B 349 38.44 28.68 -9.29
C LEU B 349 39.51 27.60 -9.00
N PRO B 350 40.67 28.01 -8.44
CA PRO B 350 41.80 27.15 -8.09
C PRO B 350 41.40 26.07 -7.09
N VAL B 351 41.92 24.85 -7.25
CA VAL B 351 41.60 23.79 -6.32
C VAL B 351 42.07 24.18 -4.91
N GLU B 352 43.13 25.01 -4.82
CA GLU B 352 43.65 25.47 -3.52
C GLU B 352 42.59 26.27 -2.77
N ARG B 353 41.78 27.02 -3.51
CA ARG B 353 40.70 27.78 -2.92
C ARG B 353 39.65 26.83 -2.34
N ILE B 354 39.34 25.76 -3.06
CA ILE B 354 38.39 24.78 -2.55
C ILE B 354 39.02 24.02 -1.38
N ALA B 355 40.35 23.92 -1.39
CA ALA B 355 41.07 23.22 -0.34
C ALA B 355 40.84 24.01 0.94
N GLU B 356 41.09 25.30 0.84
CA GLU B 356 40.92 26.21 1.94
C GLU B 356 39.49 26.24 2.50
N MET B 357 38.51 26.40 1.62
CA MET B 357 37.10 26.44 2.01
C MET B 357 36.62 25.16 2.66
N THR B 358 37.05 24.00 2.15
CA THR B 358 36.60 22.73 2.71
C THR B 358 37.53 22.16 3.78
N LYS B 359 38.75 22.70 3.86
CA LYS B 359 39.75 22.24 4.82
C LYS B 359 40.26 20.85 4.46
N VAL B 360 40.18 20.55 3.17
CA VAL B 360 40.63 19.28 2.63
C VAL B 360 41.92 19.62 1.86
N SER B 361 42.97 18.81 2.04
CA SER B 361 44.22 19.07 1.34
C SER B 361 44.06 18.98 -0.17
N ALA B 362 44.68 19.92 -0.89
CA ALA B 362 44.62 19.93 -2.35
C ALA B 362 45.11 18.60 -2.96
N TYR B 363 46.07 17.97 -2.28
CA TYR B 363 46.63 16.67 -2.71
C TYR B 363 45.52 15.65 -2.82
N GLU B 364 44.69 15.59 -1.77
CA GLU B 364 43.59 14.64 -1.72
C GLU B 364 42.47 15.01 -2.70
N LEU B 365 42.18 16.30 -2.80
CA LEU B 365 41.13 16.78 -3.70
C LEU B 365 41.32 16.34 -5.14
N ILE B 366 42.51 16.60 -5.69
CA ILE B 366 42.78 16.22 -7.06
C ILE B 366 43.02 14.71 -7.25
N THR B 367 43.49 14.05 -6.19
CA THR B 367 43.82 12.63 -6.25
C THR B 367 42.72 11.63 -5.90
N ARG B 368 41.92 11.91 -4.87
CA ARG B 368 40.91 10.94 -4.47
C ARG B 368 39.56 11.06 -5.20
N LEU B 369 39.65 10.91 -6.53
CA LEU B 369 38.50 10.95 -7.41
C LEU B 369 38.24 9.52 -7.84
N THR B 370 36.99 9.21 -8.15
CA THR B 370 36.60 7.87 -8.57
C THR B 370 36.66 7.66 -10.08
N SER B 371 36.40 6.43 -10.50
CA SER B 371 36.42 6.09 -11.93
C SER B 371 35.20 6.57 -12.70
N ARG B 372 34.23 7.13 -11.98
CA ARG B 372 32.98 7.59 -12.57
C ARG B 372 33.18 8.86 -13.40
N VAL B 373 34.18 9.66 -13.07
CA VAL B 373 34.51 10.80 -13.88
C VAL B 373 35.13 10.49 -15.19
N ALA B 374 34.64 11.19 -16.18
CA ALA B 374 35.16 11.01 -17.53
C ALA B 374 36.44 11.84 -17.71
N MET B 375 37.42 11.28 -18.42
CA MET B 375 38.66 12.01 -18.62
C MET B 375 38.72 12.63 -20.02
N LYS B 376 39.09 13.90 -20.08
CA LYS B 376 39.20 14.63 -21.34
C LYS B 376 40.52 15.41 -21.38
N TYR B 377 41.18 15.35 -22.52
CA TYR B 377 42.46 16.00 -22.77
C TYR B 377 42.41 17.06 -23.81
N VAL B 378 42.87 18.22 -23.44
CA VAL B 378 42.94 19.34 -24.34
C VAL B 378 44.29 19.98 -24.57
N ASP B 379 44.34 20.72 -25.63
CA ASP B 379 45.38 21.67 -25.83
C ASP B 379 45.21 23.17 -25.60
N ALA C 23 -47.64 -7.40 -11.11
CA ALA C 23 -47.74 -6.87 -9.76
C ALA C 23 -46.32 -6.54 -9.31
N ALA C 24 -46.07 -6.72 -8.02
CA ALA C 24 -44.76 -6.48 -7.42
C ALA C 24 -43.61 -7.06 -8.27
N THR C 25 -42.86 -6.17 -8.90
CA THR C 25 -41.74 -6.55 -9.76
C THR C 25 -40.50 -5.71 -9.46
N VAL C 26 -39.36 -6.38 -9.26
CA VAL C 26 -38.10 -5.69 -9.03
C VAL C 26 -37.37 -5.71 -10.37
N VAL C 27 -37.13 -4.53 -10.94
CA VAL C 27 -36.43 -4.44 -12.22
C VAL C 27 -34.96 -4.08 -11.99
N ILE C 28 -34.06 -4.93 -12.49
CA ILE C 28 -32.64 -4.73 -12.29
C ILE C 28 -31.95 -4.30 -13.58
N ASN C 29 -31.31 -3.15 -13.49
CA ASN C 29 -30.62 -2.58 -14.63
C ASN C 29 -29.19 -3.10 -14.68
N ARG C 30 -28.93 -4.00 -15.63
CA ARG C 30 -27.61 -4.59 -15.76
C ARG C 30 -26.55 -3.60 -16.25
N ARG C 31 -26.97 -2.58 -17.00
CA ARG C 31 -26.04 -1.60 -17.51
C ARG C 31 -25.55 -0.71 -16.38
N ALA C 32 -26.45 -0.35 -15.48
CA ALA C 32 -26.11 0.50 -14.35
C ALA C 32 -25.10 -0.23 -13.47
N LEU C 33 -25.35 -1.51 -13.26
CA LEU C 33 -24.49 -2.38 -12.45
C LEU C 33 -23.04 -2.40 -12.97
N ARG C 34 -22.88 -2.62 -14.28
CA ARG C 34 -21.54 -2.64 -14.89
C ARG C 34 -20.89 -1.27 -14.80
N HIS C 35 -21.67 -0.22 -15.00
CA HIS C 35 -21.17 1.13 -14.91
C HIS C 35 -20.63 1.43 -13.52
N ASN C 36 -21.33 1.01 -12.51
CA ASN C 36 -20.89 1.28 -11.14
C ASN C 36 -19.59 0.57 -10.76
N LEU C 37 -19.36 -0.62 -11.30
CA LEU C 37 -18.14 -1.37 -10.99
C LEU C 37 -16.97 -0.61 -11.60
N GLN C 38 -17.15 -0.18 -12.85
CA GLN C 38 -16.11 0.55 -13.57
C GLN C 38 -15.89 1.92 -12.93
N ARG C 39 -16.99 2.56 -12.54
CA ARG C 39 -16.94 3.86 -11.89
C ARG C 39 -16.14 3.77 -10.57
N LEU C 40 -16.34 2.68 -9.83
CA LEU C 40 -15.63 2.46 -8.57
C LEU C 40 -14.15 2.18 -8.81
N ARG C 41 -13.81 1.54 -9.93
CA ARG C 41 -12.41 1.30 -10.22
C ARG C 41 -11.71 2.63 -10.44
N GLU C 42 -12.47 3.60 -10.94
CA GLU C 42 -11.93 4.94 -11.19
C GLU C 42 -11.67 5.68 -9.88
N LEU C 43 -12.46 5.36 -8.87
CA LEU C 43 -12.31 5.97 -7.55
C LEU C 43 -11.20 5.29 -6.74
N ALA C 44 -11.04 3.99 -6.94
CA ALA C 44 -9.99 3.21 -6.28
C ALA C 44 -9.21 2.49 -7.40
N PRO C 45 -8.47 3.27 -8.22
CA PRO C 45 -7.68 2.78 -9.36
C PRO C 45 -6.54 1.79 -9.12
N ALA C 46 -6.11 1.65 -7.85
CA ALA C 46 -5.03 0.72 -7.52
C ALA C 46 -5.51 -0.42 -6.62
N SER C 47 -6.82 -0.66 -6.58
CA SER C 47 -7.35 -1.70 -5.71
C SER C 47 -8.22 -2.69 -6.48
N LYS C 48 -8.14 -3.96 -6.11
CA LYS C 48 -8.97 -4.97 -6.76
C LYS C 48 -10.36 -4.92 -6.13
N MET C 49 -11.34 -5.47 -6.84
CA MET C 49 -12.72 -5.43 -6.41
C MET C 49 -13.35 -6.72 -5.91
N VAL C 50 -13.96 -6.65 -4.73
CA VAL C 50 -14.69 -7.77 -4.17
C VAL C 50 -16.12 -7.29 -4.28
N ALA C 51 -16.85 -7.77 -5.29
CA ALA C 51 -18.23 -7.37 -5.46
C ALA C 51 -19.03 -8.10 -4.39
N VAL C 52 -19.50 -7.37 -3.39
CA VAL C 52 -20.30 -7.94 -2.29
C VAL C 52 -21.74 -8.19 -2.74
N VAL C 53 -22.05 -9.48 -2.91
CA VAL C 53 -23.35 -9.92 -3.39
C VAL C 53 -24.16 -10.73 -2.39
N LYS C 54 -23.85 -10.58 -1.10
CA LYS C 54 -24.57 -11.30 -0.06
C LYS C 54 -26.01 -10.80 0.11
N ALA C 55 -26.85 -11.60 0.77
CA ALA C 55 -28.26 -11.26 1.00
C ALA C 55 -28.99 -11.06 -0.33
N ASN C 56 -28.85 -12.07 -1.21
CA ASN C 56 -29.44 -12.07 -2.55
C ASN C 56 -29.01 -10.82 -3.32
N ALA C 57 -27.74 -10.47 -3.18
CA ALA C 57 -27.14 -9.30 -3.83
C ALA C 57 -27.89 -8.04 -3.41
N TYR C 58 -28.12 -7.90 -2.12
CA TYR C 58 -28.83 -6.74 -1.57
C TYR C 58 -30.21 -6.58 -2.21
N GLY C 59 -30.83 -7.71 -2.53
CA GLY C 59 -32.17 -7.69 -3.12
C GLY C 59 -32.20 -7.65 -4.64
N HIS C 60 -31.04 -7.62 -5.27
CA HIS C 60 -30.97 -7.56 -6.74
C HIS C 60 -30.77 -8.92 -7.41
N GLY C 61 -30.56 -9.96 -6.60
CA GLY C 61 -30.37 -11.28 -7.16
C GLY C 61 -28.93 -11.75 -7.11
N LEU C 62 -28.65 -12.70 -6.22
CA LEU C 62 -27.30 -13.24 -6.04
C LEU C 62 -26.58 -13.69 -7.32
N LEU C 63 -27.15 -14.67 -8.02
CA LEU C 63 -26.53 -15.20 -9.22
C LEU C 63 -26.56 -14.24 -10.41
N GLU C 64 -27.66 -13.53 -10.62
CA GLU C 64 -27.72 -12.60 -11.74
C GLU C 64 -26.78 -11.42 -11.59
N THR C 65 -26.61 -10.92 -10.36
CA THR C 65 -25.70 -9.81 -10.12
C THR C 65 -24.25 -10.26 -10.42
N ALA C 66 -23.95 -11.52 -10.11
CA ALA C 66 -22.63 -12.08 -10.35
C ALA C 66 -22.41 -12.32 -11.85
N ARG C 67 -23.45 -12.79 -12.54
CA ARG C 67 -23.35 -13.03 -13.98
C ARG C 67 -23.10 -11.74 -14.76
N THR C 68 -23.66 -10.62 -14.30
CA THR C 68 -23.47 -9.38 -15.02
C THR C 68 -22.15 -8.68 -14.70
N LEU C 69 -21.42 -9.19 -13.71
CA LEU C 69 -20.15 -8.58 -13.30
C LEU C 69 -18.95 -9.54 -13.37
N PRO C 70 -18.68 -10.11 -14.55
CA PRO C 70 -17.54 -11.02 -14.68
C PRO C 70 -16.19 -10.34 -14.52
N ASP C 71 -16.20 -9.01 -14.50
CA ASP C 71 -14.98 -8.23 -14.36
C ASP C 71 -14.54 -8.10 -12.89
N ALA C 72 -15.41 -8.48 -11.96
CA ALA C 72 -15.08 -8.41 -10.55
C ALA C 72 -13.88 -9.32 -10.26
N ASP C 73 -13.01 -8.91 -9.36
CA ASP C 73 -11.85 -9.71 -9.01
C ASP C 73 -12.25 -10.88 -8.11
N ALA C 74 -13.36 -10.71 -7.40
CA ALA C 74 -13.90 -11.72 -6.50
C ALA C 74 -15.32 -11.30 -6.10
N PHE C 75 -16.04 -12.24 -5.49
CA PHE C 75 -17.39 -11.98 -5.01
C PHE C 75 -17.41 -12.25 -3.53
N GLY C 76 -18.06 -11.38 -2.77
CA GLY C 76 -18.14 -11.59 -1.33
C GLY C 76 -19.52 -12.01 -0.87
N VAL C 77 -19.58 -12.99 0.03
CA VAL C 77 -20.85 -13.46 0.57
C VAL C 77 -20.75 -13.55 2.10
N ALA C 78 -21.89 -13.65 2.77
CA ALA C 78 -21.95 -13.75 4.23
C ALA C 78 -21.79 -15.20 4.68
N ARG C 79 -22.32 -16.11 3.93
CA ARG C 79 -22.51 -17.46 4.36
C ARG C 79 -22.07 -18.43 3.27
N LEU C 80 -21.49 -19.55 3.66
CA LEU C 80 -21.15 -20.63 2.72
C LEU C 80 -22.21 -21.04 1.68
N GLU C 81 -23.47 -20.94 2.03
CA GLU C 81 -24.49 -21.44 1.14
C GLU C 81 -24.61 -20.54 -0.05
N GLU C 82 -24.33 -19.29 0.18
CA GLU C 82 -24.40 -18.26 -0.86
C GLU C 82 -23.28 -18.50 -1.87
N ALA C 83 -22.11 -18.86 -1.35
CA ALA C 83 -20.94 -19.15 -2.18
C ALA C 83 -21.20 -20.37 -3.05
N LEU C 84 -21.85 -21.38 -2.46
CA LEU C 84 -22.16 -22.61 -3.18
C LEU C 84 -23.22 -22.39 -4.25
N ARG C 85 -24.13 -21.45 -4.03
CA ARG C 85 -25.14 -21.18 -5.04
C ARG C 85 -24.46 -20.55 -6.24
N LEU C 86 -23.44 -19.74 -5.96
CA LEU C 86 -22.70 -19.08 -7.03
C LEU C 86 -22.02 -20.15 -7.88
N ARG C 87 -21.36 -21.11 -7.24
CA ARG C 87 -20.70 -22.20 -7.95
C ARG C 87 -21.73 -23.03 -8.71
N ALA C 88 -22.85 -23.30 -8.05
CA ALA C 88 -23.93 -24.08 -8.64
C ALA C 88 -24.48 -23.41 -9.90
N GLY C 89 -24.47 -22.07 -9.91
CA GLY C 89 -24.96 -21.32 -11.04
C GLY C 89 -23.94 -21.10 -12.15
N GLY C 90 -22.72 -21.56 -11.93
CA GLY C 90 -21.70 -21.40 -12.96
C GLY C 90 -20.66 -20.32 -12.73
N ILE C 91 -20.72 -19.59 -11.60
CA ILE C 91 -19.71 -18.56 -11.32
C ILE C 91 -18.40 -19.27 -10.93
N THR C 92 -17.31 -18.94 -11.64
CA THR C 92 -16.00 -19.59 -11.40
C THR C 92 -15.03 -18.69 -10.67
N LYS C 93 -15.35 -17.41 -10.64
CA LYS C 93 -14.52 -16.41 -10.02
C LYS C 93 -14.37 -16.67 -8.51
N PRO C 94 -13.27 -16.19 -7.89
CA PRO C 94 -13.06 -16.42 -6.46
C PRO C 94 -14.19 -15.85 -5.61
N VAL C 95 -14.59 -16.61 -4.59
CA VAL C 95 -15.64 -16.16 -3.69
C VAL C 95 -15.05 -16.04 -2.29
N LEU C 96 -15.23 -14.88 -1.68
CA LEU C 96 -14.73 -14.60 -0.34
C LEU C 96 -15.80 -14.75 0.72
N LEU C 97 -15.55 -15.64 1.68
CA LEU C 97 -16.47 -15.88 2.79
C LEU C 97 -16.16 -14.85 3.89
N LEU C 98 -16.83 -13.72 3.83
CA LEU C 98 -16.62 -12.61 4.78
C LEU C 98 -16.71 -13.00 6.25
N GLU C 99 -17.50 -14.03 6.57
CA GLU C 99 -17.65 -14.48 7.96
C GLU C 99 -16.90 -15.77 8.25
N GLY C 100 -16.22 -16.29 7.24
CA GLY C 100 -15.49 -17.54 7.39
C GLY C 100 -16.44 -18.71 7.36
N PHE C 101 -15.98 -19.86 7.85
CA PHE C 101 -16.81 -21.06 7.88
C PHE C 101 -17.31 -21.35 9.30
N PHE C 102 -18.50 -21.93 9.38
CA PHE C 102 -19.11 -22.23 10.66
C PHE C 102 -18.91 -23.67 11.14
N ASP C 103 -18.43 -24.54 10.25
CA ASP C 103 -18.21 -25.94 10.59
C ASP C 103 -16.87 -26.44 10.03
N ALA C 104 -16.04 -27.03 10.88
CA ALA C 104 -14.74 -27.54 10.46
C ALA C 104 -14.85 -28.56 9.33
N ARG C 105 -16.00 -29.23 9.25
CA ARG C 105 -16.24 -30.24 8.22
C ARG C 105 -16.49 -29.65 6.83
N ASP C 106 -16.54 -28.33 6.76
CA ASP C 106 -16.77 -27.64 5.49
C ASP C 106 -15.48 -27.27 4.78
N LEU C 107 -14.35 -27.46 5.45
CA LEU C 107 -13.06 -27.12 4.86
C LEU C 107 -12.72 -27.88 3.58
N PRO C 108 -13.07 -29.17 3.50
CA PRO C 108 -12.75 -29.91 2.28
C PRO C 108 -13.48 -29.32 1.08
N THR C 109 -14.72 -28.88 1.30
CA THR C 109 -15.52 -28.28 0.25
C THR C 109 -14.97 -26.89 -0.13
N ILE C 110 -14.58 -26.12 0.88
CA ILE C 110 -14.06 -24.77 0.66
C ILE C 110 -12.75 -24.84 -0.12
N SER C 111 -11.96 -25.88 0.16
CA SER C 111 -10.68 -26.09 -0.51
C SER C 111 -10.90 -26.45 -1.98
N ALA C 112 -11.81 -27.38 -2.22
CA ALA C 112 -12.13 -27.85 -3.56
C ALA C 112 -12.88 -26.83 -4.42
N GLN C 113 -13.66 -25.96 -3.78
CA GLN C 113 -14.41 -24.93 -4.50
C GLN C 113 -13.59 -23.68 -4.72
N HIS C 114 -12.41 -23.66 -4.11
CA HIS C 114 -11.50 -22.52 -4.20
C HIS C 114 -12.13 -21.25 -3.65
N PHE C 115 -12.72 -21.38 -2.47
CA PHE C 115 -13.35 -20.26 -1.77
C PHE C 115 -12.28 -19.65 -0.87
N HIS C 116 -12.22 -18.31 -0.82
CA HIS C 116 -11.28 -17.66 0.07
C HIS C 116 -12.08 -17.49 1.36
N THR C 117 -11.43 -17.60 2.50
CA THR C 117 -12.18 -17.48 3.74
C THR C 117 -11.52 -16.56 4.75
N ALA C 118 -12.38 -15.92 5.54
CA ALA C 118 -11.93 -15.06 6.63
C ALA C 118 -11.69 -16.06 7.77
N VAL C 119 -10.88 -15.68 8.73
CA VAL C 119 -10.61 -16.53 9.88
C VAL C 119 -10.60 -15.56 11.06
N HIS C 120 -11.60 -15.68 11.92
CA HIS C 120 -11.73 -14.78 13.06
C HIS C 120 -11.71 -15.41 14.45
N ASN C 121 -11.84 -16.73 14.54
CA ASN C 121 -11.82 -17.37 15.85
C ASN C 121 -10.96 -18.63 15.95
N GLU C 122 -10.76 -19.08 17.19
CA GLU C 122 -9.96 -20.26 17.51
C GLU C 122 -10.46 -21.53 16.80
N GLU C 123 -11.77 -21.67 16.72
CA GLU C 123 -12.37 -22.84 16.08
C GLU C 123 -11.90 -23.02 14.64
N GLN C 124 -11.95 -21.93 13.88
CA GLN C 124 -11.53 -21.96 12.48
C GLN C 124 -10.04 -22.22 12.33
N LEU C 125 -9.22 -21.53 13.12
CA LEU C 125 -7.77 -21.70 13.09
C LEU C 125 -7.36 -23.13 13.43
N ALA C 126 -7.90 -23.67 14.51
CA ALA C 126 -7.61 -25.02 14.96
C ALA C 126 -8.10 -26.01 13.90
N ALA C 127 -9.21 -25.70 13.28
CA ALA C 127 -9.74 -26.55 12.26
C ALA C 127 -8.85 -26.59 11.02
N LEU C 128 -8.17 -25.49 10.79
CA LEU C 128 -7.12 -25.40 9.80
C LEU C 128 -5.82 -26.04 10.19
N GLU C 129 -5.51 -26.07 11.46
CA GLU C 129 -4.29 -26.68 11.90
C GLU C 129 -4.32 -28.19 11.79
N GLU C 130 -5.49 -28.78 11.92
CA GLU C 130 -5.56 -30.24 11.93
C GLU C 130 -6.32 -30.94 10.82
N ALA C 131 -6.89 -30.17 9.90
CA ALA C 131 -7.60 -30.76 8.78
C ALA C 131 -6.56 -31.32 7.83
N SER C 132 -7.01 -32.16 6.90
CA SER C 132 -6.12 -32.72 5.89
C SER C 132 -6.83 -32.43 4.57
N LEU C 133 -6.30 -31.48 3.82
CA LEU C 133 -6.89 -31.06 2.56
C LEU C 133 -6.00 -31.36 1.35
N ASP C 134 -6.64 -31.63 0.21
CA ASP C 134 -5.91 -31.93 -1.02
C ASP C 134 -5.30 -30.66 -1.60
N GLU C 135 -5.76 -29.51 -1.09
CA GLU C 135 -5.26 -28.22 -1.53
C GLU C 135 -5.35 -27.17 -0.42
N PRO C 136 -4.32 -26.33 -0.31
CA PRO C 136 -4.36 -25.30 0.75
C PRO C 136 -5.41 -24.25 0.34
N VAL C 137 -5.96 -23.54 1.32
CA VAL C 137 -6.96 -22.52 1.04
C VAL C 137 -6.40 -21.13 1.33
N THR C 138 -6.75 -20.15 0.49
CA THR C 138 -6.27 -18.80 0.72
C THR C 138 -7.15 -18.18 1.82
N VAL C 139 -6.50 -17.58 2.79
CA VAL C 139 -7.17 -17.02 3.96
C VAL C 139 -7.02 -15.51 4.15
N TRP C 140 -8.03 -14.90 4.75
CA TRP C 140 -8.02 -13.48 5.07
C TRP C 140 -8.25 -13.40 6.57
N MET C 141 -7.19 -13.19 7.35
CA MET C 141 -7.32 -13.08 8.79
C MET C 141 -8.12 -11.82 9.12
N LEU C 143 -9.19 -8.98 11.47
CA LEU C 143 -8.71 -8.25 12.62
C LEU C 143 -9.79 -7.29 13.14
N ASP C 144 -10.03 -7.32 14.45
CA ASP C 144 -11.02 -6.43 15.06
C ASP C 144 -10.27 -5.13 15.35
N THR C 145 -10.55 -4.10 14.56
CA THR C 145 -9.90 -2.80 14.71
C THR C 145 -10.77 -1.73 15.38
N GLY C 146 -11.89 -2.14 16.00
CA GLY C 146 -12.74 -1.16 16.64
C GLY C 146 -14.25 -1.33 16.54
N MET C 147 -14.72 -2.12 15.58
CA MET C 147 -16.17 -2.33 15.43
C MET C 147 -16.66 -3.34 16.46
N HIS C 148 -15.75 -4.23 16.87
CA HIS C 148 -16.04 -5.27 17.87
C HIS C 148 -17.22 -6.18 17.54
N ARG C 149 -17.24 -6.66 16.30
CA ARG C 149 -18.29 -7.59 15.87
C ARG C 149 -17.56 -8.93 15.69
N LEU C 150 -16.83 -9.08 14.59
CA LEU C 150 -16.04 -10.29 14.34
C LEU C 150 -14.54 -9.91 14.24
N GLY C 151 -13.66 -10.89 14.40
CA GLY C 151 -12.24 -10.59 14.30
C GLY C 151 -11.42 -10.81 15.55
N VAL C 152 -10.12 -11.02 15.36
CA VAL C 152 -9.20 -11.23 16.47
C VAL C 152 -8.81 -9.86 17.04
N ARG C 153 -8.86 -9.73 18.36
CA ARG C 153 -8.52 -8.48 18.99
C ARG C 153 -7.00 -8.28 18.91
N PRO C 154 -6.53 -7.01 18.90
CA PRO C 154 -5.12 -6.66 18.82
C PRO C 154 -4.13 -7.46 19.67
N GLU C 155 -4.43 -7.65 20.95
CA GLU C 155 -3.53 -8.40 21.82
C GLU C 155 -3.38 -9.88 21.52
N GLN C 156 -4.33 -10.46 20.78
CA GLN C 156 -4.28 -11.88 20.40
C GLN C 156 -3.94 -12.07 18.91
N ALA C 157 -3.96 -10.98 18.16
CA ALA C 157 -3.72 -11.03 16.72
C ALA C 157 -2.35 -11.55 16.25
N GLU C 158 -1.29 -11.18 16.94
CA GLU C 158 0.06 -11.57 16.53
C GLU C 158 0.29 -13.08 16.64
N ALA C 159 -0.11 -13.66 17.77
CA ALA C 159 0.05 -15.10 17.99
C ALA C 159 -0.85 -15.89 17.03
N PHE C 160 -2.07 -15.40 16.86
CA PHE C 160 -3.06 -16.00 15.98
C PHE C 160 -2.54 -15.97 14.54
N TYR C 161 -2.06 -14.81 14.11
CA TYR C 161 -1.52 -14.63 12.78
C TYR C 161 -0.36 -15.57 12.50
N HIS C 162 0.52 -15.73 13.50
CA HIS C 162 1.67 -16.60 13.31
C HIS C 162 1.27 -18.06 13.08
N ARG C 163 0.21 -18.51 13.76
CA ARG C 163 -0.24 -19.88 13.55
C ARG C 163 -0.72 -20.14 12.12
N LEU C 164 -1.46 -19.18 11.55
CA LEU C 164 -1.96 -19.29 10.17
C LEU C 164 -0.78 -19.34 9.20
N THR C 165 0.29 -18.65 9.58
CA THR C 165 1.52 -18.58 8.80
C THR C 165 2.25 -19.95 8.76
N GLN C 166 2.02 -20.76 9.79
CA GLN C 166 2.64 -22.07 9.90
C GLN C 166 1.76 -23.25 9.43
N CYS C 167 0.58 -22.93 8.90
CA CYS C 167 -0.37 -23.93 8.41
C CYS C 167 -0.04 -24.44 7.03
N LYS C 168 0.01 -25.76 6.88
CA LYS C 168 0.30 -26.36 5.58
C LYS C 168 -0.97 -26.18 4.74
N ASN C 169 -2.12 -26.15 5.40
CA ASN C 169 -3.42 -25.99 4.75
C ASN C 169 -3.77 -24.55 4.39
N VAL C 170 -2.95 -23.59 4.83
CA VAL C 170 -3.20 -22.20 4.49
C VAL C 170 -2.23 -21.78 3.40
N ARG C 171 -2.79 -21.24 2.32
CA ARG C 171 -1.99 -20.79 1.17
C ARG C 171 -1.31 -19.47 1.59
N GLN C 172 0.01 -19.42 1.47
CA GLN C 172 0.77 -18.23 1.88
C GLN C 172 0.90 -17.21 0.74
N PRO C 173 0.97 -15.92 1.08
CA PRO C 173 0.91 -15.37 2.44
C PRO C 173 -0.53 -15.25 2.94
N VAL C 174 -0.72 -15.06 4.23
CA VAL C 174 -2.08 -14.91 4.72
C VAL C 174 -2.44 -13.43 4.54
N ASN C 175 -3.66 -13.17 4.09
CA ASN C 175 -4.11 -11.80 3.87
C ASN C 175 -4.76 -11.24 5.13
N ILE C 176 -4.95 -9.92 5.17
CA ILE C 176 -5.52 -9.25 6.33
C ILE C 176 -6.75 -8.41 5.99
N VAL C 177 -7.86 -8.68 6.67
CA VAL C 177 -9.10 -7.95 6.44
C VAL C 177 -9.75 -7.39 7.71
N SER C 178 -10.42 -6.25 7.58
CA SER C 178 -11.12 -5.62 8.69
C SER C 178 -12.28 -4.83 8.10
N HIS C 179 -13.10 -4.23 8.95
CA HIS C 179 -14.27 -3.48 8.48
C HIS C 179 -14.57 -2.27 9.36
N PHE C 180 -15.02 -1.18 8.73
CA PHE C 180 -15.33 0.06 9.46
C PHE C 180 -16.70 0.04 10.11
N ALA C 181 -16.80 0.67 11.28
CA ALA C 181 -18.05 0.74 12.02
C ALA C 181 -18.75 2.10 11.83
N ARG C 182 -17.97 3.12 11.46
CA ARG C 182 -18.50 4.48 11.30
C ARG C 182 -17.82 5.29 10.20
N ALA C 183 -17.55 4.65 9.06
CA ALA C 183 -16.91 5.33 7.92
C ALA C 183 -17.81 6.42 7.34
N ASP C 184 -19.09 6.37 7.67
CA ASP C 184 -20.05 7.36 7.18
C ASP C 184 -20.11 8.59 8.10
N GLU C 185 -19.32 8.58 9.16
CA GLU C 185 -19.26 9.69 10.11
C GLU C 185 -17.84 10.23 10.10
N PRO C 186 -17.51 11.06 9.10
CA PRO C 186 -16.18 11.66 8.97
C PRO C 186 -15.77 12.60 10.12
N LYS C 187 -16.76 13.13 10.84
CA LYS C 187 -16.47 14.04 11.94
C LYS C 187 -15.90 13.39 13.20
N CYS C 188 -16.23 12.13 13.47
CA CYS C 188 -15.65 11.50 14.64
C CYS C 188 -14.38 10.79 14.18
N GLY C 189 -13.45 10.56 15.09
CA GLY C 189 -12.21 9.93 14.70
C GLY C 189 -12.19 8.43 14.76
N ALA C 190 -13.37 7.81 14.61
CA ALA C 190 -13.47 6.36 14.67
C ALA C 190 -12.70 5.66 13.56
N THR C 191 -12.96 6.09 12.33
CA THR C 191 -12.30 5.51 11.15
C THR C 191 -10.79 5.64 11.18
N GLU C 192 -10.29 6.81 11.60
CA GLU C 192 -8.85 7.02 11.69
C GLU C 192 -8.22 6.10 12.73
N LYS C 193 -8.95 5.82 13.81
CA LYS C 193 -8.45 4.93 14.86
C LYS C 193 -8.39 3.48 14.39
N GLN C 194 -9.36 3.07 13.59
CA GLN C 194 -9.37 1.71 13.05
C GLN C 194 -8.21 1.57 12.06
N LEU C 195 -7.94 2.63 11.30
CA LEU C 195 -6.85 2.63 10.33
C LEU C 195 -5.51 2.56 11.08
N ALA C 196 -5.41 3.30 12.18
CA ALA C 196 -4.20 3.29 12.99
C ALA C 196 -3.91 1.88 13.47
N ILE C 197 -4.95 1.21 13.98
CA ILE C 197 -4.82 -0.16 14.47
C ILE C 197 -4.53 -1.13 13.33
N PHE C 198 -5.19 -0.91 12.21
CA PHE C 198 -5.01 -1.75 11.03
C PHE C 198 -3.57 -1.65 10.52
N ASN C 199 -3.09 -0.41 10.34
CA ASN C 199 -1.74 -0.17 9.85
C ASN C 199 -0.64 -0.73 10.74
N THR C 200 -0.80 -0.57 12.05
CA THR C 200 0.17 -1.09 13.01
C THR C 200 0.36 -2.60 12.87
N PHE C 201 -0.75 -3.33 12.74
CA PHE C 201 -0.68 -4.78 12.64
C PHE C 201 -0.11 -5.25 11.29
N CYS C 202 -0.41 -4.51 10.22
CA CYS C 202 0.07 -4.90 8.91
C CYS C 202 1.54 -4.57 8.64
N GLU C 203 2.15 -3.70 9.44
CA GLU C 203 3.55 -3.34 9.25
C GLU C 203 4.45 -4.57 9.14
N GLY C 204 5.29 -4.60 8.11
CA GLY C 204 6.20 -5.72 7.92
C GLY C 204 5.57 -7.03 7.49
N LYS C 205 4.28 -7.02 7.22
CA LYS C 205 3.62 -8.25 6.77
C LYS C 205 3.30 -8.23 5.28
N PRO C 206 3.47 -9.39 4.62
CA PRO C 206 3.17 -9.49 3.20
C PRO C 206 1.67 -9.82 3.14
N GLY C 207 1.17 -10.19 1.98
CA GLY C 207 -0.25 -10.52 1.94
C GLY C 207 -1.13 -9.30 1.78
N GLN C 208 -2.17 -9.46 0.97
CA GLN C 208 -3.12 -8.40 0.67
C GLN C 208 -3.80 -7.80 1.89
N ARG C 209 -4.11 -6.51 1.79
CA ARG C 209 -4.77 -5.78 2.87
C ARG C 209 -6.13 -5.23 2.38
N SER C 210 -7.15 -5.34 3.22
CA SER C 210 -8.48 -4.86 2.84
C SER C 210 -9.31 -4.48 4.06
N ILE C 211 -9.80 -3.24 4.09
CA ILE C 211 -10.62 -2.77 5.20
C ILE C 211 -11.83 -1.95 4.75
N ALA C 212 -11.75 -1.41 3.53
CA ALA C 212 -12.82 -0.56 3.00
C ALA C 212 -13.91 -1.19 2.14
N ALA C 213 -15.14 -0.75 2.42
CA ALA C 213 -16.35 -1.16 1.71
C ALA C 213 -16.87 0.16 1.09
N SER C 214 -18.16 0.28 0.81
CA SER C 214 -18.69 1.50 0.19
C SER C 214 -18.20 2.82 0.80
N GLY C 215 -18.46 3.03 2.09
CA GLY C 215 -18.03 4.24 2.77
C GLY C 215 -16.54 4.50 2.72
N GLY C 216 -15.74 3.48 2.97
CA GLY C 216 -14.29 3.63 2.94
C GLY C 216 -13.83 4.03 1.55
N ILE C 217 -14.40 3.38 0.52
CA ILE C 217 -14.07 3.67 -0.86
C ILE C 217 -14.32 5.13 -1.21
N LEU C 218 -15.55 5.59 -0.98
CA LEU C 218 -15.99 6.96 -1.27
C LEU C 218 -15.37 8.09 -0.46
N LEU C 219 -15.28 7.91 0.85
CA LEU C 219 -14.76 8.98 1.70
C LEU C 219 -13.33 8.84 2.24
N TRP C 220 -12.77 7.63 2.20
CA TRP C 220 -11.42 7.45 2.74
C TRP C 220 -10.41 6.82 1.77
N PRO C 221 -9.79 7.64 0.90
CA PRO C 221 -8.81 7.12 -0.06
C PRO C 221 -7.56 6.51 0.58
N GLN C 222 -7.37 6.73 1.88
CA GLN C 222 -6.21 6.19 2.60
C GLN C 222 -6.51 4.77 3.07
N SER C 223 -7.74 4.31 2.83
CA SER C 223 -8.16 2.98 3.27
C SER C 223 -8.38 1.99 2.11
N HIS C 224 -8.05 2.40 0.89
CA HIS C 224 -8.23 1.57 -0.29
C HIS C 224 -7.34 0.34 -0.32
N PHE C 225 -6.06 0.53 0.00
CA PHE C 225 -5.09 -0.56 0.02
C PHE C 225 -5.12 -1.48 -1.21
N ASP C 226 -5.04 -2.78 -0.99
CA ASP C 226 -5.01 -3.73 -2.11
C ASP C 226 -6.38 -4.14 -2.68
N TRP C 227 -7.35 -4.32 -1.80
CA TRP C 227 -8.70 -4.72 -2.19
C TRP C 227 -9.74 -3.93 -1.45
N VAL C 228 -10.77 -3.50 -2.17
CA VAL C 228 -11.88 -2.77 -1.58
C VAL C 228 -13.10 -3.65 -1.82
N ARG C 229 -14.10 -3.54 -0.93
CA ARG C 229 -15.28 -4.40 -1.03
C ARG C 229 -16.58 -3.63 -1.19
N PRO C 230 -16.85 -3.10 -2.40
CA PRO C 230 -18.08 -2.34 -2.61
C PRO C 230 -19.35 -3.19 -2.46
N GLY C 231 -20.30 -2.68 -1.68
CA GLY C 231 -21.57 -3.36 -1.48
C GLY C 231 -22.69 -2.43 -1.90
N ILE C 232 -23.23 -1.68 -0.93
CA ILE C 232 -24.33 -0.76 -1.20
C ILE C 232 -24.12 0.13 -2.45
N ILE C 233 -22.98 0.81 -2.52
CA ILE C 233 -22.69 1.70 -3.65
C ILE C 233 -22.60 1.00 -5.01
N LEU C 234 -22.31 -0.31 -4.99
CA LEU C 234 -22.23 -1.09 -6.24
C LEU C 234 -23.60 -1.07 -6.92
N TYR C 235 -24.64 -0.97 -6.11
CA TYR C 235 -26.01 -0.97 -6.60
C TYR C 235 -26.56 0.43 -6.85
N GLY C 236 -25.65 1.42 -6.83
CA GLY C 236 -26.04 2.80 -7.07
C GLY C 236 -26.79 3.48 -5.95
N VAL C 237 -26.60 2.97 -4.73
CA VAL C 237 -27.27 3.52 -3.55
C VAL C 237 -26.19 3.99 -2.58
N SER C 238 -26.43 5.15 -1.96
CA SER C 238 -25.49 5.74 -1.02
C SER C 238 -25.45 5.05 0.34
N PRO C 239 -24.24 4.95 0.92
CA PRO C 239 -24.07 4.30 2.23
C PRO C 239 -24.25 5.31 3.37
N LEU C 240 -24.46 6.58 3.01
CA LEU C 240 -24.63 7.67 3.96
C LEU C 240 -26.10 8.04 4.20
N GLU C 241 -26.40 8.55 5.40
CA GLU C 241 -27.74 8.99 5.74
C GLU C 241 -27.80 10.53 5.78
N ASP C 242 -27.18 11.17 4.79
CA ASP C 242 -27.13 12.62 4.69
C ASP C 242 -27.88 13.05 3.44
N ARG C 243 -28.83 12.21 3.02
CA ARG C 243 -29.68 12.39 1.83
C ARG C 243 -28.97 12.46 0.50
N SER C 244 -27.73 11.93 0.46
CA SER C 244 -26.95 11.87 -0.76
C SER C 244 -27.49 10.61 -1.46
N THR C 245 -27.29 10.51 -2.77
CA THR C 245 -27.77 9.33 -3.50
C THR C 245 -26.60 8.72 -4.25
N GLY C 246 -26.84 7.59 -4.91
CA GLY C 246 -25.76 6.95 -5.64
C GLY C 246 -25.20 7.86 -6.71
N ALA C 247 -26.06 8.73 -7.26
CA ALA C 247 -25.68 9.66 -8.31
C ALA C 247 -24.73 10.76 -7.84
N ASP C 248 -24.67 10.97 -6.53
CA ASP C 248 -23.76 11.97 -5.95
C ASP C 248 -22.33 11.51 -6.16
N PHE C 249 -22.16 10.22 -6.40
CA PHE C 249 -20.84 9.66 -6.59
C PHE C 249 -20.63 9.10 -7.99
N GLY C 250 -21.57 9.38 -8.88
CA GLY C 250 -21.47 8.92 -10.24
C GLY C 250 -21.94 7.50 -10.46
N CYS C 251 -22.63 6.95 -9.46
CA CYS C 251 -23.15 5.59 -9.54
C CYS C 251 -24.64 5.63 -9.88
N GLN C 252 -25.00 4.82 -10.83
CA GLN C 252 -26.31 4.81 -11.36
C GLN C 252 -27.09 3.77 -10.56
N PRO C 253 -28.36 4.04 -10.33
CA PRO C 253 -29.15 3.14 -9.50
C PRO C 253 -29.61 1.90 -10.25
N VAL C 254 -29.49 0.75 -9.64
CA VAL C 254 -29.74 -0.51 -10.33
C VAL C 254 -31.16 -1.03 -10.21
N MET C 255 -31.74 -0.90 -9.03
CA MET C 255 -33.08 -1.41 -8.76
C MET C 255 -34.25 -0.43 -8.86
N SER C 256 -35.38 -0.98 -9.30
CA SER C 256 -36.64 -0.28 -9.42
C SER C 256 -37.71 -1.21 -8.83
N LEU C 257 -38.42 -0.76 -7.79
CA LEU C 257 -39.49 -1.56 -7.22
C LEU C 257 -40.76 -1.01 -7.87
N THR C 258 -41.41 -1.83 -8.69
CA THR C 258 -42.60 -1.40 -9.41
C THR C 258 -43.82 -2.29 -9.18
N SER C 259 -44.98 -1.77 -9.58
CA SER C 259 -46.24 -2.50 -9.45
C SER C 259 -47.32 -1.82 -10.31
N SER C 260 -48.58 -2.04 -9.98
CA SER C 260 -49.69 -1.45 -10.73
C SER C 260 -50.85 -1.11 -9.80
N LEU C 261 -51.76 -0.28 -10.28
CA LEU C 261 -52.94 0.07 -9.51
C LEU C 261 -53.93 -1.05 -9.79
N ILE C 262 -54.67 -1.45 -8.76
CA ILE C 262 -55.68 -2.50 -8.95
C ILE C 262 -57.07 -1.90 -8.74
N ALA C 263 -57.12 -0.60 -8.43
CA ALA C 263 -58.38 0.09 -8.23
C ALA C 263 -58.20 1.61 -8.08
N VAL C 264 -59.16 2.35 -8.64
CA VAL C 264 -59.22 3.81 -8.52
C VAL C 264 -60.65 4.01 -8.06
N ARG C 265 -60.82 4.55 -6.86
CA ARG C 265 -62.14 4.70 -6.25
C ARG C 265 -62.46 6.12 -5.81
N GLU C 266 -63.75 6.41 -5.68
CA GLU C 266 -64.20 7.73 -5.22
C GLU C 266 -64.08 7.70 -3.71
N HIS C 267 -63.89 8.87 -3.11
CA HIS C 267 -63.74 8.96 -1.66
C HIS C 267 -64.28 10.31 -1.23
N LYS C 268 -64.89 10.38 -0.05
CA LYS C 268 -65.45 11.63 0.45
C LYS C 268 -64.66 12.29 1.58
N ALA C 269 -64.90 13.59 1.76
CA ALA C 269 -64.24 14.37 2.80
C ALA C 269 -64.68 13.84 4.15
N GLY C 270 -63.74 13.80 5.09
CA GLY C 270 -64.02 13.32 6.43
C GLY C 270 -63.92 11.81 6.58
N GLU C 271 -63.85 11.10 5.46
CA GLU C 271 -63.74 9.64 5.46
C GLU C 271 -62.31 9.14 5.66
N PRO C 272 -62.11 8.19 6.59
CA PRO C 272 -60.79 7.62 6.88
C PRO C 272 -60.39 6.56 5.85
N VAL C 273 -59.10 6.22 5.82
CA VAL C 273 -58.59 5.21 4.91
C VAL C 273 -57.65 4.23 5.62
N GLY C 274 -57.84 2.95 5.38
CA GLY C 274 -56.99 1.93 5.96
C GLY C 274 -57.23 1.55 7.42
N TYR C 275 -56.39 0.64 7.91
CA TYR C 275 -56.47 0.15 9.28
C TYR C 275 -56.22 1.25 10.29
N GLY C 276 -57.06 1.28 11.33
CA GLY C 276 -56.94 2.28 12.36
C GLY C 276 -57.47 3.64 11.94
N GLY C 277 -58.02 3.74 10.73
CA GLY C 277 -58.54 5.01 10.24
C GLY C 277 -57.51 6.11 10.39
N THR C 278 -56.25 5.71 10.31
CA THR C 278 -55.07 6.56 10.45
C THR C 278 -55.04 7.88 9.66
N TRP C 279 -55.68 7.89 8.50
CA TRP C 279 -55.71 9.08 7.66
C TRP C 279 -57.15 9.44 7.29
N VAL C 280 -57.49 10.72 7.43
CA VAL C 280 -58.82 11.21 7.09
C VAL C 280 -58.70 12.26 5.98
N SER C 281 -59.55 12.14 4.95
CA SER C 281 -59.53 13.06 3.84
C SER C 281 -60.27 14.37 4.17
N GLU C 282 -59.67 15.49 3.80
CA GLU C 282 -60.30 16.79 4.04
C GLU C 282 -61.02 17.27 2.79
N ARG C 283 -61.06 16.41 1.78
CA ARG C 283 -61.72 16.72 0.52
C ARG C 283 -62.18 15.49 -0.26
N ASP C 284 -63.17 15.69 -1.12
CA ASP C 284 -63.65 14.60 -1.95
C ASP C 284 -62.47 14.36 -2.88
N THR C 285 -62.09 13.11 -3.06
CA THR C 285 -60.95 12.81 -3.91
C THR C 285 -61.10 11.42 -4.50
N ARG C 286 -60.08 10.99 -5.23
CA ARG C 286 -60.05 9.64 -5.80
C ARG C 286 -58.80 8.98 -5.23
N LEU C 287 -58.97 7.75 -4.78
CA LEU C 287 -57.87 6.99 -4.19
C LEU C 287 -57.42 5.88 -5.15
N GLY C 288 -56.13 5.57 -5.09
CA GLY C 288 -55.59 4.52 -5.92
C GLY C 288 -55.12 3.40 -5.01
N VAL C 289 -55.33 2.16 -5.44
CA VAL C 289 -54.88 1.01 -4.65
C VAL C 289 -53.76 0.29 -5.42
N VAL C 290 -52.59 0.23 -4.79
CA VAL C 290 -51.42 -0.38 -5.40
C VAL C 290 -51.24 -1.84 -4.97
N ALA C 291 -50.87 -2.69 -5.93
CA ALA C 291 -50.63 -4.10 -5.62
C ALA C 291 -49.21 -4.17 -5.04
N MET C 292 -49.07 -3.65 -3.82
CA MET C 292 -47.78 -3.62 -3.11
C MET C 292 -48.05 -3.49 -1.62
N GLY C 293 -47.26 -4.20 -0.81
CA GLY C 293 -47.42 -4.15 0.64
C GLY C 293 -46.17 -4.70 1.31
N TYR C 294 -46.19 -4.86 2.62
CA TYR C 294 -45.00 -5.38 3.30
C TYR C 294 -44.84 -6.89 3.06
N GLY C 295 -45.87 -7.51 2.50
CA GLY C 295 -45.79 -8.93 2.19
C GLY C 295 -44.89 -9.11 0.97
N ASP C 296 -44.49 -7.99 0.38
CA ASP C 296 -43.61 -7.93 -0.79
C ASP C 296 -42.26 -7.40 -0.38
N GLY C 297 -42.22 -6.70 0.75
CA GLY C 297 -40.99 -6.12 1.23
C GLY C 297 -41.07 -4.62 1.47
N TYR C 298 -42.16 -4.00 1.04
CA TYR C 298 -42.32 -2.56 1.24
C TYR C 298 -42.55 -2.29 2.73
N PRO C 299 -41.79 -1.34 3.30
CA PRO C 299 -41.90 -0.98 4.72
C PRO C 299 -43.27 -0.58 5.26
N ARG C 300 -43.72 -1.30 6.27
CA ARG C 300 -45.01 -1.00 6.89
C ARG C 300 -44.91 0.35 7.63
N ALA C 301 -43.68 0.71 7.98
CA ALA C 301 -43.40 1.96 8.69
C ALA C 301 -43.59 3.21 7.84
N ALA C 302 -43.79 3.05 6.54
CA ALA C 302 -43.99 4.19 5.64
C ALA C 302 -45.19 5.02 6.08
N PRO C 303 -44.97 6.29 6.45
CA PRO C 303 -46.07 7.17 6.89
C PRO C 303 -46.90 7.75 5.75
N SER C 304 -48.09 8.23 6.07
CA SER C 304 -48.95 8.85 5.07
C SER C 304 -48.11 10.02 4.56
N GLY C 305 -48.13 10.27 3.26
CA GLY C 305 -47.33 11.35 2.73
C GLY C 305 -46.10 10.83 1.99
N THR C 306 -45.69 9.60 2.29
CA THR C 306 -44.53 9.01 1.61
C THR C 306 -44.85 9.00 0.11
N PRO C 307 -43.89 9.45 -0.72
CA PRO C 307 -44.09 9.48 -2.17
C PRO C 307 -44.00 8.17 -2.96
N VAL C 308 -44.87 8.07 -3.97
CA VAL C 308 -44.90 6.95 -4.88
C VAL C 308 -45.26 7.58 -6.23
N LEU C 309 -44.79 7.00 -7.32
CA LEU C 309 -45.08 7.55 -8.62
C LEU C 309 -46.13 6.72 -9.34
N VAL C 310 -47.24 7.38 -9.70
CA VAL C 310 -48.33 6.74 -10.42
C VAL C 310 -48.36 7.46 -11.76
N ASN C 311 -48.16 6.71 -12.84
CA ASN C 311 -48.11 7.28 -14.19
C ASN C 311 -47.07 8.39 -14.24
N GLY C 312 -45.94 8.16 -13.56
CA GLY C 312 -44.85 9.11 -13.54
C GLY C 312 -44.97 10.34 -12.65
N ARG C 313 -46.11 10.55 -12.00
CA ARG C 313 -46.23 11.69 -11.13
C ARG C 313 -46.34 11.24 -9.69
N GLU C 314 -45.75 12.03 -8.81
CA GLU C 314 -45.73 11.75 -7.39
C GLU C 314 -47.07 11.95 -6.69
N VAL C 315 -47.49 10.94 -5.94
CA VAL C 315 -48.74 10.97 -5.16
C VAL C 315 -48.39 10.41 -3.77
N PRO C 316 -49.09 10.86 -2.72
CA PRO C 316 -48.80 10.39 -1.37
C PRO C 316 -49.53 9.14 -0.93
N ILE C 317 -48.87 8.37 -0.08
CA ILE C 317 -49.46 7.17 0.49
C ILE C 317 -50.40 7.73 1.56
N VAL C 318 -51.59 7.16 1.68
CA VAL C 318 -52.54 7.60 2.70
C VAL C 318 -53.05 6.40 3.50
N GLY C 319 -52.87 6.46 4.81
CA GLY C 319 -53.30 5.37 5.65
C GLY C 319 -52.17 4.37 5.80
N ARG C 320 -52.35 3.37 6.67
CA ARG C 320 -51.34 2.35 6.90
C ARG C 320 -51.05 1.52 5.65
N VAL C 321 -49.78 1.11 5.52
CA VAL C 321 -49.36 0.24 4.43
C VAL C 321 -49.81 -1.14 4.91
N ALA C 322 -50.52 -1.88 4.06
CA ALA C 322 -51.01 -3.20 4.43
C ALA C 322 -50.11 -4.28 3.86
N MET C 323 -50.47 -5.54 4.13
CA MET C 323 -49.67 -6.68 3.67
C MET C 323 -49.56 -6.80 2.16
N ASP C 324 -50.66 -6.56 1.46
CA ASP C 324 -50.68 -6.69 0.01
C ASP C 324 -51.06 -5.42 -0.76
N MET C 325 -51.57 -4.42 -0.05
CA MET C 325 -52.00 -3.20 -0.69
C MET C 325 -51.53 -1.92 -0.04
N ILE C 326 -51.52 -0.87 -0.85
CA ILE C 326 -51.14 0.47 -0.44
C ILE C 326 -52.08 1.45 -1.15
N CYS C 327 -52.61 2.39 -0.38
CA CYS C 327 -53.52 3.39 -0.92
C CYS C 327 -52.79 4.73 -1.08
N VAL C 328 -53.08 5.41 -2.19
CA VAL C 328 -52.50 6.71 -2.48
C VAL C 328 -53.64 7.66 -2.84
N ASP C 329 -53.39 8.94 -2.67
CA ASP C 329 -54.39 9.96 -2.99
C ASP C 329 -54.06 10.48 -4.39
N LEU C 330 -55.01 10.33 -5.32
CA LEU C 330 -54.81 10.74 -6.69
C LEU C 330 -55.38 12.12 -7.04
N GLY C 331 -56.42 12.52 -6.33
CA GLY C 331 -57.05 13.81 -6.61
C GLY C 331 -58.46 13.52 -7.08
N PRO C 332 -59.42 14.43 -6.82
CA PRO C 332 -60.83 14.30 -7.22
C PRO C 332 -61.20 13.98 -8.68
N GLN C 333 -60.38 14.40 -9.63
CA GLN C 333 -60.66 14.16 -11.05
C GLN C 333 -59.46 13.51 -11.75
N ALA C 334 -58.66 12.78 -10.98
CA ALA C 334 -57.43 12.12 -11.41
C ALA C 334 -57.24 11.49 -12.81
N GLN C 335 -58.18 10.67 -13.27
CA GLN C 335 -58.04 9.99 -14.59
C GLN C 335 -57.14 8.75 -14.61
N ASP C 336 -56.45 8.49 -13.49
CA ASP C 336 -55.59 7.30 -13.39
C ASP C 336 -56.58 6.14 -13.35
N LYS C 337 -56.20 4.99 -13.89
CA LYS C 337 -57.10 3.85 -13.95
C LYS C 337 -56.42 2.60 -13.39
N ALA C 338 -57.21 1.62 -12.98
CA ALA C 338 -56.64 0.38 -12.48
C ALA C 338 -55.81 -0.17 -13.64
N GLY C 339 -54.65 -0.74 -13.33
CA GLY C 339 -53.80 -1.28 -14.36
C GLY C 339 -52.62 -0.37 -14.71
N ASP C 340 -52.71 0.90 -14.31
CA ASP C 340 -51.64 1.85 -14.58
C ASP C 340 -50.38 1.59 -13.77
N PRO C 341 -49.21 1.92 -14.34
CA PRO C 341 -47.89 1.74 -13.72
C PRO C 341 -47.62 2.57 -12.47
N VAL C 342 -47.02 1.89 -11.48
CA VAL C 342 -46.69 2.51 -10.21
C VAL C 342 -45.21 2.25 -9.88
N ILE C 343 -44.52 3.28 -9.40
CA ILE C 343 -43.12 3.16 -9.04
C ILE C 343 -42.92 3.46 -7.55
N LEU C 344 -42.55 2.42 -6.80
CA LEU C 344 -42.30 2.55 -5.36
C LEU C 344 -40.95 3.25 -5.17
N TRP C 345 -40.01 2.94 -6.06
CA TRP C 345 -38.70 3.58 -6.12
C TRP C 345 -37.95 3.11 -7.37
N GLY C 346 -37.23 4.03 -7.98
CA GLY C 346 -36.49 3.74 -9.18
C GLY C 346 -36.29 5.05 -9.92
N GLU C 347 -36.60 5.06 -11.22
CA GLU C 347 -36.42 6.26 -12.03
C GLU C 347 -37.31 7.43 -11.60
N GLY C 348 -36.69 8.51 -11.12
CA GLY C 348 -37.45 9.65 -10.70
C GLY C 348 -37.77 9.59 -9.21
N LEU C 349 -37.36 8.51 -8.55
CA LEU C 349 -37.61 8.35 -7.13
C LEU C 349 -36.58 7.42 -6.48
N PRO C 350 -35.43 7.99 -6.06
CA PRO C 350 -34.32 7.26 -5.41
C PRO C 350 -34.75 6.57 -4.12
N VAL C 351 -34.26 5.36 -3.88
CA VAL C 351 -34.62 4.64 -2.67
C VAL C 351 -34.18 5.45 -1.44
N GLU C 352 -33.12 6.24 -1.58
CA GLU C 352 -32.62 7.08 -0.49
C GLU C 352 -33.70 8.08 -0.07
N MET C 357 -37.86 9.60 3.95
CA MET C 357 -39.27 9.79 4.28
C MET C 357 -39.81 8.77 5.28
N THR C 358 -39.38 7.51 5.18
CA THR C 358 -39.85 6.48 6.09
C THR C 358 -38.94 6.25 7.29
N LYS C 359 -37.73 6.81 7.24
CA LYS C 359 -36.74 6.66 8.31
C LYS C 359 -36.25 5.22 8.41
N VAL C 360 -36.32 4.54 7.28
CA VAL C 360 -35.86 3.16 7.17
C VAL C 360 -34.55 3.22 6.38
N SER C 361 -33.52 2.51 6.85
CA SER C 361 -32.24 2.53 6.15
C SER C 361 -32.37 1.98 4.73
N ALA C 362 -31.73 2.62 3.77
CA ALA C 362 -31.76 2.18 2.37
C ALA C 362 -31.23 0.74 2.22
N TYR C 363 -30.32 0.34 3.11
CA TYR C 363 -29.76 -1.01 3.12
C TYR C 363 -30.88 -2.03 3.31
N GLU C 364 -31.73 -1.78 4.30
CA GLU C 364 -32.85 -2.65 4.60
C GLU C 364 -33.94 -2.59 3.54
N LEU C 365 -34.22 -1.40 3.03
CA LEU C 365 -35.24 -1.22 1.99
C LEU C 365 -35.02 -2.09 0.78
N ILE C 366 -33.82 -2.03 0.21
CA ILE C 366 -33.52 -2.80 -0.98
C ILE C 366 -33.30 -4.29 -0.68
N THR C 367 -32.84 -4.58 0.54
CA THR C 367 -32.54 -5.95 0.95
C THR C 367 -33.67 -6.80 1.56
N ARG C 368 -34.47 -6.21 2.46
CA ARG C 368 -35.52 -7.01 3.09
C ARG C 368 -36.83 -7.11 2.31
N LEU C 369 -36.71 -7.65 1.09
CA LEU C 369 -37.83 -7.88 0.21
C LEU C 369 -38.12 -9.38 0.26
N THR C 370 -39.36 -9.76 0.00
CA THR C 370 -39.75 -11.17 0.03
C THR C 370 -39.67 -11.83 -1.34
N SER C 371 -39.92 -13.13 -1.37
CA SER C 371 -39.87 -13.92 -2.61
C SER C 371 -41.10 -13.71 -3.51
N ARG C 372 -42.06 -12.94 -3.02
CA ARG C 372 -43.29 -12.68 -3.76
C ARG C 372 -43.05 -11.74 -4.95
N VAL C 373 -42.01 -10.93 -4.83
CA VAL C 373 -41.65 -9.97 -5.87
C VAL C 373 -40.98 -10.66 -7.06
N ALA C 374 -41.48 -10.39 -8.27
CA ALA C 374 -40.94 -10.99 -9.47
C ALA C 374 -39.65 -10.27 -9.86
N MET C 375 -38.67 -11.00 -10.37
CA MET C 375 -37.39 -10.39 -10.76
C MET C 375 -37.30 -10.23 -12.28
N LYS C 376 -36.91 -9.04 -12.71
CA LYS C 376 -36.77 -8.76 -14.14
C LYS C 376 -35.44 -8.04 -14.38
N TYR C 377 -34.72 -8.45 -15.42
CA TYR C 377 -33.42 -7.86 -15.75
C TYR C 377 -33.44 -7.19 -17.11
N VAL C 378 -33.03 -5.93 -17.11
CA VAL C 378 -32.98 -5.09 -18.30
C VAL C 378 -31.55 -4.70 -18.72
N ASP C 379 -31.43 -4.32 -19.98
CA ASP C 379 -30.28 -3.64 -20.54
C ASP C 379 -30.69 -2.44 -21.40
N ALA D 23 -27.94 -21.52 11.87
CA ALA D 23 -28.28 -20.84 10.57
C ALA D 23 -29.71 -20.29 10.58
N ALA D 24 -29.96 -19.24 9.81
CA ALA D 24 -31.31 -18.68 9.76
C ALA D 24 -32.27 -19.77 9.28
N THR D 25 -33.09 -20.27 10.22
CA THR D 25 -34.06 -21.32 9.94
C THR D 25 -35.41 -21.02 10.58
N VAL D 26 -36.47 -21.14 9.78
CA VAL D 26 -37.82 -20.92 10.28
C VAL D 26 -38.41 -22.31 10.53
N VAL D 27 -38.73 -22.63 11.77
CA VAL D 27 -39.30 -23.93 12.09
C VAL D 27 -40.81 -23.79 12.22
N ILE D 28 -41.50 -24.56 11.42
CA ILE D 28 -42.94 -24.71 11.50
C ILE D 28 -43.58 -25.86 12.17
N ASN D 29 -44.38 -25.52 13.15
CA ASN D 29 -45.03 -26.58 13.93
C ASN D 29 -46.38 -26.90 13.29
N ARG D 30 -46.44 -28.05 12.62
CA ARG D 30 -47.65 -28.48 11.93
C ARG D 30 -48.78 -28.85 12.90
N ARG D 31 -48.40 -29.32 14.09
CA ARG D 31 -49.39 -29.69 15.09
C ARG D 31 -50.10 -28.46 15.64
N ALA D 32 -49.33 -27.39 15.87
CA ALA D 32 -49.89 -26.14 16.39
C ALA D 32 -50.87 -25.57 15.38
N LEU D 33 -50.50 -25.64 14.11
CA LEU D 33 -51.32 -25.16 13.01
C LEU D 33 -52.69 -25.86 12.97
N ARG D 34 -52.70 -27.20 13.04
CA ARG D 34 -53.96 -27.96 13.04
C ARG D 34 -54.78 -27.67 14.28
N HIS D 35 -54.09 -27.50 15.41
CA HIS D 35 -54.74 -27.20 16.66
C HIS D 35 -55.48 -25.86 16.60
N ASN D 36 -54.84 -24.87 15.98
CA ASN D 36 -55.45 -23.55 15.87
C ASN D 36 -56.68 -23.49 14.98
N LEU D 37 -56.71 -24.32 13.93
CA LEU D 37 -57.86 -24.33 13.02
C LEU D 37 -59.05 -24.91 13.78
N GLN D 38 -58.81 -25.99 14.53
CA GLN D 38 -59.85 -26.65 15.32
C GLN D 38 -60.29 -25.76 16.47
N ARG D 39 -59.32 -25.09 17.09
CA ARG D 39 -59.60 -24.17 18.19
C ARG D 39 -60.50 -23.02 17.72
N LEU D 40 -60.26 -22.54 16.50
CA LEU D 40 -61.05 -21.45 15.91
C LEU D 40 -62.46 -21.93 15.55
N ARG D 41 -62.60 -23.20 15.16
CA ARG D 41 -63.92 -23.72 14.86
C ARG D 41 -64.74 -23.74 16.14
N GLU D 42 -64.05 -23.89 17.27
CA GLU D 42 -64.73 -23.89 18.57
C GLU D 42 -65.21 -22.48 18.95
N LEU D 43 -64.49 -21.47 18.48
CA LEU D 43 -64.85 -20.08 18.76
C LEU D 43 -65.95 -19.60 17.80
N ALA D 44 -65.94 -20.11 16.57
CA ALA D 44 -66.96 -19.78 15.57
C ALA D 44 -67.51 -21.13 15.07
N PRO D 45 -68.24 -21.84 15.94
CA PRO D 45 -68.85 -23.16 15.65
C PRO D 45 -69.88 -23.26 14.53
N ALA D 46 -70.41 -22.13 14.07
CA ALA D 46 -71.40 -22.17 13.00
C ALA D 46 -70.88 -21.49 11.73
N SER D 47 -69.57 -21.34 11.60
CA SER D 47 -68.99 -20.67 10.44
C SER D 47 -67.95 -21.52 9.74
N LYS D 48 -67.90 -21.45 8.42
CA LYS D 48 -66.89 -22.19 7.68
C LYS D 48 -65.60 -21.39 7.72
N MET D 49 -64.50 -22.09 7.46
CA MET D 49 -63.17 -21.49 7.52
C MET D 49 -62.45 -21.25 6.20
N VAL D 50 -61.99 -20.01 6.05
CA VAL D 50 -61.19 -19.61 4.90
C VAL D 50 -59.81 -19.42 5.53
N ALA D 51 -58.95 -20.43 5.39
CA ALA D 51 -57.60 -20.34 5.94
C ALA D 51 -56.83 -19.37 5.06
N VAL D 52 -56.55 -18.17 5.59
CA VAL D 52 -55.82 -17.14 4.84
C VAL D 52 -54.31 -17.44 4.83
N VAL D 53 -53.84 -17.86 3.66
CA VAL D 53 -52.45 -18.26 3.47
C VAL D 53 -51.64 -17.37 2.50
N LYS D 54 -52.09 -16.13 2.31
CA LYS D 54 -51.40 -15.19 1.43
C LYS D 54 -50.06 -14.73 2.01
N ALA D 55 -49.20 -14.19 1.16
CA ALA D 55 -47.86 -13.70 1.56
C ALA D 55 -47.02 -14.86 2.13
N ASN D 56 -46.97 -15.94 1.37
CA ASN D 56 -46.25 -17.17 1.74
C ASN D 56 -46.76 -17.68 3.09
N ALA D 57 -48.07 -17.63 3.28
CA ALA D 57 -48.73 -18.06 4.50
C ALA D 57 -48.18 -17.29 5.70
N TYR D 58 -48.10 -15.97 5.56
CA TYR D 58 -47.60 -15.10 6.60
C TYR D 58 -46.20 -15.50 7.03
N GLY D 59 -45.40 -15.98 6.07
CA GLY D 59 -44.04 -16.38 6.34
C GLY D 59 -43.86 -17.84 6.76
N HIS D 60 -44.95 -18.59 6.84
CA HIS D 60 -44.88 -19.99 7.24
C HIS D 60 -44.83 -20.96 6.06
N GLY D 61 -44.97 -20.45 4.85
CA GLY D 61 -44.94 -21.31 3.68
C GLY D 61 -46.32 -21.57 3.09
N LEU D 62 -46.57 -20.97 1.93
CA LEU D 62 -47.85 -21.08 1.23
C LEU D 62 -48.39 -22.51 1.04
N LEU D 63 -47.64 -23.34 0.31
CA LEU D 63 -48.06 -24.70 0.02
C LEU D 63 -48.05 -25.62 1.24
N GLU D 64 -47.03 -25.54 2.08
CA GLU D 64 -46.96 -26.39 3.25
C GLU D 64 -48.05 -26.09 4.27
N THR D 65 -48.40 -24.81 4.44
CA THR D 65 -49.46 -24.44 5.37
C THR D 65 -50.80 -25.02 4.87
N ALA D 66 -50.97 -25.04 3.55
CA ALA D 66 -52.18 -25.57 2.94
C ALA D 66 -52.22 -27.10 3.05
N ARG D 67 -51.08 -27.75 2.85
CA ARG D 67 -51.00 -29.20 2.96
C ARG D 67 -51.32 -29.70 4.36
N THR D 68 -50.95 -28.93 5.38
CA THR D 68 -51.22 -29.36 6.75
C THR D 68 -52.64 -29.05 7.23
N LEU D 69 -53.39 -28.29 6.44
CA LEU D 69 -54.76 -27.94 6.79
C LEU D 69 -55.82 -28.36 5.77
N PRO D 70 -55.91 -29.67 5.48
CA PRO D 70 -56.90 -30.16 4.51
C PRO D 70 -58.34 -30.02 5.01
N ASP D 71 -58.49 -29.69 6.29
CA ASP D 71 -59.80 -29.53 6.89
C ASP D 71 -60.41 -28.15 6.62
N ALA D 72 -59.59 -27.22 6.12
CA ALA D 72 -60.07 -25.88 5.83
C ALA D 72 -61.18 -25.97 4.78
N ASP D 73 -62.16 -25.08 4.88
CA ASP D 73 -63.26 -25.08 3.92
C ASP D 73 -62.81 -24.42 2.61
N ALA D 74 -61.81 -23.55 2.71
CA ALA D 74 -61.25 -22.85 1.56
C ALA D 74 -59.95 -22.19 1.99
N PHE D 75 -59.17 -21.74 1.00
CA PHE D 75 -57.90 -21.06 1.28
C PHE D 75 -57.98 -19.67 0.65
N GLY D 76 -57.53 -18.65 1.39
CA GLY D 76 -57.58 -17.30 0.87
C GLY D 76 -56.21 -16.77 0.47
N VAL D 77 -56.14 -16.13 -0.69
CA VAL D 77 -54.89 -15.54 -1.16
C VAL D 77 -55.13 -14.09 -1.61
N ALA D 78 -54.04 -13.33 -1.76
CA ALA D 78 -54.12 -11.95 -2.19
C ALA D 78 -54.15 -11.84 -3.72
N ARG D 79 -53.42 -12.73 -4.33
CA ARG D 79 -53.01 -12.59 -5.70
C ARG D 79 -53.08 -13.95 -6.37
N LEU D 80 -53.15 -13.96 -7.69
CA LEU D 80 -53.71 -15.08 -8.42
C LEU D 80 -52.63 -16.09 -8.64
N GLU D 81 -51.42 -15.60 -8.81
CA GLU D 81 -50.21 -16.40 -8.67
C GLU D 81 -50.23 -17.31 -7.47
N GLU D 82 -50.69 -16.80 -6.36
CA GLU D 82 -50.65 -17.57 -5.11
C GLU D 82 -51.64 -18.73 -5.21
N ALA D 83 -52.79 -18.45 -5.81
CA ALA D 83 -53.83 -19.45 -5.99
C ALA D 83 -53.35 -20.55 -6.95
N LEU D 84 -52.66 -20.14 -8.01
CA LEU D 84 -52.12 -21.07 -9.00
C LEU D 84 -50.98 -21.92 -8.43
N ARG D 85 -50.19 -21.37 -7.49
CA ARG D 85 -49.12 -22.15 -6.88
C ARG D 85 -49.76 -23.25 -6.04
N LEU D 86 -50.90 -22.95 -5.43
CA LEU D 86 -51.61 -23.93 -4.62
C LEU D 86 -52.07 -25.08 -5.50
N ARG D 87 -52.68 -24.76 -6.64
CA ARG D 87 -53.12 -25.78 -7.57
C ARG D 87 -51.92 -26.56 -8.11
N ALA D 88 -50.84 -25.84 -8.41
CA ALA D 88 -49.63 -26.45 -8.93
C ALA D 88 -49.05 -27.45 -7.93
N GLY D 89 -49.22 -27.16 -6.65
CA GLY D 89 -48.68 -28.03 -5.61
C GLY D 89 -49.63 -29.16 -5.23
N GLY D 90 -50.79 -29.21 -5.85
CA GLY D 90 -51.73 -30.29 -5.53
C GLY D 90 -52.91 -29.95 -4.64
N ILE D 91 -53.04 -28.71 -4.19
CA ILE D 91 -54.19 -28.32 -3.36
C ILE D 91 -55.45 -28.28 -4.26
N THR D 92 -56.48 -29.01 -3.88
CA THR D 92 -57.71 -29.09 -4.68
C THR D 92 -58.87 -28.31 -4.09
N LYS D 93 -58.72 -27.96 -2.83
CA LYS D 93 -59.72 -27.23 -2.07
C LYS D 93 -59.99 -25.85 -2.71
N PRO D 94 -61.20 -25.30 -2.52
CA PRO D 94 -61.51 -23.99 -3.09
C PRO D 94 -60.54 -22.89 -2.63
N VAL D 95 -60.15 -22.03 -3.57
CA VAL D 95 -59.27 -20.92 -3.25
C VAL D 95 -60.01 -19.61 -3.51
N LEU D 96 -60.03 -18.74 -2.50
CA LEU D 96 -60.70 -17.46 -2.60
C LEU D 96 -59.73 -16.31 -2.91
N LEU D 97 -59.97 -15.63 -4.02
CA LEU D 97 -59.15 -14.50 -4.44
C LEU D 97 -59.69 -13.27 -3.73
N LEU D 98 -59.13 -12.96 -2.56
CA LEU D 98 -59.57 -11.83 -1.75
C LEU D 98 -59.59 -10.46 -2.45
N GLU D 99 -58.73 -10.28 -3.44
CA GLU D 99 -58.67 -9.02 -4.18
C GLU D 99 -59.26 -9.14 -5.60
N GLY D 100 -59.80 -10.32 -5.90
CA GLY D 100 -60.38 -10.54 -7.22
C GLY D 100 -59.29 -10.71 -8.26
N PHE D 101 -59.65 -10.57 -9.53
CA PHE D 101 -58.69 -10.71 -10.61
C PHE D 101 -58.30 -9.34 -11.19
N PHE D 102 -57.06 -9.24 -11.66
CA PHE D 102 -56.56 -7.98 -12.19
C PHE D 102 -56.64 -7.86 -13.72
N ASP D 103 -56.90 -8.99 -14.39
CA ASP D 103 -56.98 -9.01 -15.85
C ASP D 103 -58.18 -9.84 -16.32
N ALA D 104 -59.02 -9.25 -17.18
CA ALA D 104 -60.20 -9.93 -17.69
C ALA D 104 -59.86 -11.24 -18.41
N ARG D 105 -58.63 -11.33 -18.92
CA ARG D 105 -58.17 -12.52 -19.63
C ARG D 105 -57.86 -13.68 -18.71
N ASP D 106 -57.95 -13.46 -17.39
CA ASP D 106 -57.69 -14.51 -16.42
C ASP D 106 -58.94 -15.26 -15.99
N LEU D 107 -60.09 -14.80 -16.44
CA LEU D 107 -61.37 -15.46 -16.10
C LEU D 107 -61.47 -16.90 -16.57
N PRO D 108 -60.96 -17.23 -17.76
CA PRO D 108 -61.06 -18.61 -18.22
C PRO D 108 -60.29 -19.55 -17.28
N THR D 109 -59.13 -19.07 -16.81
CA THR D 109 -58.31 -19.85 -15.89
C THR D 109 -58.99 -19.98 -14.51
N ILE D 110 -59.56 -18.88 -14.04
CA ILE D 110 -60.23 -18.85 -12.75
C ILE D 110 -61.44 -19.78 -12.76
N SER D 111 -62.12 -19.85 -13.90
CA SER D 111 -63.29 -20.71 -14.06
C SER D 111 -62.88 -22.18 -14.04
N ALA D 112 -61.84 -22.51 -14.81
CA ALA D 112 -61.33 -23.88 -14.92
C ALA D 112 -60.63 -24.38 -13.65
N GLN D 113 -60.03 -23.47 -12.89
CA GLN D 113 -59.33 -23.83 -11.65
C GLN D 113 -60.28 -23.85 -10.47
N HIS D 114 -61.51 -23.40 -10.69
CA HIS D 114 -62.54 -23.37 -9.66
C HIS D 114 -62.11 -22.48 -8.48
N PHE D 115 -61.64 -21.28 -8.84
CA PHE D 115 -61.23 -20.28 -7.86
C PHE D 115 -62.44 -19.40 -7.59
N HIS D 116 -62.66 -19.06 -6.32
CA HIS D 116 -63.75 -18.17 -5.98
C HIS D 116 -63.11 -16.79 -6.04
N THR D 117 -63.86 -15.79 -6.49
CA THR D 117 -63.28 -14.48 -6.60
C THR D 117 -64.12 -13.37 -6.03
N ALA D 118 -63.44 -12.35 -5.53
CA ALA D 118 -64.10 -11.18 -5.00
C ALA D 118 -64.33 -10.33 -6.25
N VAL D 119 -65.30 -9.42 -6.18
CA VAL D 119 -65.56 -8.53 -7.31
C VAL D 119 -65.81 -7.19 -6.66
N HIS D 120 -64.89 -6.24 -6.88
CA HIS D 120 -64.98 -4.93 -6.26
C HIS D 120 -65.07 -3.72 -7.20
N ASN D 121 -64.81 -3.91 -8.49
CA ASN D 121 -64.87 -2.80 -9.42
C ASN D 121 -65.58 -3.09 -10.74
N GLU D 122 -65.85 -2.02 -11.49
CA GLU D 122 -66.53 -2.10 -12.78
C GLU D 122 -65.81 -3.00 -13.78
N GLU D 123 -64.49 -2.91 -13.80
CA GLU D 123 -63.70 -3.71 -14.71
C GLU D 123 -64.01 -5.20 -14.57
N GLN D 124 -64.01 -5.70 -13.33
CA GLN D 124 -64.28 -7.10 -13.06
C GLN D 124 -65.69 -7.51 -13.42
N LEU D 125 -66.66 -6.69 -13.03
CA LEU D 125 -68.06 -6.95 -13.32
C LEU D 125 -68.34 -6.99 -14.84
N ALA D 126 -67.86 -6.02 -15.59
CA ALA D 126 -68.07 -6.05 -17.04
C ALA D 126 -67.30 -7.13 -17.77
N ALA D 127 -66.13 -7.48 -17.23
CA ALA D 127 -65.30 -8.55 -17.80
C ALA D 127 -66.05 -9.85 -17.85
N LEU D 128 -67.02 -9.91 -17.00
CA LEU D 128 -67.51 -11.13 -16.55
C LEU D 128 -68.99 -11.21 -16.93
N GLU D 129 -69.58 -10.08 -17.32
CA GLU D 129 -70.76 -10.05 -18.14
C GLU D 129 -70.49 -10.38 -19.56
N GLU D 130 -69.35 -9.96 -20.11
CA GLU D 130 -69.10 -10.27 -21.52
C GLU D 130 -68.16 -11.41 -21.85
N ALA D 131 -67.59 -12.05 -20.83
CA ALA D 131 -66.70 -13.17 -21.07
C ALA D 131 -67.56 -14.36 -21.48
N SER D 132 -66.93 -15.38 -22.04
CA SER D 132 -67.64 -16.60 -22.43
C SER D 132 -66.84 -17.72 -21.77
N LEU D 133 -67.42 -18.30 -20.73
CA LEU D 133 -66.75 -19.35 -19.97
C LEU D 133 -67.46 -20.70 -20.06
N ASP D 134 -66.69 -21.77 -19.99
CA ASP D 134 -67.26 -23.11 -20.05
C ASP D 134 -67.95 -23.47 -18.74
N GLU D 135 -67.69 -22.67 -17.71
CA GLU D 135 -68.28 -22.87 -16.39
C GLU D 135 -68.44 -21.54 -15.64
N PRO D 136 -69.55 -21.38 -14.92
CA PRO D 136 -69.74 -20.13 -14.18
C PRO D 136 -68.81 -20.14 -12.96
N VAL D 137 -68.44 -18.96 -12.48
CA VAL D 137 -67.55 -18.88 -11.33
C VAL D 137 -68.30 -18.36 -10.10
N THR D 138 -68.00 -18.91 -8.94
CA THR D 138 -68.66 -18.45 -7.72
C THR D 138 -67.97 -17.13 -7.31
N VAL D 139 -68.79 -16.12 -7.03
CA VAL D 139 -68.32 -14.80 -6.69
C VAL D 139 -68.67 -14.30 -5.29
N TRP D 140 -67.80 -13.45 -4.75
CA TRP D 140 -68.02 -12.83 -3.44
C TRP D 140 -67.94 -11.32 -3.70
N MET D 141 -69.09 -10.67 -3.77
CA MET D 141 -69.12 -9.22 -4.01
C MET D 141 -68.51 -8.52 -2.79
N LEU D 143 -68.03 -5.49 -0.51
CA LEU D 143 -68.70 -4.26 -0.12
C LEU D 143 -67.80 -3.40 0.77
N ASP D 144 -67.71 -2.11 0.46
CA ASP D 144 -66.91 -1.19 1.27
C ASP D 144 -67.83 -0.71 2.39
N THR D 145 -67.59 -1.21 3.60
CA THR D 145 -68.40 -0.86 4.76
C THR D 145 -67.73 0.12 5.73
N GLY D 146 -66.64 0.75 5.29
CA GLY D 146 -65.98 1.71 6.16
C GLY D 146 -64.46 1.77 6.15
N MET D 147 -63.80 0.73 5.66
CA MET D 147 -62.34 0.73 5.63
C MET D 147 -61.83 1.56 4.45
N HIS D 148 -62.65 1.66 3.42
CA HIS D 148 -62.36 2.41 2.20
C HIS D 148 -61.05 2.04 1.51
N ARG D 149 -60.84 0.74 1.35
CA ARG D 149 -59.67 0.23 0.64
C ARG D 149 -60.22 -0.33 -0.68
N LEU D 150 -60.81 -1.52 -0.63
CA LEU D 150 -61.41 -2.12 -1.82
C LEU D 150 -62.90 -2.31 -1.56
N GLY D 151 -63.67 -2.49 -2.63
CA GLY D 151 -65.10 -2.70 -2.48
C GLY D 151 -66.01 -1.63 -3.07
N VAL D 152 -67.25 -2.04 -3.36
CA VAL D 152 -68.26 -1.14 -3.90
C VAL D 152 -68.87 -0.35 -2.74
N ARG D 153 -68.96 0.97 -2.91
CA ARG D 153 -69.52 1.82 -1.88
C ARG D 153 -71.03 1.60 -1.81
N PRO D 154 -71.64 1.81 -0.62
CA PRO D 154 -73.07 1.65 -0.38
C PRO D 154 -74.04 2.15 -1.45
N GLU D 155 -73.85 3.39 -1.91
CA GLU D 155 -74.74 3.94 -2.93
C GLU D 155 -74.69 3.27 -4.31
N GLN D 156 -73.60 2.57 -4.61
CA GLN D 156 -73.44 1.88 -5.89
C GLN D 156 -73.60 0.36 -5.76
N ALA D 157 -73.62 -0.12 -4.53
CA ALA D 157 -73.72 -1.55 -4.25
C ALA D 157 -74.95 -2.30 -4.77
N GLU D 158 -76.12 -1.69 -4.66
CA GLU D 158 -77.34 -2.34 -5.07
C GLU D 158 -77.42 -2.61 -6.58
N ALA D 159 -77.08 -1.61 -7.39
CA ALA D 159 -77.10 -1.75 -8.84
C ALA D 159 -76.02 -2.73 -9.29
N PHE D 160 -74.85 -2.61 -8.68
CA PHE D 160 -73.70 -3.47 -8.95
C PHE D 160 -74.06 -4.93 -8.62
N TYR D 161 -74.65 -5.12 -7.44
CA TYR D 161 -75.07 -6.45 -6.99
C TYR D 161 -76.07 -7.08 -7.95
N HIS D 162 -77.03 -6.28 -8.42
CA HIS D 162 -78.02 -6.80 -9.33
C HIS D 162 -77.44 -7.28 -10.65
N ARG D 163 -76.40 -6.60 -11.15
CA ARG D 163 -75.79 -7.06 -12.39
C ARG D 163 -75.13 -8.44 -12.24
N LEU D 164 -74.46 -8.68 -11.11
CA LEU D 164 -73.80 -9.97 -10.82
C LEU D 164 -74.87 -11.06 -10.76
N THR D 165 -76.04 -10.68 -10.29
CA THR D 165 -77.18 -11.58 -10.16
C THR D 165 -77.72 -12.01 -11.54
N GLN D 166 -77.51 -11.16 -12.54
CA GLN D 166 -77.97 -11.43 -13.91
C GLN D 166 -76.92 -12.03 -14.84
N CYS D 167 -75.74 -12.31 -14.29
CA CYS D 167 -74.63 -12.90 -15.06
C CYS D 167 -74.76 -14.39 -15.28
N LYS D 168 -74.64 -14.84 -16.53
CA LYS D 168 -74.72 -16.28 -16.80
C LYS D 168 -73.40 -16.88 -16.32
N ASN D 169 -72.33 -16.08 -16.32
CA ASN D 169 -71.00 -16.52 -15.90
C ASN D 169 -70.79 -16.51 -14.39
N VAL D 170 -71.74 -15.97 -13.64
CA VAL D 170 -71.63 -15.95 -12.19
C VAL D 170 -72.55 -17.03 -11.64
N ARG D 171 -71.97 -17.87 -10.78
CA ARG D 171 -72.68 -18.97 -10.17
C ARG D 171 -73.56 -18.36 -9.05
N GLN D 172 -74.86 -18.63 -9.09
CA GLN D 172 -75.79 -18.09 -8.11
C GLN D 172 -75.93 -18.97 -6.87
N PRO D 173 -76.18 -18.36 -5.70
CA PRO D 173 -76.32 -16.91 -5.49
C PRO D 173 -74.97 -16.22 -5.35
N VAL D 174 -74.92 -14.89 -5.46
CA VAL D 174 -73.64 -14.22 -5.30
C VAL D 174 -73.46 -14.02 -3.79
N ASN D 175 -72.25 -14.25 -3.32
CA ASN D 175 -71.94 -14.10 -1.90
C ASN D 175 -71.49 -12.67 -1.60
N ILE D 176 -71.46 -12.31 -0.32
CA ILE D 176 -71.11 -10.97 0.10
C ILE D 176 -69.97 -10.97 1.11
N VAL D 177 -68.92 -10.21 0.81
CA VAL D 177 -67.75 -10.13 1.70
C VAL D 177 -67.31 -8.69 1.99
N SER D 178 -66.78 -8.48 3.18
CA SER D 178 -66.27 -7.17 3.58
C SER D 178 -65.14 -7.42 4.60
N HIS D 179 -64.49 -6.34 5.04
CA HIS D 179 -63.38 -6.48 5.98
C HIS D 179 -63.33 -5.31 6.97
N PHE D 180 -62.95 -5.62 8.23
CA PHE D 180 -62.87 -4.60 9.29
C PHE D 180 -61.57 -3.80 9.23
N ALA D 181 -61.66 -2.52 9.59
CA ALA D 181 -60.51 -1.64 9.60
C ALA D 181 -59.97 -1.43 11.02
N ARG D 182 -60.83 -1.66 12.02
CA ARG D 182 -60.46 -1.45 13.42
C ARG D 182 -61.12 -2.42 14.41
N ALA D 183 -61.21 -3.69 14.03
CA ALA D 183 -61.80 -4.70 14.90
C ALA D 183 -60.99 -4.90 16.19
N ASP D 184 -59.74 -4.44 16.17
CA ASP D 184 -58.87 -4.57 17.33
C ASP D 184 -59.05 -3.41 18.32
N GLU D 185 -59.93 -2.48 17.97
CA GLU D 185 -60.22 -1.32 18.81
C GLU D 185 -61.68 -1.39 19.21
N PRO D 186 -62.01 -2.21 20.22
CA PRO D 186 -63.39 -2.37 20.69
C PRO D 186 -64.01 -1.12 21.28
N LYS D 187 -63.18 -0.17 21.73
CA LYS D 187 -63.68 1.06 22.32
C LYS D 187 -64.29 2.07 21.35
N CYS D 188 -63.84 2.10 20.09
CA CYS D 188 -64.45 3.02 19.14
C CYS D 188 -65.57 2.25 18.43
N GLY D 189 -66.56 2.96 17.93
CA GLY D 189 -67.68 2.29 17.28
C GLY D 189 -67.50 2.01 15.81
N ALA D 190 -66.26 1.86 15.36
CA ALA D 190 -65.98 1.61 13.95
C ALA D 190 -66.55 0.27 13.48
N THR D 191 -66.22 -0.79 14.20
CA THR D 191 -66.68 -2.13 13.86
C THR D 191 -68.21 -2.25 13.85
N GLU D 192 -68.89 -1.65 14.83
CA GLU D 192 -70.34 -1.69 14.89
C GLU D 192 -70.96 -0.98 13.69
N LYS D 193 -70.32 0.09 13.22
CA LYS D 193 -70.80 0.84 12.05
C LYS D 193 -70.65 0.04 10.77
N GLN D 194 -69.56 -0.70 10.65
CA GLN D 194 -69.33 -1.52 9.46
C GLN D 194 -70.36 -2.66 9.47
N LEU D 195 -70.67 -3.18 10.66
CA LEU D 195 -71.65 -4.25 10.78
C LEU D 195 -73.03 -3.71 10.39
N ALA D 196 -73.33 -2.49 10.83
CA ALA D 196 -74.60 -1.86 10.51
C ALA D 196 -74.76 -1.75 9.01
N ILE D 197 -73.72 -1.27 8.35
CA ILE D 197 -73.72 -1.12 6.90
C ILE D 197 -73.78 -2.49 6.21
N PHE D 198 -73.03 -3.45 6.74
CA PHE D 198 -72.99 -4.81 6.19
C PHE D 198 -74.37 -5.46 6.27
N ASN D 199 -74.98 -5.41 7.45
CA ASN D 199 -76.30 -6.00 7.69
C ASN D 199 -77.41 -5.40 6.84
N THR D 200 -77.38 -4.09 6.67
CA THR D 200 -78.38 -3.39 5.86
C THR D 200 -78.37 -3.87 4.42
N PHE D 201 -77.19 -4.03 3.85
CA PHE D 201 -77.07 -4.48 2.47
C PHE D 201 -77.44 -5.94 2.29
N CYS D 202 -77.12 -6.78 3.27
CA CYS D 202 -77.41 -8.20 3.15
C CYS D 202 -78.86 -8.59 3.40
N GLU D 203 -79.66 -7.69 3.99
CA GLU D 203 -81.07 -7.97 4.27
C GLU D 203 -81.79 -8.46 3.02
N GLY D 204 -82.50 -9.58 3.16
CA GLY D 204 -83.25 -10.13 2.05
C GLY D 204 -82.44 -10.78 0.96
N LYS D 205 -81.12 -10.84 1.12
CA LYS D 205 -80.29 -11.46 0.11
C LYS D 205 -79.82 -12.85 0.51
N PRO D 206 -79.79 -13.77 -0.45
CA PRO D 206 -79.33 -15.14 -0.20
C PRO D 206 -77.83 -15.08 -0.38
N GLY D 207 -77.17 -16.23 -0.40
CA GLY D 207 -75.72 -16.18 -0.57
C GLY D 207 -74.99 -15.93 0.73
N GLN D 208 -73.86 -16.62 0.87
CA GLN D 208 -73.01 -16.55 2.05
C GLN D 208 -72.54 -15.14 2.42
N ARG D 209 -72.37 -14.90 3.71
CA ARG D 209 -71.92 -13.62 4.22
C ARG D 209 -70.61 -13.80 4.98
N SER D 210 -69.66 -12.89 4.75
CA SER D 210 -68.37 -12.97 5.44
C SER D 210 -67.70 -11.61 5.58
N ILE D 211 -67.37 -11.24 6.82
CA ILE D 211 -66.73 -9.95 7.10
C ILE D 211 -65.60 -10.06 8.13
N ALA D 212 -65.62 -11.12 8.93
CA ALA D 212 -64.62 -11.29 9.98
C ALA D 212 -63.37 -12.13 9.68
N ALA D 213 -62.25 -11.60 10.16
CA ALA D 213 -60.93 -12.22 10.05
C ALA D 213 -60.52 -12.46 11.52
N SER D 214 -59.23 -12.57 11.81
CA SER D 214 -58.78 -12.81 13.19
C SER D 214 -59.49 -11.98 14.27
N GLY D 215 -59.40 -10.66 14.17
CA GLY D 215 -60.03 -9.78 15.15
C GLY D 215 -61.53 -9.94 15.29
N GLY D 216 -62.22 -10.08 14.15
CA GLY D 216 -63.66 -10.25 14.18
C GLY D 216 -64.02 -11.56 14.86
N ILE D 217 -63.28 -12.61 14.53
CA ILE D 217 -63.51 -13.93 15.11
C ILE D 217 -63.41 -13.89 16.63
N LEU D 218 -62.26 -13.40 17.12
CA LEU D 218 -61.98 -13.33 18.55
C LEU D 218 -62.81 -12.37 19.39
N LEU D 219 -63.00 -11.15 18.90
CA LEU D 219 -63.72 -10.16 19.68
C LEU D 219 -65.16 -9.84 19.29
N TRP D 220 -65.58 -10.23 18.09
CA TRP D 220 -66.94 -9.93 17.65
C TRP D 220 -67.77 -11.14 17.18
N PRO D 221 -68.39 -11.86 18.13
CA PRO D 221 -69.20 -13.04 17.76
C PRO D 221 -70.42 -12.70 16.88
N GLN D 222 -70.77 -11.43 16.79
CA GLN D 222 -71.91 -10.99 15.98
C GLN D 222 -71.48 -10.82 14.52
N SER D 223 -70.19 -11.01 14.26
CA SER D 223 -69.66 -10.85 12.91
C SER D 223 -69.20 -12.16 12.26
N HIS D 224 -69.47 -13.27 12.93
CA HIS D 224 -69.07 -14.58 12.41
C HIS D 224 -69.80 -14.99 11.13
N PHE D 225 -71.13 -14.82 11.13
CA PHE D 225 -71.95 -15.17 9.98
C PHE D 225 -71.69 -16.56 9.37
N ASP D 226 -71.62 -16.65 8.05
CA ASP D 226 -71.42 -17.94 7.38
C ASP D 226 -69.97 -18.40 7.26
N TRP D 227 -69.08 -17.47 6.95
CA TRP D 227 -67.66 -17.78 6.79
C TRP D 227 -66.77 -16.76 7.48
N VAL D 228 -65.75 -17.23 8.18
CA VAL D 228 -64.81 -16.36 8.85
C VAL D 228 -63.47 -16.62 8.16
N ARG D 229 -62.60 -15.61 8.15
CA ARG D 229 -61.32 -15.74 7.47
C ARG D 229 -60.10 -15.57 8.38
N PRO D 230 -59.78 -16.59 9.19
CA PRO D 230 -58.63 -16.47 10.08
C PRO D 230 -57.28 -16.36 9.36
N GLY D 231 -56.50 -15.36 9.74
CA GLY D 231 -55.19 -15.15 9.18
C GLY D 231 -54.15 -15.22 10.28
N ILE D 232 -53.81 -14.05 10.83
CA ILE D 232 -52.81 -13.96 11.89
C ILE D 232 -53.01 -14.99 13.00
N ILE D 233 -54.22 -15.04 13.56
CA ILE D 233 -54.50 -15.97 14.67
C ILE D 233 -54.36 -17.45 14.31
N LEU D 234 -54.47 -17.77 13.02
CA LEU D 234 -54.34 -19.15 12.56
C LEU D 234 -52.91 -19.65 12.85
N TYR D 235 -51.97 -18.70 12.87
CA TYR D 235 -50.57 -19.00 13.12
C TYR D 235 -50.18 -18.86 14.60
N GLY D 236 -51.20 -18.73 15.46
CA GLY D 236 -50.96 -18.62 16.88
C GLY D 236 -50.43 -17.28 17.33
N VAL D 237 -50.67 -16.24 16.53
CA VAL D 237 -50.20 -14.90 16.86
C VAL D 237 -51.41 -13.97 16.99
N SER D 238 -51.36 -13.09 17.97
CA SER D 238 -52.45 -12.17 18.24
C SER D 238 -52.56 -11.02 17.25
N PRO D 239 -53.80 -10.65 16.88
CA PRO D 239 -54.01 -9.55 15.93
C PRO D 239 -54.07 -8.19 16.66
N LEU D 240 -53.98 -8.24 17.99
CA LEU D 240 -54.05 -7.05 18.83
C LEU D 240 -52.66 -6.53 19.27
N GLU D 241 -52.56 -5.23 19.52
CA GLU D 241 -51.31 -4.62 19.98
C GLU D 241 -51.45 -4.23 21.45
N ASP D 242 -52.04 -5.13 22.23
CA ASP D 242 -52.24 -4.92 23.66
C ASP D 242 -51.44 -5.94 24.45
N ARG D 243 -50.33 -6.37 23.85
CA ARG D 243 -49.40 -7.37 24.38
C ARG D 243 -49.98 -8.77 24.69
N SER D 244 -51.13 -9.07 24.10
CA SER D 244 -51.81 -10.37 24.22
C SER D 244 -51.07 -11.23 23.22
N THR D 245 -51.09 -12.54 23.44
CA THR D 245 -50.42 -13.45 22.52
C THR D 245 -51.42 -14.46 21.97
N GLY D 246 -50.96 -15.33 21.07
CA GLY D 246 -51.85 -16.33 20.51
C GLY D 246 -52.42 -17.23 21.60
N ALA D 247 -51.61 -17.48 22.64
CA ALA D 247 -52.01 -18.33 23.76
C ALA D 247 -53.13 -17.74 24.63
N ASP D 248 -53.36 -16.43 24.53
CA ASP D 248 -54.43 -15.75 25.27
C ASP D 248 -55.78 -16.24 24.74
N PHE D 249 -55.75 -16.79 23.53
CA PHE D 249 -56.97 -17.27 22.90
C PHE D 249 -56.95 -18.77 22.66
N GLY D 250 -55.99 -19.45 23.27
CA GLY D 250 -55.89 -20.88 23.13
C GLY D 250 -55.24 -21.33 21.85
N CYS D 251 -54.58 -20.42 21.15
CA CYS D 251 -53.89 -20.75 19.90
C CYS D 251 -52.39 -20.86 20.15
N GLN D 252 -51.79 -21.89 19.58
CA GLN D 252 -50.37 -22.15 19.75
C GLN D 252 -49.51 -21.57 18.66
N PRO D 253 -48.39 -20.92 19.03
CA PRO D 253 -47.48 -20.31 18.05
C PRO D 253 -46.88 -21.36 17.12
N VAL D 254 -47.05 -21.13 15.83
CA VAL D 254 -46.59 -22.05 14.80
C VAL D 254 -45.13 -21.86 14.39
N MET D 255 -44.69 -20.61 14.30
CA MET D 255 -43.33 -20.30 13.86
C MET D 255 -42.27 -20.04 14.94
N SER D 256 -41.05 -20.43 14.63
CA SER D 256 -39.87 -20.22 15.46
C SER D 256 -38.77 -19.73 14.52
N LEU D 257 -38.23 -18.55 14.80
CA LEU D 257 -37.13 -18.05 13.96
C LEU D 257 -35.89 -18.40 14.79
N THR D 258 -35.06 -19.29 14.25
CA THR D 258 -33.86 -19.73 14.95
C THR D 258 -32.58 -19.57 14.15
N SER D 259 -31.44 -19.69 14.85
CA SER D 259 -30.13 -19.58 14.22
C SER D 259 -29.06 -20.10 15.19
N SER D 260 -27.82 -19.67 15.01
CA SER D 260 -26.72 -20.12 15.88
C SER D 260 -25.72 -19.00 16.09
N LEU D 261 -24.86 -19.16 17.10
CA LEU D 261 -23.81 -18.19 17.35
C LEU D 261 -22.68 -18.58 16.42
N ILE D 262 -21.99 -17.59 15.87
CA ILE D 262 -20.86 -17.88 15.00
C ILE D 262 -19.57 -17.38 15.65
N ALA D 263 -19.71 -16.78 16.83
CA ALA D 263 -18.57 -16.27 17.59
C ALA D 263 -18.94 -15.80 19.00
N VAL D 264 -18.03 -16.05 19.94
CA VAL D 264 -18.18 -15.59 21.33
C VAL D 264 -16.82 -14.93 21.53
N ARG D 265 -16.84 -13.63 21.81
CA ARG D 265 -15.62 -12.84 21.94
C ARG D 265 -15.52 -12.05 23.24
N GLU D 266 -14.29 -11.70 23.61
CA GLU D 266 -14.05 -10.90 24.82
C GLU D 266 -14.33 -9.46 24.43
N HIS D 267 -14.73 -8.65 25.39
CA HIS D 267 -15.03 -7.26 25.11
C HIS D 267 -14.69 -6.45 26.37
N LYS D 268 -14.20 -5.22 26.21
CA LYS D 268 -13.86 -4.40 27.36
C LYS D 268 -14.83 -3.26 27.66
N ALA D 269 -14.77 -2.75 28.89
CA ALA D 269 -15.64 -1.66 29.32
C ALA D 269 -15.27 -0.41 28.54
N GLY D 270 -16.29 0.37 28.18
CA GLY D 270 -16.07 1.59 27.43
C GLY D 270 -16.01 1.38 25.93
N GLU D 271 -15.90 0.12 25.49
CA GLU D 271 -15.83 -0.20 24.07
C GLU D 271 -17.20 -0.29 23.41
N PRO D 272 -17.36 0.35 22.25
CA PRO D 272 -18.62 0.34 21.51
C PRO D 272 -18.78 -0.94 20.68
N VAL D 273 -20.02 -1.21 20.25
CA VAL D 273 -20.31 -2.38 19.43
C VAL D 273 -21.20 -2.03 18.23
N GLY D 274 -20.81 -2.54 17.06
CA GLY D 274 -21.58 -2.32 15.84
C GLY D 274 -21.46 -0.98 15.15
N TYR D 275 -22.25 -0.81 14.10
CA TYR D 275 -22.25 0.42 13.31
C TYR D 275 -22.72 1.61 14.12
N GLY D 276 -22.01 2.73 13.96
CA GLY D 276 -22.34 3.94 14.69
C GLY D 276 -21.93 3.92 16.15
N GLY D 277 -21.26 2.84 16.59
CA GLY D 277 -20.84 2.72 17.98
C GLY D 277 -22.03 2.99 18.90
N THR D 278 -23.22 2.63 18.42
CA THR D 278 -24.51 2.81 19.10
C THR D 278 -24.61 2.35 20.55
N TRP D 279 -23.87 1.31 20.90
CA TRP D 279 -23.90 0.77 22.26
C TRP D 279 -22.50 0.69 22.83
N VAL D 280 -22.34 1.14 24.07
CA VAL D 280 -21.03 1.10 24.74
C VAL D 280 -21.15 0.25 26.00
N SER D 281 -20.21 -0.66 26.20
CA SER D 281 -20.22 -1.53 27.38
C SER D 281 -19.68 -0.84 28.63
N GLU D 282 -20.37 -1.00 29.75
CA GLU D 282 -19.95 -0.40 31.01
C GLU D 282 -19.17 -1.42 31.84
N ARG D 283 -18.92 -2.58 31.23
CA ARG D 283 -18.18 -3.65 31.89
C ARG D 283 -17.50 -4.62 30.93
N ASP D 284 -16.45 -5.28 31.41
CA ASP D 284 -15.76 -6.28 30.60
C ASP D 284 -16.82 -7.36 30.48
N THR D 285 -17.01 -7.88 29.29
CA THR D 285 -18.01 -8.92 29.10
C THR D 285 -17.64 -9.78 27.91
N ARG D 286 -18.53 -10.70 27.58
CA ARG D 286 -18.34 -11.55 26.41
C ARG D 286 -19.54 -11.33 25.52
N LEU D 287 -19.26 -11.14 24.23
CA LEU D 287 -20.31 -10.89 23.25
C LEU D 287 -20.52 -12.11 22.36
N GLY D 288 -21.78 -12.30 21.95
CA GLY D 288 -22.11 -13.40 21.07
C GLY D 288 -22.52 -12.82 19.72
N VAL D 289 -22.14 -13.48 18.63
CA VAL D 289 -22.51 -13.03 17.29
C VAL D 289 -23.44 -14.08 16.69
N VAL D 290 -24.65 -13.65 16.35
CA VAL D 290 -25.66 -14.52 15.79
C VAL D 290 -25.71 -14.46 14.26
N ALA D 291 -25.89 -15.62 13.62
CA ALA D 291 -26.00 -15.67 12.19
C ALA D 291 -27.43 -15.30 11.84
N MET D 292 -27.77 -14.02 12.04
CA MET D 292 -29.11 -13.49 11.77
C MET D 292 -29.03 -11.98 11.57
N GLY D 293 -29.79 -11.46 10.62
CA GLY D 293 -29.80 -10.04 10.35
C GLY D 293 -31.02 -9.67 9.54
N TYR D 294 -31.10 -8.43 9.07
CA TYR D 294 -32.26 -8.04 8.28
C TYR D 294 -32.23 -8.62 6.86
N GLY D 295 -31.10 -9.20 6.49
CA GLY D 295 -30.96 -9.83 5.20
C GLY D 295 -31.71 -11.15 5.22
N ASP D 296 -32.19 -11.50 6.42
CA ASP D 296 -32.95 -12.73 6.67
C ASP D 296 -34.40 -12.39 6.97
N GLY D 297 -34.62 -11.14 7.37
CA GLY D 297 -35.96 -10.71 7.69
C GLY D 297 -36.07 -10.13 9.10
N TYR D 298 -35.03 -10.27 9.90
CA TYR D 298 -35.06 -9.75 11.26
C TYR D 298 -35.03 -8.21 11.20
N PRO D 299 -35.95 -7.54 11.91
CA PRO D 299 -36.03 -6.08 11.92
C PRO D 299 -34.77 -5.30 12.32
N ARG D 300 -34.34 -4.42 11.43
CA ARG D 300 -33.17 -3.58 11.67
C ARG D 300 -33.51 -2.59 12.78
N ALA D 301 -34.80 -2.31 12.94
CA ALA D 301 -35.31 -1.38 13.96
C ALA D 301 -35.19 -1.90 15.39
N ALA D 302 -34.84 -3.17 15.56
CA ALA D 302 -34.70 -3.75 16.90
C ALA D 302 -33.65 -2.98 17.70
N PRO D 303 -34.05 -2.37 18.84
CA PRO D 303 -33.11 -1.61 19.66
C PRO D 303 -32.24 -2.49 20.57
N SER D 304 -31.16 -1.92 21.07
CA SER D 304 -30.29 -2.64 22.00
C SER D 304 -31.22 -2.98 23.16
N GLY D 305 -31.07 -4.17 23.73
CA GLY D 305 -31.95 -4.54 24.83
C GLY D 305 -33.04 -5.51 24.38
N THR D 306 -33.31 -5.57 23.08
CA THR D 306 -34.31 -6.50 22.56
C THR D 306 -33.85 -7.91 22.92
N PRO D 307 -34.76 -8.72 23.48
CA PRO D 307 -34.43 -10.10 23.88
C PRO D 307 -34.29 -11.17 22.80
N VAL D 308 -33.33 -12.06 23.02
CA VAL D 308 -33.07 -13.19 22.15
C VAL D 308 -32.66 -14.29 23.12
N LEU D 309 -32.93 -15.54 22.77
CA LEU D 309 -32.58 -16.65 23.65
C LEU D 309 -31.38 -17.41 23.11
N VAL D 310 -30.31 -17.45 23.92
CA VAL D 310 -29.09 -18.16 23.59
C VAL D 310 -29.02 -19.28 24.61
N ASN D 311 -29.01 -20.53 24.13
CA ASN D 311 -28.98 -21.70 25.00
C ASN D 311 -30.14 -21.63 26.00
N GLY D 312 -31.29 -21.19 25.50
CA GLY D 312 -32.48 -21.09 26.32
C GLY D 312 -32.60 -19.93 27.28
N ARG D 313 -31.56 -19.12 27.44
CA ARG D 313 -31.68 -17.99 28.36
C ARG D 313 -31.65 -16.69 27.59
N GLU D 314 -32.42 -15.74 28.09
CA GLU D 314 -32.56 -14.43 27.48
C GLU D 314 -31.32 -13.55 27.63
N VAL D 315 -30.89 -12.98 26.51
CA VAL D 315 -29.74 -12.07 26.45
C VAL D 315 -30.16 -10.89 25.55
N PRO D 316 -29.64 -9.69 25.83
CA PRO D 316 -30.00 -8.52 25.02
C PRO D 316 -29.15 -8.27 23.77
N ILE D 317 -29.81 -7.72 22.75
CA ILE D 317 -29.13 -7.35 21.50
C ILE D 317 -28.37 -6.08 21.89
N VAL D 318 -27.15 -5.93 21.40
CA VAL D 318 -26.37 -4.74 21.70
C VAL D 318 -25.79 -4.19 20.39
N GLY D 319 -26.09 -2.93 20.13
CA GLY D 319 -25.62 -2.30 18.91
C GLY D 319 -26.64 -2.52 17.81
N ARG D 320 -26.43 -1.89 16.67
CA ARG D 320 -27.33 -2.02 15.52
C ARG D 320 -27.38 -3.46 14.99
N VAL D 321 -28.56 -3.84 14.51
CA VAL D 321 -28.76 -5.16 13.88
C VAL D 321 -28.18 -4.95 12.48
N ALA D 322 -27.31 -5.85 12.03
CA ALA D 322 -26.72 -5.72 10.72
C ALA D 322 -27.41 -6.63 9.70
N MET D 323 -26.96 -6.59 8.46
CA MET D 323 -27.56 -7.38 7.39
C MET D 323 -27.50 -8.88 7.63
N ASP D 324 -26.37 -9.37 8.13
CA ASP D 324 -26.19 -10.79 8.35
C ASP D 324 -25.90 -11.21 9.78
N MET D 325 -25.57 -10.22 10.63
CA MET D 325 -25.23 -10.52 12.01
C MET D 325 -25.92 -9.67 13.07
N ILE D 326 -26.00 -10.23 14.26
CA ILE D 326 -26.58 -9.57 15.41
C ILE D 326 -25.69 -9.90 16.61
N CYS D 327 -25.37 -8.89 17.39
CA CYS D 327 -24.55 -9.08 18.58
C CYS D 327 -25.40 -9.03 19.84
N VAL D 328 -25.08 -9.89 20.79
CA VAL D 328 -25.77 -9.95 22.07
C VAL D 328 -24.73 -9.95 23.18
N ASP D 329 -25.13 -9.52 24.36
CA ASP D 329 -24.24 -9.48 25.51
C ASP D 329 -24.49 -10.76 26.31
N LEU D 330 -23.45 -11.58 26.46
CA LEU D 330 -23.56 -12.84 27.18
C LEU D 330 -23.13 -12.80 28.66
N GLY D 331 -22.23 -11.87 28.99
CA GLY D 331 -21.73 -11.78 30.35
C GLY D 331 -20.25 -12.14 30.35
N PRO D 332 -19.44 -11.54 31.23
CA PRO D 332 -17.99 -11.78 31.33
C PRO D 332 -17.44 -13.21 31.41
N GLN D 333 -18.22 -14.15 31.94
CA GLN D 333 -17.77 -15.53 32.08
C GLN D 333 -18.80 -16.51 31.51
N ALA D 334 -19.57 -16.03 30.54
CA ALA D 334 -20.67 -16.75 29.88
C ALA D 334 -20.64 -18.26 29.57
N GLN D 335 -19.57 -18.78 28.99
CA GLN D 335 -19.48 -20.21 28.62
C GLN D 335 -20.22 -20.62 27.36
N ASP D 336 -21.00 -19.70 26.78
CA ASP D 336 -21.70 -19.97 25.52
C ASP D 336 -20.58 -20.08 24.49
N LYS D 337 -20.75 -20.93 23.49
CA LYS D 337 -19.71 -21.12 22.47
C LYS D 337 -20.29 -20.94 21.07
N ALA D 338 -19.43 -20.67 20.09
CA ALA D 338 -19.89 -20.54 18.72
C ALA D 338 -20.53 -21.88 18.38
N GLY D 339 -21.64 -21.86 17.65
CA GLY D 339 -22.33 -23.08 17.29
C GLY D 339 -23.55 -23.36 18.14
N ASP D 340 -23.66 -22.68 19.29
CA ASP D 340 -24.80 -22.87 20.17
C ASP D 340 -26.09 -22.31 19.59
N PRO D 341 -27.24 -22.93 19.93
CA PRO D 341 -28.58 -22.54 19.48
C PRO D 341 -29.08 -21.16 19.96
N VAL D 342 -29.68 -20.43 19.01
CA VAL D 342 -30.23 -19.11 19.29
C VAL D 342 -31.68 -19.01 18.83
N ILE D 343 -32.54 -18.41 19.65
CA ILE D 343 -33.94 -18.27 19.31
C ILE D 343 -34.34 -16.82 19.21
N LEU D 344 -34.64 -16.36 18.00
CA LEU D 344 -35.04 -14.97 17.76
C LEU D 344 -36.50 -14.80 18.27
N TRP D 345 -37.28 -15.85 18.09
CA TRP D 345 -38.67 -15.92 18.58
C TRP D 345 -39.22 -17.31 18.33
N GLY D 346 -39.98 -17.79 19.32
CA GLY D 346 -40.55 -19.12 19.26
C GLY D 346 -40.83 -19.57 20.67
N GLU D 347 -40.40 -20.78 21.04
CA GLU D 347 -40.65 -21.31 22.37
C GLU D 347 -39.93 -20.52 23.49
N GLY D 348 -40.72 -19.89 24.34
CA GLY D 348 -40.15 -19.12 25.42
C GLY D 348 -39.97 -17.66 25.06
N LEU D 349 -40.31 -17.32 23.82
CA LEU D 349 -40.19 -15.95 23.35
C LEU D 349 -41.18 -15.66 22.19
N PRO D 350 -42.41 -15.28 22.54
CA PRO D 350 -43.49 -14.95 21.58
C PRO D 350 -43.11 -13.82 20.64
N VAL D 351 -43.49 -13.92 19.37
CA VAL D 351 -43.16 -12.87 18.41
C VAL D 351 -43.82 -11.56 18.86
N GLU D 352 -44.93 -11.65 19.58
CA GLU D 352 -45.64 -10.47 20.09
C GLU D 352 -44.75 -9.70 21.05
N ARG D 353 -43.94 -10.43 21.81
CA ARG D 353 -43.01 -9.80 22.74
C ARG D 353 -41.94 -9.04 21.94
N ILE D 354 -41.47 -9.65 20.86
CA ILE D 354 -40.49 -8.99 19.99
C ILE D 354 -41.19 -7.80 19.33
N ALA D 355 -42.47 -7.97 18.97
CA ALA D 355 -43.26 -6.90 18.35
C ALA D 355 -43.33 -5.69 19.23
N GLU D 356 -43.53 -5.92 20.53
CA GLU D 356 -43.61 -4.86 21.53
C GLU D 356 -42.27 -4.16 21.76
N MET D 357 -41.23 -4.95 21.95
CA MET D 357 -39.88 -4.41 22.17
C MET D 357 -39.33 -3.60 21.01
N THR D 358 -39.60 -4.04 19.78
CA THR D 358 -39.11 -3.33 18.61
C THR D 358 -40.09 -2.32 18.02
N LYS D 359 -41.35 -2.41 18.46
CA LYS D 359 -42.41 -1.52 17.98
C LYS D 359 -42.74 -1.81 16.51
N VAL D 360 -42.47 -3.05 16.11
CA VAL D 360 -42.75 -3.52 14.76
C VAL D 360 -43.96 -4.44 14.89
N SER D 361 -44.94 -4.30 14.01
CA SER D 361 -46.13 -5.13 14.07
C SER D 361 -45.78 -6.60 13.86
N ALA D 362 -46.40 -7.47 14.67
CA ALA D 362 -46.19 -8.91 14.59
C ALA D 362 -46.51 -9.43 13.18
N TYR D 363 -47.46 -8.77 12.50
CA TYR D 363 -47.85 -9.16 11.13
C TYR D 363 -46.65 -9.06 10.20
N GLU D 364 -45.93 -7.95 10.30
CA GLU D 364 -44.75 -7.70 9.48
C GLU D 364 -43.58 -8.57 9.90
N LEU D 365 -43.39 -8.74 11.21
CA LEU D 365 -42.30 -9.58 11.72
C LEU D 365 -42.29 -10.99 11.13
N ILE D 366 -43.43 -11.67 11.21
CA ILE D 366 -43.52 -13.04 10.70
C ILE D 366 -43.58 -13.12 9.17
N THR D 367 -44.12 -12.08 8.55
CA THR D 367 -44.29 -12.03 7.10
C THR D 367 -43.14 -11.47 6.24
N ARG D 368 -42.49 -10.39 6.69
CA ARG D 368 -41.43 -9.82 5.88
C ARG D 368 -40.04 -10.42 6.09
N LEU D 369 -39.98 -11.72 5.81
CA LEU D 369 -38.75 -12.49 5.92
C LEU D 369 -38.29 -12.75 4.49
N THR D 370 -36.97 -12.91 4.29
CA THR D 370 -36.43 -13.15 2.97
C THR D 370 -36.30 -14.65 2.64
N SER D 371 -35.88 -14.94 1.42
CA SER D 371 -35.72 -16.32 0.95
C SER D 371 -34.46 -17.01 1.50
N ARG D 372 -33.63 -16.24 2.20
CA ARG D 372 -32.39 -16.73 2.75
C ARG D 372 -32.61 -17.68 3.92
N VAL D 373 -33.75 -17.53 4.59
CA VAL D 373 -34.11 -18.36 5.73
C VAL D 373 -34.56 -19.75 5.27
N ALA D 374 -33.97 -20.79 5.85
CA ALA D 374 -34.32 -22.17 5.52
C ALA D 374 -35.66 -22.54 6.18
N MET D 375 -36.47 -23.32 5.49
CA MET D 375 -37.77 -23.72 6.05
C MET D 375 -37.73 -25.16 6.56
N LYS D 376 -38.21 -25.36 7.79
CA LYS D 376 -38.26 -26.68 8.40
C LYS D 376 -39.63 -26.93 9.03
N TYR D 377 -40.19 -28.12 8.80
CA TYR D 377 -41.51 -28.47 9.32
C TYR D 377 -41.43 -29.64 10.28
N VAL D 378 -42.04 -29.48 11.46
CA VAL D 378 -42.01 -30.51 12.49
C VAL D 378 -43.40 -31.02 12.89
N ASP D 379 -43.42 -32.18 13.49
CA ASP D 379 -44.58 -32.50 14.22
C ASP D 379 -44.40 -32.66 15.70
#